data_6BHO
#
_entry.id   6BHO
#
loop_
_entity.id
_entity.type
_entity.pdbx_description
1 polymer 'Methyl-accepting chemotaxis sensory transducer with phytochrome sensor'
2 non-polymer PHYCOCYANOBILIN
#
_entity_poly.entity_id   1
_entity_poly.type   'polypeptide(L)'
_entity_poly.pdbx_seq_one_letter_code
;MGEKAVTKISNRIRQSSDVEEIFKTTTQEVRQLLRCDRVAVYRFNPNWTGEFVAESVAHTWVKLVGPDIKTVWEDTHLQE
TQGGRYAQGENFVVNDIYQVGHSPCHIEILEQFEVKAYVIVPVFAGEQLWGLLAAYQNSGTRDWDESEVTLLARIGNQLG
LALQQTEYLQQVQGQSAKPG
;
_entity_poly.pdbx_strand_id   A
#
# COMPACT_ATOMS: atom_id res chain seq x y z
N SER A 17 -19.81 2.72 -1.64
CA SER A 17 -19.14 3.95 -1.19
C SER A 17 -18.49 4.67 -2.37
N ASP A 18 -18.84 5.93 -2.53
CA ASP A 18 -18.30 6.75 -3.62
C ASP A 18 -16.81 7.01 -3.44
N VAL A 19 -16.37 7.07 -2.19
CA VAL A 19 -14.96 7.26 -1.89
C VAL A 19 -14.16 6.01 -2.28
N GLU A 20 -14.76 4.84 -2.08
CA GLU A 20 -14.12 3.57 -2.43
C GLU A 20 -13.92 3.48 -3.94
N GLU A 21 -14.89 4.02 -4.68
CA GLU A 21 -14.83 4.06 -6.14
C GLU A 21 -13.55 4.77 -6.59
N ILE A 22 -13.24 5.87 -5.92
CA ILE A 22 -12.04 6.63 -6.22
C ILE A 22 -10.80 5.80 -5.93
N PHE A 23 -10.79 5.12 -4.78
CA PHE A 23 -9.67 4.27 -4.40
C PHE A 23 -9.43 3.19 -5.43
N LYS A 24 -10.50 2.49 -5.80
CA LYS A 24 -10.44 1.40 -6.77
C LYS A 24 -9.92 1.88 -8.13
N THR A 25 -10.21 3.12 -8.47
CA THR A 25 -9.76 3.68 -9.72
C THR A 25 -8.29 4.14 -9.60
N THR A 26 -7.92 4.60 -8.40
CA THR A 26 -6.57 5.06 -8.14
C THR A 26 -5.58 3.89 -8.07
N THR A 27 -6.05 2.77 -7.51
CA THR A 27 -5.23 1.58 -7.38
C THR A 27 -4.86 1.07 -8.77
N GLN A 28 -5.82 1.11 -9.67
CA GLN A 28 -5.62 0.69 -11.05
C GLN A 28 -4.71 1.68 -11.78
N GLU A 29 -4.92 2.96 -11.51
CA GLU A 29 -4.17 4.03 -12.16
C GLU A 29 -2.69 3.97 -11.80
N VAL A 30 -2.40 3.87 -10.51
CA VAL A 30 -1.02 3.83 -10.05
C VAL A 30 -0.37 2.50 -10.41
N ARG A 31 -1.19 1.45 -10.55
CA ARG A 31 -0.71 0.14 -10.92
C ARG A 31 -0.06 0.20 -12.30
N GLN A 32 -0.68 0.94 -13.20
CA GLN A 32 -0.18 1.11 -14.55
C GLN A 32 1.06 2.00 -14.56
N LEU A 33 1.09 2.97 -13.64
CA LEU A 33 2.19 3.92 -13.54
C LEU A 33 3.51 3.23 -13.22
N LEU A 34 3.54 2.44 -12.16
CA LEU A 34 4.76 1.76 -11.75
C LEU A 34 4.81 0.32 -12.25
N ARG A 35 3.87 -0.03 -13.12
CA ARG A 35 3.80 -1.37 -13.73
C ARG A 35 3.78 -2.47 -12.67
N CYS A 36 2.94 -2.30 -11.67
CA CYS A 36 2.83 -3.25 -10.58
C CYS A 36 1.80 -4.34 -10.93
N ASP A 37 1.86 -5.48 -10.25
CA ASP A 37 0.88 -6.54 -10.52
C ASP A 37 -0.35 -6.34 -9.66
N ARG A 38 -0.16 -5.76 -8.48
CA ARG A 38 -1.27 -5.51 -7.59
C ARG A 38 -0.96 -4.35 -6.68
N VAL A 39 -1.96 -3.56 -6.39
CA VAL A 39 -1.82 -2.39 -5.54
C VAL A 39 -2.86 -2.43 -4.44
N ALA A 40 -2.40 -2.48 -3.20
CA ALA A 40 -3.30 -2.55 -2.05
C ALA A 40 -3.25 -1.28 -1.22
N VAL A 41 -4.41 -0.82 -0.82
CA VAL A 41 -4.52 0.35 0.04
C VAL A 41 -5.01 -0.07 1.41
N TYR A 42 -4.19 0.15 2.42
CA TYR A 42 -4.55 -0.16 3.78
C TYR A 42 -5.22 1.04 4.40
N ARG A 43 -5.97 0.82 5.44
CA ARG A 43 -6.65 1.87 6.14
C ARG A 43 -6.29 1.75 7.60
N PHE A 44 -5.65 2.73 8.17
CA PHE A 44 -5.23 2.59 9.55
C PHE A 44 -6.42 2.71 10.46
N ASN A 45 -6.70 1.63 11.16
CA ASN A 45 -7.81 1.57 12.10
C ASN A 45 -7.44 2.31 13.37
N PRO A 46 -8.43 2.69 14.20
CA PRO A 46 -8.17 3.31 15.50
C PRO A 46 -7.38 2.36 16.42
N ASN A 47 -7.38 1.08 16.05
CA ASN A 47 -6.63 0.05 16.77
C ASN A 47 -5.31 -0.25 16.05
N TRP A 48 -5.06 0.54 15.00
CA TRP A 48 -3.83 0.47 14.20
C TRP A 48 -3.61 -0.88 13.52
N THR A 49 -4.67 -1.58 13.18
CA THR A 49 -4.52 -2.84 12.47
C THR A 49 -4.22 -2.59 10.99
N GLY A 50 -4.97 -1.66 10.38
CA GLY A 50 -4.70 -1.26 9.01
C GLY A 50 -5.07 -2.32 7.97
N GLU A 51 -6.37 -2.45 7.66
CA GLU A 51 -6.81 -3.47 6.73
C GLU A 51 -6.83 -2.94 5.30
N PHE A 52 -6.72 -3.84 4.33
CA PHE A 52 -6.80 -3.44 2.94
C PHE A 52 -8.26 -3.27 2.53
N VAL A 53 -8.62 -2.06 2.19
CA VAL A 53 -9.99 -1.73 1.84
C VAL A 53 -10.18 -1.68 0.32
N ALA A 54 -9.15 -1.25 -0.38
CA ALA A 54 -9.19 -1.15 -1.81
C ALA A 54 -7.92 -1.72 -2.40
N GLU A 55 -8.07 -2.59 -3.38
CA GLU A 55 -6.95 -3.21 -4.02
C GLU A 55 -7.34 -3.65 -5.42
N SER A 56 -6.37 -3.65 -6.31
CA SER A 56 -6.58 -4.08 -7.67
C SER A 56 -5.40 -4.90 -8.15
N VAL A 57 -5.68 -5.94 -8.89
CA VAL A 57 -4.66 -6.86 -9.35
C VAL A 57 -4.98 -7.32 -10.76
N ALA A 58 -3.96 -7.68 -11.52
CA ALA A 58 -4.19 -8.21 -12.84
C ALA A 58 -4.85 -9.57 -12.73
N HIS A 59 -5.75 -9.87 -13.64
CA HIS A 59 -6.54 -11.12 -13.60
C HIS A 59 -5.69 -12.40 -13.64
N THR A 60 -4.38 -12.26 -13.79
CA THR A 60 -3.51 -13.43 -13.87
C THR A 60 -2.78 -13.71 -12.53
N TRP A 61 -2.99 -12.85 -11.52
CA TRP A 61 -2.36 -13.06 -10.21
C TRP A 61 -3.43 -13.25 -9.13
N VAL A 62 -3.00 -13.22 -7.86
CA VAL A 62 -3.92 -13.36 -6.74
C VAL A 62 -4.26 -11.99 -6.14
N LYS A 63 -5.46 -11.89 -5.60
CA LYS A 63 -5.97 -10.64 -5.03
C LYS A 63 -5.63 -10.56 -3.53
N LEU A 64 -5.95 -9.42 -2.93
CA LEU A 64 -5.75 -9.22 -1.49
C LEU A 64 -7.07 -8.88 -0.81
N VAL A 65 -7.83 -7.94 -1.36
CA VAL A 65 -9.14 -7.62 -0.78
C VAL A 65 -10.16 -8.73 -1.08
N GLY A 66 -10.04 -9.82 -0.35
CA GLY A 66 -10.94 -10.93 -0.48
C GLY A 66 -11.17 -11.59 0.86
N PRO A 67 -12.34 -12.17 1.08
CA PRO A 67 -12.65 -12.90 2.31
C PRO A 67 -12.05 -14.32 2.30
N ASP A 68 -11.43 -14.69 1.18
CA ASP A 68 -10.85 -16.02 1.02
C ASP A 68 -9.32 -15.96 1.02
N ILE A 69 -8.77 -14.87 1.53
CA ILE A 69 -7.32 -14.67 1.59
C ILE A 69 -6.68 -15.60 2.62
N LYS A 70 -5.88 -16.54 2.15
CA LYS A 70 -5.20 -17.45 3.03
C LYS A 70 -3.71 -17.14 3.06
N THR A 71 -3.27 -16.62 4.19
CA THR A 71 -1.89 -16.30 4.39
C THR A 71 -1.23 -17.37 5.27
N VAL A 72 0.07 -17.58 5.11
CA VAL A 72 0.82 -18.54 5.93
C VAL A 72 0.58 -18.29 7.41
N TRP A 73 0.63 -17.02 7.79
CA TRP A 73 0.36 -16.57 9.13
C TRP A 73 -0.08 -15.11 9.10
N GLU A 74 -1.11 -14.78 9.87
CA GLU A 74 -1.62 -13.42 9.90
C GLU A 74 -0.62 -12.48 10.57
N ASP A 75 -0.47 -11.31 9.99
CA ASP A 75 0.55 -10.36 10.43
C ASP A 75 0.09 -8.93 10.26
N THR A 76 -0.03 -8.18 11.35
CA THR A 76 -0.18 -6.77 11.17
C THR A 76 1.11 -6.09 11.61
N HIS A 77 1.63 -5.27 10.75
CA HIS A 77 2.82 -4.48 10.99
C HIS A 77 2.50 -3.13 11.56
N LEU A 78 1.23 -2.75 11.50
CA LEU A 78 0.94 -1.34 11.62
C LEU A 78 0.76 -0.96 13.06
N GLN A 79 0.38 -1.95 13.87
CA GLN A 79 0.14 -1.75 15.29
C GLN A 79 1.47 -1.68 16.01
N GLU A 80 2.37 -2.61 15.69
CA GLU A 80 3.67 -2.70 16.34
C GLU A 80 4.46 -1.38 16.23
N THR A 81 4.44 -0.80 15.05
CA THR A 81 5.14 0.45 14.83
C THR A 81 4.21 1.65 15.09
N GLN A 82 2.89 1.39 15.03
CA GLN A 82 1.87 2.44 15.19
C GLN A 82 2.15 3.56 14.21
N GLY A 83 2.22 3.18 12.94
CA GLY A 83 2.58 4.12 11.91
C GLY A 83 4.08 4.29 11.83
N GLY A 84 4.67 4.71 12.95
CA GLY A 84 6.11 4.87 13.07
C GLY A 84 6.73 5.67 11.97
N ARG A 85 7.58 5.03 11.18
CA ARG A 85 8.30 5.66 10.07
C ARG A 85 7.33 6.30 9.09
N TYR A 86 6.29 5.56 8.76
CA TYR A 86 5.29 6.01 7.81
C TYR A 86 4.49 7.18 8.37
N ALA A 87 4.20 7.12 9.67
CA ALA A 87 3.49 8.20 10.35
C ALA A 87 4.35 9.45 10.42
N GLN A 88 5.65 9.24 10.44
CA GLN A 88 6.61 10.34 10.46
C GLN A 88 6.68 11.01 9.09
N GLY A 89 6.25 10.30 8.06
CA GLY A 89 6.24 10.85 6.73
C GLY A 89 7.43 10.42 5.90
N GLU A 90 8.08 9.35 6.32
CA GLU A 90 9.24 8.84 5.60
C GLU A 90 8.84 7.68 4.72
N ASN A 91 9.35 7.67 3.50
CA ASN A 91 9.06 6.59 2.57
C ASN A 91 10.01 5.44 2.81
N PHE A 92 9.63 4.25 2.40
CA PHE A 92 10.49 3.09 2.57
C PHE A 92 10.65 2.37 1.24
N VAL A 93 11.88 2.24 0.79
CA VAL A 93 12.17 1.62 -0.49
C VAL A 93 12.89 0.30 -0.31
N VAL A 94 12.30 -0.76 -0.86
CA VAL A 94 12.88 -2.08 -0.76
C VAL A 94 13.31 -2.59 -2.13
N ASN A 95 14.62 -2.58 -2.37
CA ASN A 95 15.16 -3.10 -3.62
C ASN A 95 14.97 -4.60 -3.68
N ASP A 96 15.14 -5.24 -2.53
CA ASP A 96 14.93 -6.68 -2.39
C ASP A 96 14.82 -7.03 -0.93
N ILE A 97 13.97 -7.98 -0.63
CA ILE A 97 13.70 -8.37 0.75
C ILE A 97 14.83 -9.22 1.36
N TYR A 98 15.52 -9.99 0.53
CA TYR A 98 16.61 -10.85 1.00
C TYR A 98 17.89 -10.04 1.07
N GLN A 99 17.92 -8.95 0.34
CA GLN A 99 19.09 -8.10 0.24
C GLN A 99 19.21 -7.19 1.46
N VAL A 100 18.13 -6.50 1.78
CA VAL A 100 18.12 -5.55 2.90
C VAL A 100 18.18 -6.27 4.25
N GLY A 101 17.77 -7.53 4.27
CA GLY A 101 17.81 -8.28 5.51
C GLY A 101 16.47 -8.32 6.22
N HIS A 102 15.39 -8.40 5.44
CA HIS A 102 14.04 -8.48 5.99
C HIS A 102 13.86 -9.72 6.87
N SER A 103 12.85 -9.69 7.72
CA SER A 103 12.55 -10.82 8.57
C SER A 103 12.01 -11.96 7.73
N PRO A 104 12.57 -13.18 7.89
CA PRO A 104 12.13 -14.36 7.12
C PRO A 104 10.65 -14.64 7.34
N CYS A 105 10.15 -14.25 8.51
CA CYS A 105 8.76 -14.45 8.86
C CYS A 105 7.86 -13.61 7.96
N HIS A 106 8.32 -12.41 7.62
CA HIS A 106 7.54 -11.52 6.78
C HIS A 106 7.80 -11.86 5.31
N ILE A 107 9.02 -12.33 5.04
CA ILE A 107 9.40 -12.73 3.69
C ILE A 107 8.52 -13.85 3.18
N GLU A 108 8.23 -14.82 4.05
CA GLU A 108 7.35 -15.93 3.67
C GLU A 108 5.95 -15.43 3.31
N ILE A 109 5.49 -14.40 4.01
CA ILE A 109 4.19 -13.80 3.70
C ILE A 109 4.26 -13.07 2.36
N LEU A 110 5.34 -12.31 2.18
CA LEU A 110 5.57 -11.54 0.99
C LEU A 110 5.64 -12.44 -0.25
N GLU A 111 6.56 -13.39 -0.22
CA GLU A 111 6.76 -14.31 -1.34
C GLU A 111 5.50 -15.10 -1.66
N GLN A 112 4.65 -15.30 -0.66
CA GLN A 112 3.40 -16.03 -0.87
C GLN A 112 2.49 -15.25 -1.80
N PHE A 113 2.67 -13.94 -1.84
CA PHE A 113 1.90 -13.10 -2.71
C PHE A 113 2.82 -12.44 -3.74
N GLU A 114 3.91 -13.16 -4.06
CA GLU A 114 4.90 -12.75 -5.09
C GLU A 114 5.60 -11.42 -4.76
N VAL A 115 5.61 -11.04 -3.50
CA VAL A 115 6.22 -9.79 -3.10
C VAL A 115 7.71 -9.95 -2.82
N LYS A 116 8.53 -9.48 -3.74
CA LYS A 116 9.98 -9.48 -3.51
C LYS A 116 10.57 -8.07 -3.53
N ALA A 117 9.90 -7.15 -4.21
CA ALA A 117 10.37 -5.77 -4.26
C ALA A 117 9.20 -4.87 -4.13
N TYR A 118 9.35 -3.77 -3.39
CA TYR A 118 8.23 -2.89 -3.14
C TYR A 118 8.69 -1.56 -2.56
N VAL A 119 7.74 -0.66 -2.42
CA VAL A 119 8.01 0.65 -1.89
C VAL A 119 6.82 1.11 -1.05
N ILE A 120 7.09 1.55 0.16
CA ILE A 120 6.04 1.95 1.08
C ILE A 120 5.84 3.46 1.11
N VAL A 121 4.62 3.85 0.87
CA VAL A 121 4.22 5.25 0.92
C VAL A 121 3.00 5.45 1.82
N PRO A 122 3.10 6.39 2.76
CA PRO A 122 2.03 6.72 3.68
C PRO A 122 1.02 7.69 3.05
N VAL A 123 -0.27 7.39 3.18
CA VAL A 123 -1.28 8.24 2.60
C VAL A 123 -1.90 9.15 3.66
N PHE A 124 -1.36 10.34 3.77
CA PHE A 124 -1.92 11.36 4.66
C PHE A 124 -3.15 11.98 4.03
N ALA A 125 -4.21 12.07 4.80
CA ALA A 125 -5.44 12.65 4.32
C ALA A 125 -6.08 13.48 5.40
N GLY A 126 -6.08 14.77 5.21
CA GLY A 126 -6.64 15.65 6.18
C GLY A 126 -5.58 16.21 7.08
N GLU A 127 -5.54 15.75 8.31
CA GLU A 127 -4.57 16.22 9.27
C GLU A 127 -3.65 15.07 9.71
N GLN A 128 -4.10 13.85 9.48
CA GLN A 128 -3.35 12.69 9.93
C GLN A 128 -3.33 11.58 8.86
N LEU A 129 -2.55 10.56 9.14
CA LEU A 129 -2.37 9.42 8.26
C LEU A 129 -3.67 8.61 8.15
N TRP A 130 -4.19 8.49 6.94
CA TRP A 130 -5.40 7.74 6.69
C TRP A 130 -5.09 6.30 6.31
N GLY A 131 -4.21 6.12 5.34
CA GLY A 131 -3.95 4.79 4.85
C GLY A 131 -2.52 4.54 4.41
N LEU A 132 -2.33 3.39 3.80
CA LEU A 132 -1.01 2.93 3.37
C LEU A 132 -1.13 2.45 1.92
N LEU A 133 -0.12 2.74 1.12
CA LEU A 133 -0.15 2.38 -0.29
C LEU A 133 0.98 1.39 -0.58
N ALA A 134 0.63 0.20 -1.04
CA ALA A 134 1.61 -0.81 -1.36
C ALA A 134 1.68 -1.06 -2.86
N ALA A 135 2.85 -0.81 -3.44
CA ALA A 135 3.08 -1.02 -4.86
C ALA A 135 4.22 -2.01 -5.06
N TYR A 136 3.98 -3.08 -5.83
CA TYR A 136 5.01 -4.08 -6.06
C TYR A 136 4.64 -4.97 -7.23
N GLN A 137 5.61 -5.79 -7.68
CA GLN A 137 5.33 -6.73 -8.77
C GLN A 137 6.53 -7.58 -9.07
N ASN A 138 6.50 -8.80 -8.53
CA ASN A 138 7.41 -9.93 -8.88
C ASN A 138 8.74 -9.48 -9.54
N SER A 139 9.43 -8.53 -8.93
CA SER A 139 10.64 -8.00 -9.55
C SER A 139 11.88 -8.64 -9.00
N GLY A 140 11.92 -8.82 -7.71
CA GLY A 140 13.12 -9.34 -7.09
C GLY A 140 14.08 -8.22 -6.75
N THR A 141 15.32 -8.36 -7.17
CA THR A 141 16.38 -7.39 -6.87
C THR A 141 16.42 -6.19 -7.82
N ARG A 142 15.27 -5.62 -8.10
CA ARG A 142 15.19 -4.46 -8.99
C ARG A 142 15.50 -3.16 -8.24
N ASP A 143 15.39 -2.03 -8.92
CA ASP A 143 15.68 -0.74 -8.32
C ASP A 143 14.51 0.21 -8.50
N TRP A 144 14.40 1.17 -7.61
CA TRP A 144 13.35 2.17 -7.69
C TRP A 144 13.96 3.54 -7.88
N ASP A 145 13.69 4.16 -9.03
CA ASP A 145 14.21 5.50 -9.30
C ASP A 145 13.44 6.50 -8.46
N GLU A 146 14.16 7.43 -7.85
CA GLU A 146 13.55 8.46 -7.01
C GLU A 146 12.45 9.20 -7.77
N SER A 147 12.63 9.36 -9.07
CA SER A 147 11.68 10.06 -9.92
C SER A 147 10.35 9.30 -10.03
N GLU A 148 10.38 8.03 -9.67
CA GLU A 148 9.19 7.20 -9.72
C GLU A 148 8.62 7.05 -8.33
N VAL A 149 9.49 7.12 -7.33
CA VAL A 149 9.08 7.04 -5.94
C VAL A 149 8.33 8.31 -5.54
N THR A 150 8.81 9.45 -6.02
CA THR A 150 8.17 10.73 -5.73
C THR A 150 6.78 10.79 -6.33
N LEU A 151 6.59 10.08 -7.44
CA LEU A 151 5.30 10.04 -8.10
C LEU A 151 4.31 9.23 -7.28
N LEU A 152 4.79 8.16 -6.68
CA LEU A 152 3.95 7.30 -5.86
C LEU A 152 3.52 8.04 -4.60
N ALA A 153 4.45 8.72 -3.97
CA ALA A 153 4.15 9.50 -2.77
C ALA A 153 3.29 10.72 -3.14
N ARG A 154 3.29 11.05 -4.42
CA ARG A 154 2.49 12.14 -4.95
C ARG A 154 1.04 11.68 -5.09
N ILE A 155 0.87 10.45 -5.56
CA ILE A 155 -0.45 9.84 -5.72
C ILE A 155 -1.15 9.74 -4.38
N GLY A 156 -0.39 9.39 -3.35
CA GLY A 156 -0.96 9.26 -2.02
C GLY A 156 -1.41 10.60 -1.47
N ASN A 157 -0.62 11.63 -1.72
CA ASN A 157 -0.95 12.98 -1.27
C ASN A 157 -2.18 13.50 -2.00
N GLN A 158 -2.21 13.29 -3.33
CA GLN A 158 -3.33 13.74 -4.16
C GLN A 158 -4.62 13.04 -3.71
N LEU A 159 -4.48 11.79 -3.32
CA LEU A 159 -5.63 11.01 -2.87
C LEU A 159 -6.14 11.56 -1.57
N GLY A 160 -5.21 11.92 -0.69
CA GLY A 160 -5.57 12.49 0.60
C GLY A 160 -6.32 13.79 0.46
N LEU A 161 -5.87 14.61 -0.48
CA LEU A 161 -6.52 15.89 -0.75
C LEU A 161 -7.93 15.67 -1.28
N ALA A 162 -8.06 14.74 -2.22
CA ALA A 162 -9.35 14.36 -2.78
C ALA A 162 -10.28 13.82 -1.69
N LEU A 163 -9.73 12.94 -0.88
CA LEU A 163 -10.43 12.32 0.23
C LEU A 163 -11.03 13.37 1.17
N GLN A 164 -10.32 14.48 1.35
CA GLN A 164 -10.82 15.57 2.18
C GLN A 164 -12.05 16.20 1.55
N GLN A 165 -12.00 16.42 0.25
CA GLN A 165 -13.10 17.02 -0.48
C GLN A 165 -14.34 16.13 -0.42
N THR A 166 -14.15 14.86 -0.64
CA THR A 166 -15.23 13.90 -0.63
C THR A 166 -15.80 13.71 0.77
N GLU A 167 -14.99 14.00 1.78
CA GLU A 167 -15.42 13.83 3.18
C GLU A 167 -16.58 14.78 3.51
N TYR A 168 -16.50 16.01 3.02
CA TYR A 168 -17.54 16.99 3.29
C TYR A 168 -18.72 16.82 2.35
N LEU A 169 -18.45 16.82 1.05
CA LEU A 169 -19.49 16.79 0.02
C LEU A 169 -20.27 15.47 0.00
N GLN A 170 -19.84 14.49 0.79
CA GLN A 170 -20.53 13.22 0.87
C GLN A 170 -21.81 13.38 1.67
N GLN A 171 -21.69 14.08 2.81
CA GLN A 171 -22.80 14.35 3.73
C GLN A 171 -23.44 13.08 4.29
N VAL A 172 -24.44 13.27 5.12
CA VAL A 172 -25.14 12.18 5.75
C VAL A 172 -26.64 12.40 5.65
N SER A 17 -19.60 3.39 -1.74
CA SER A 17 -19.41 3.14 -3.17
C SER A 17 -18.57 4.25 -3.84
N ASP A 18 -18.79 5.49 -3.42
CA ASP A 18 -18.11 6.65 -4.02
C ASP A 18 -16.59 6.59 -3.83
N VAL A 19 -16.13 6.77 -2.60
CA VAL A 19 -14.70 6.80 -2.29
C VAL A 19 -14.01 5.51 -2.73
N GLU A 20 -14.64 4.37 -2.44
CA GLU A 20 -14.07 3.07 -2.78
C GLU A 20 -13.77 2.96 -4.28
N GLU A 21 -14.73 3.36 -5.10
CA GLU A 21 -14.57 3.29 -6.55
C GLU A 21 -13.44 4.21 -7.02
N ILE A 22 -13.43 5.44 -6.51
CA ILE A 22 -12.38 6.41 -6.87
C ILE A 22 -11.01 5.82 -6.57
N PHE A 23 -10.90 5.15 -5.45
CA PHE A 23 -9.66 4.51 -5.05
C PHE A 23 -9.31 3.38 -5.99
N LYS A 24 -10.26 2.48 -6.21
CA LYS A 24 -10.03 1.31 -7.09
C LYS A 24 -9.59 1.74 -8.48
N THR A 25 -10.22 2.77 -9.02
CA THR A 25 -9.88 3.28 -10.34
C THR A 25 -8.45 3.85 -10.35
N THR A 26 -8.13 4.66 -9.34
CA THR A 26 -6.82 5.26 -9.24
C THR A 26 -5.73 4.19 -9.02
N THR A 27 -6.07 3.18 -8.23
CA THR A 27 -5.15 2.08 -7.94
C THR A 27 -4.79 1.31 -9.22
N GLN A 28 -5.74 1.19 -10.13
CA GLN A 28 -5.51 0.52 -11.39
C GLN A 28 -4.66 1.40 -12.31
N GLU A 29 -4.94 2.70 -12.29
CA GLU A 29 -4.22 3.65 -13.13
C GLU A 29 -2.74 3.72 -12.77
N VAL A 30 -2.45 3.85 -11.47
CA VAL A 30 -1.06 3.90 -11.01
C VAL A 30 -0.36 2.57 -11.30
N ARG A 31 -1.11 1.48 -11.22
CA ARG A 31 -0.58 0.15 -11.49
C ARG A 31 -0.10 0.05 -12.94
N GLN A 32 -0.88 0.62 -13.84
CA GLN A 32 -0.57 0.58 -15.26
C GLN A 32 0.65 1.45 -15.57
N LEU A 33 0.76 2.57 -14.88
CA LEU A 33 1.86 3.50 -15.09
C LEU A 33 3.20 2.89 -14.63
N LEU A 34 3.22 2.37 -13.41
CA LEU A 34 4.45 1.77 -12.87
C LEU A 34 4.60 0.32 -13.32
N ARG A 35 3.62 -0.17 -14.06
CA ARG A 35 3.63 -1.53 -14.61
C ARG A 35 3.87 -2.59 -13.53
N CYS A 36 2.92 -2.72 -12.63
CA CYS A 36 2.99 -3.72 -11.57
C CYS A 36 1.80 -4.66 -11.69
N ASP A 37 1.83 -5.79 -10.99
CA ASP A 37 0.69 -6.71 -11.07
C ASP A 37 -0.09 -6.73 -9.79
N ARG A 38 0.37 -6.00 -8.79
CA ARG A 38 -0.34 -5.91 -7.53
C ARG A 38 -0.04 -4.61 -6.81
N VAL A 39 -1.07 -3.80 -6.69
CA VAL A 39 -1.00 -2.55 -5.96
C VAL A 39 -2.18 -2.52 -5.01
N ALA A 40 -1.95 -2.21 -3.75
CA ALA A 40 -3.02 -2.24 -2.77
C ALA A 40 -2.96 -1.04 -1.84
N VAL A 41 -4.13 -0.54 -1.50
CA VAL A 41 -4.27 0.57 -0.60
C VAL A 41 -4.66 0.09 0.80
N TYR A 42 -3.80 0.36 1.75
CA TYR A 42 -4.06 0.04 3.15
C TYR A 42 -4.79 1.20 3.81
N ARG A 43 -5.51 0.90 4.87
CA ARG A 43 -6.23 1.90 5.62
C ARG A 43 -6.03 1.66 7.10
N PHE A 44 -5.55 2.65 7.82
CA PHE A 44 -5.32 2.49 9.24
C PHE A 44 -6.64 2.42 9.98
N ASN A 45 -6.85 1.32 10.66
CA ASN A 45 -8.07 1.12 11.44
C ASN A 45 -7.87 1.62 12.86
N PRO A 46 -8.97 1.85 13.61
CA PRO A 46 -8.92 2.30 15.03
C PRO A 46 -8.02 1.40 15.89
N ASN A 47 -7.97 0.11 15.55
CA ASN A 47 -7.13 -0.83 16.29
C ASN A 47 -5.74 -0.94 15.66
N TRP A 48 -5.44 0.00 14.77
CA TRP A 48 -4.15 0.08 14.08
C TRP A 48 -3.83 -1.18 13.29
N THR A 49 -4.85 -1.90 12.86
CA THR A 49 -4.63 -3.11 12.11
C THR A 49 -4.20 -2.79 10.68
N GLY A 50 -4.88 -1.81 10.07
CA GLY A 50 -4.53 -1.40 8.73
C GLY A 50 -4.98 -2.39 7.68
N GLU A 51 -6.26 -2.37 7.39
CA GLU A 51 -6.87 -3.30 6.47
C GLU A 51 -6.81 -2.78 5.04
N PHE A 52 -7.01 -3.67 4.08
CA PHE A 52 -6.97 -3.32 2.68
C PHE A 52 -8.34 -2.79 2.27
N VAL A 53 -8.35 -1.78 1.42
CA VAL A 53 -9.60 -1.18 0.99
C VAL A 53 -9.76 -1.23 -0.53
N ALA A 54 -8.69 -0.98 -1.24
CA ALA A 54 -8.73 -1.01 -2.69
C ALA A 54 -7.43 -1.53 -3.24
N GLU A 55 -7.51 -2.39 -4.25
CA GLU A 55 -6.32 -2.93 -4.86
C GLU A 55 -6.57 -3.33 -6.30
N SER A 56 -5.49 -3.64 -6.99
CA SER A 56 -5.55 -4.09 -8.35
C SER A 56 -4.59 -5.24 -8.52
N VAL A 57 -5.11 -6.38 -8.92
CA VAL A 57 -4.33 -7.58 -9.07
C VAL A 57 -4.71 -8.30 -10.35
N ALA A 58 -3.72 -8.86 -11.03
CA ALA A 58 -3.98 -9.64 -12.24
C ALA A 58 -4.78 -10.88 -11.90
N HIS A 59 -5.64 -11.30 -12.81
CA HIS A 59 -6.55 -12.43 -12.60
C HIS A 59 -5.79 -13.75 -12.35
N THR A 60 -4.50 -13.77 -12.66
CA THR A 60 -3.71 -14.98 -12.48
C THR A 60 -3.03 -15.03 -11.09
N TRP A 61 -3.09 -13.93 -10.34
CA TRP A 61 -2.48 -13.91 -9.02
C TRP A 61 -3.53 -14.01 -7.92
N VAL A 62 -3.08 -14.08 -6.69
CA VAL A 62 -3.96 -14.14 -5.55
C VAL A 62 -4.45 -12.74 -5.16
N LYS A 63 -5.76 -12.60 -5.03
CA LYS A 63 -6.35 -11.32 -4.66
C LYS A 63 -6.13 -11.05 -3.18
N LEU A 64 -5.95 -9.79 -2.83
CA LEU A 64 -5.71 -9.40 -1.47
C LEU A 64 -7.03 -9.08 -0.79
N VAL A 65 -7.86 -8.31 -1.45
CA VAL A 65 -9.23 -8.11 -0.96
C VAL A 65 -10.19 -9.18 -1.50
N GLY A 66 -9.72 -10.43 -1.59
CA GLY A 66 -10.54 -11.48 -2.13
C GLY A 66 -10.47 -12.77 -1.34
N PRO A 67 -10.97 -13.87 -1.89
CA PRO A 67 -10.98 -15.17 -1.22
C PRO A 67 -9.67 -15.93 -1.41
N ASP A 68 -8.73 -15.33 -2.12
CA ASP A 68 -7.42 -15.97 -2.38
C ASP A 68 -6.42 -15.61 -1.30
N ILE A 69 -6.90 -14.98 -0.25
CA ILE A 69 -6.04 -14.58 0.84
C ILE A 69 -5.57 -15.78 1.63
N LYS A 70 -4.33 -16.08 1.48
CA LYS A 70 -3.72 -17.16 2.23
C LYS A 70 -2.59 -16.61 3.07
N THR A 71 -2.81 -16.53 4.35
CA THR A 71 -1.80 -16.04 5.25
C THR A 71 -1.14 -17.18 5.99
N VAL A 72 0.18 -17.18 5.99
CA VAL A 72 0.92 -18.18 6.71
C VAL A 72 1.05 -17.78 8.16
N TRP A 73 1.27 -16.50 8.39
CA TRP A 73 1.34 -15.94 9.71
C TRP A 73 0.49 -14.69 9.73
N GLU A 74 -0.39 -14.58 10.70
CA GLU A 74 -1.23 -13.40 10.81
C GLU A 74 -0.41 -12.25 11.38
N ASP A 75 0.02 -11.35 10.51
CA ASP A 75 0.87 -10.27 10.94
C ASP A 75 0.30 -8.90 10.56
N THR A 76 0.17 -8.04 11.54
CA THR A 76 -0.11 -6.68 11.25
C THR A 76 1.13 -5.85 11.57
N HIS A 77 1.51 -4.98 10.67
CA HIS A 77 2.68 -4.14 10.87
C HIS A 77 2.33 -2.90 11.64
N LEU A 78 1.18 -2.37 11.30
CA LEU A 78 0.74 -1.11 11.80
C LEU A 78 0.32 -1.21 13.26
N GLN A 79 -0.06 -2.40 13.68
CA GLN A 79 -0.49 -2.62 15.03
C GLN A 79 0.70 -2.59 15.98
N GLU A 80 1.72 -3.39 15.65
CA GLU A 80 2.92 -3.48 16.48
C GLU A 80 3.75 -2.21 16.46
N THR A 81 3.46 -1.31 15.52
CA THR A 81 4.22 -0.06 15.43
C THR A 81 3.40 1.13 15.89
N GLN A 82 2.06 1.02 15.80
CA GLN A 82 1.16 2.13 16.15
C GLN A 82 1.47 3.34 15.28
N GLY A 83 1.92 3.04 14.06
CA GLY A 83 2.34 4.08 13.17
C GLY A 83 3.82 4.32 13.29
N GLY A 84 4.60 3.50 12.59
CA GLY A 84 6.05 3.63 12.65
C GLY A 84 6.59 4.86 11.92
N ARG A 85 7.71 4.68 11.23
CA ARG A 85 8.40 5.78 10.55
C ARG A 85 7.50 6.47 9.50
N TYR A 86 6.54 5.73 9.00
CA TYR A 86 5.63 6.23 7.97
C TYR A 86 4.80 7.39 8.52
N ALA A 87 4.30 7.21 9.75
CA ALA A 87 3.53 8.24 10.44
C ALA A 87 4.35 9.53 10.63
N GLN A 88 5.66 9.39 10.61
CA GLN A 88 6.56 10.53 10.75
C GLN A 88 6.79 11.22 9.40
N GLY A 89 6.18 10.68 8.34
CA GLY A 89 6.31 11.27 7.02
C GLY A 89 7.45 10.67 6.22
N GLU A 90 7.84 9.45 6.56
CA GLU A 90 8.94 8.78 5.88
C GLU A 90 8.44 7.80 4.82
N ASN A 91 9.30 7.51 3.84
CA ASN A 91 8.99 6.57 2.77
C ASN A 91 9.99 5.40 2.84
N PHE A 92 9.60 4.23 2.37
CA PHE A 92 10.50 3.09 2.45
C PHE A 92 10.60 2.36 1.10
N VAL A 93 11.82 2.07 0.68
CA VAL A 93 12.07 1.40 -0.59
C VAL A 93 12.74 0.03 -0.37
N VAL A 94 12.28 -0.97 -1.13
CA VAL A 94 12.85 -2.31 -1.06
C VAL A 94 13.07 -2.87 -2.46
N ASN A 95 14.32 -3.09 -2.84
CA ASN A 95 14.65 -3.64 -4.16
C ASN A 95 14.54 -5.16 -4.14
N ASP A 96 14.76 -5.73 -2.97
CA ASP A 96 14.66 -7.18 -2.77
C ASP A 96 14.59 -7.50 -1.30
N ILE A 97 13.60 -8.30 -0.93
CA ILE A 97 13.39 -8.67 0.47
C ILE A 97 14.56 -9.49 1.03
N TYR A 98 15.23 -10.24 0.16
CA TYR A 98 16.34 -11.08 0.60
C TYR A 98 17.65 -10.28 0.70
N GLN A 99 17.63 -9.06 0.20
CA GLN A 99 18.85 -8.24 0.19
C GLN A 99 18.74 -7.12 1.21
N VAL A 100 17.54 -6.62 1.38
CA VAL A 100 17.28 -5.55 2.33
C VAL A 100 17.65 -5.94 3.77
N GLY A 101 17.47 -7.21 4.11
CA GLY A 101 17.76 -7.65 5.46
C GLY A 101 16.57 -7.52 6.37
N HIS A 102 15.39 -7.77 5.82
CA HIS A 102 14.15 -7.69 6.59
C HIS A 102 14.03 -8.80 7.60
N SER A 103 13.02 -8.72 8.44
CA SER A 103 12.77 -9.73 9.43
C SER A 103 12.32 -11.02 8.76
N PRO A 104 12.91 -12.16 9.15
CA PRO A 104 12.61 -13.48 8.57
C PRO A 104 11.11 -13.77 8.49
N CYS A 105 10.37 -13.33 9.50
CA CYS A 105 8.93 -13.61 9.53
C CYS A 105 8.20 -12.88 8.41
N HIS A 106 8.61 -11.65 8.13
CA HIS A 106 7.94 -10.84 7.12
C HIS A 106 8.35 -11.30 5.74
N ILE A 107 9.62 -11.68 5.59
CA ILE A 107 10.12 -12.18 4.33
C ILE A 107 9.39 -13.46 3.91
N GLU A 108 9.11 -14.30 4.89
CA GLU A 108 8.41 -15.56 4.66
C GLU A 108 6.99 -15.27 4.14
N ILE A 109 6.28 -14.40 4.85
CA ILE A 109 4.92 -14.01 4.48
C ILE A 109 4.90 -13.38 3.07
N LEU A 110 5.81 -12.43 2.83
CA LEU A 110 5.89 -11.73 1.54
C LEU A 110 6.10 -12.70 0.38
N GLU A 111 7.01 -13.63 0.58
CA GLU A 111 7.34 -14.63 -0.43
C GLU A 111 6.10 -15.38 -0.93
N GLN A 112 5.15 -15.62 -0.03
CA GLN A 112 3.95 -16.38 -0.37
C GLN A 112 2.95 -15.56 -1.19
N PHE A 113 3.20 -14.27 -1.29
CA PHE A 113 2.37 -13.38 -2.07
C PHE A 113 3.14 -12.85 -3.27
N GLU A 114 4.22 -13.56 -3.61
CA GLU A 114 5.10 -13.19 -4.74
C GLU A 114 5.72 -11.80 -4.53
N VAL A 115 5.78 -11.38 -3.28
CA VAL A 115 6.33 -10.08 -2.95
C VAL A 115 7.83 -10.15 -2.76
N LYS A 116 8.56 -9.83 -3.80
CA LYS A 116 10.02 -9.79 -3.69
C LYS A 116 10.54 -8.35 -3.57
N ALA A 117 9.85 -7.42 -4.22
CA ALA A 117 10.27 -6.03 -4.18
C ALA A 117 9.06 -5.15 -4.05
N TYR A 118 9.21 -4.02 -3.37
CA TYR A 118 8.09 -3.13 -3.15
C TYR A 118 8.55 -1.76 -2.66
N VAL A 119 7.62 -0.84 -2.61
CA VAL A 119 7.89 0.51 -2.13
C VAL A 119 6.71 0.99 -1.29
N ILE A 120 6.99 1.54 -0.13
CA ILE A 120 5.93 1.98 0.78
C ILE A 120 5.85 3.50 0.89
N VAL A 121 4.64 4.00 0.67
CA VAL A 121 4.36 5.43 0.78
C VAL A 121 3.17 5.67 1.71
N PRO A 122 3.31 6.62 2.66
CA PRO A 122 2.25 6.96 3.61
C PRO A 122 1.25 7.97 3.04
N VAL A 123 -0.03 7.65 3.16
CA VAL A 123 -1.09 8.54 2.66
C VAL A 123 -1.79 9.27 3.81
N PHE A 124 -1.38 10.50 4.04
CA PHE A 124 -2.02 11.34 5.05
C PHE A 124 -3.23 12.04 4.47
N ALA A 125 -4.24 12.21 5.28
CA ALA A 125 -5.45 12.88 4.88
C ALA A 125 -5.83 13.91 5.93
N GLY A 126 -5.58 15.16 5.62
CA GLY A 126 -5.81 16.22 6.58
C GLY A 126 -4.72 16.26 7.62
N GLU A 127 -5.08 15.96 8.86
CA GLU A 127 -4.11 15.95 9.95
C GLU A 127 -3.79 14.53 10.40
N GLN A 128 -4.46 13.56 9.82
CA GLN A 128 -4.27 12.17 10.23
C GLN A 128 -3.80 11.30 9.08
N LEU A 129 -3.28 10.17 9.45
CA LEU A 129 -2.82 9.18 8.50
C LEU A 129 -3.98 8.30 8.09
N TRP A 130 -4.25 8.27 6.80
CA TRP A 130 -5.36 7.50 6.28
C TRP A 130 -4.93 6.07 6.03
N GLY A 131 -3.88 5.91 5.25
CA GLY A 131 -3.38 4.58 4.94
C GLY A 131 -2.13 4.65 4.10
N LEU A 132 -1.60 3.51 3.74
CA LEU A 132 -0.41 3.46 2.88
C LEU A 132 -0.71 2.82 1.54
N LEU A 133 0.28 2.85 0.67
CA LEU A 133 0.15 2.33 -0.67
C LEU A 133 1.25 1.31 -0.92
N ALA A 134 0.86 0.13 -1.32
CA ALA A 134 1.82 -0.93 -1.59
C ALA A 134 1.84 -1.27 -3.07
N ALA A 135 3.01 -1.17 -3.66
CA ALA A 135 3.19 -1.49 -5.07
C ALA A 135 4.30 -2.51 -5.23
N TYR A 136 4.00 -3.63 -5.91
CA TYR A 136 4.97 -4.68 -6.12
C TYR A 136 4.59 -5.55 -7.31
N GLN A 137 5.52 -6.38 -7.78
CA GLN A 137 5.20 -7.27 -8.90
C GLN A 137 6.16 -8.43 -9.03
N ASN A 138 5.68 -9.59 -8.53
CA ASN A 138 6.32 -10.92 -8.71
C ASN A 138 7.80 -10.89 -9.02
N SER A 139 8.59 -10.59 -8.00
CA SER A 139 10.04 -10.43 -8.08
C SER A 139 10.39 -8.98 -8.31
N GLY A 140 10.12 -8.50 -9.54
CA GLY A 140 10.40 -7.11 -9.96
C GLY A 140 11.48 -6.39 -9.16
N THR A 141 12.70 -6.92 -9.19
CA THR A 141 13.82 -6.35 -8.43
C THR A 141 14.36 -5.05 -9.05
N ARG A 142 13.44 -4.18 -9.47
CA ARG A 142 13.81 -2.91 -10.06
C ARG A 142 14.33 -1.97 -8.99
N ASP A 143 15.38 -1.26 -9.28
CA ASP A 143 15.90 -0.27 -8.36
C ASP A 143 15.02 0.97 -8.45
N TRP A 144 14.13 1.12 -7.48
CA TRP A 144 13.18 2.22 -7.48
C TRP A 144 13.89 3.56 -7.44
N ASP A 145 13.79 4.30 -8.52
CA ASP A 145 14.42 5.61 -8.61
C ASP A 145 13.66 6.63 -7.79
N GLU A 146 14.34 7.66 -7.35
CA GLU A 146 13.73 8.71 -6.53
C GLU A 146 12.54 9.35 -7.24
N SER A 147 12.64 9.47 -8.56
CA SER A 147 11.59 10.05 -9.37
C SER A 147 10.36 9.14 -9.39
N GLU A 148 10.57 7.85 -9.17
CA GLU A 148 9.48 6.88 -9.16
C GLU A 148 8.81 6.89 -7.79
N VAL A 149 9.63 6.91 -6.75
CA VAL A 149 9.13 6.94 -5.38
C VAL A 149 8.34 8.21 -5.12
N THR A 150 8.89 9.34 -5.55
CA THR A 150 8.24 10.64 -5.38
C THR A 150 6.89 10.67 -6.11
N LEU A 151 6.82 9.98 -7.24
CA LEU A 151 5.60 9.94 -8.04
C LEU A 151 4.51 9.16 -7.31
N LEU A 152 4.89 8.06 -6.67
CA LEU A 152 3.93 7.23 -5.95
C LEU A 152 3.42 7.96 -4.71
N ALA A 153 4.34 8.58 -3.97
CA ALA A 153 3.96 9.33 -2.78
C ALA A 153 3.15 10.58 -3.16
N ARG A 154 3.30 11.00 -4.41
CA ARG A 154 2.59 12.17 -4.93
C ARG A 154 1.12 11.86 -5.05
N ILE A 155 0.82 10.71 -5.64
CA ILE A 155 -0.55 10.26 -5.81
C ILE A 155 -1.17 9.93 -4.45
N GLY A 156 -0.32 9.45 -3.54
CA GLY A 156 -0.78 9.13 -2.21
C GLY A 156 -1.28 10.36 -1.47
N ASN A 157 -0.42 11.37 -1.36
CA ASN A 157 -0.78 12.62 -0.68
C ASN A 157 -1.95 13.29 -1.39
N GLN A 158 -2.01 13.12 -2.70
CA GLN A 158 -3.07 13.70 -3.51
C GLN A 158 -4.44 13.15 -3.10
N LEU A 159 -4.47 11.88 -2.67
CA LEU A 159 -5.72 11.27 -2.21
C LEU A 159 -6.16 11.89 -0.90
N GLY A 160 -5.19 12.30 -0.09
CA GLY A 160 -5.50 12.89 1.19
C GLY A 160 -6.30 14.16 1.04
N LEU A 161 -6.04 14.87 -0.03
CA LEU A 161 -6.75 16.10 -0.34
C LEU A 161 -8.17 15.78 -0.78
N ALA A 162 -8.28 14.85 -1.74
CA ALA A 162 -9.59 14.43 -2.26
C ALA A 162 -10.43 13.82 -1.15
N LEU A 163 -9.75 13.19 -0.20
CA LEU A 163 -10.40 12.60 0.96
C LEU A 163 -11.16 13.65 1.73
N GLN A 164 -10.45 14.69 2.13
CA GLN A 164 -11.03 15.76 2.93
C GLN A 164 -12.07 16.54 2.13
N GLN A 165 -11.83 16.71 0.85
CA GLN A 165 -12.77 17.43 -0.03
C GLN A 165 -14.14 16.79 0.01
N THR A 166 -14.17 15.50 -0.24
CA THR A 166 -15.41 14.75 -0.27
C THR A 166 -16.02 14.65 1.14
N GLU A 167 -15.17 14.75 2.15
CA GLU A 167 -15.60 14.65 3.53
C GLU A 167 -16.62 15.74 3.88
N TYR A 168 -16.27 17.00 3.67
CA TYR A 168 -17.16 18.10 4.03
C TYR A 168 -18.31 18.25 3.02
N LEU A 169 -18.08 17.79 1.80
CA LEU A 169 -19.12 17.87 0.76
C LEU A 169 -20.17 16.80 0.96
N GLN A 170 -19.92 15.90 1.89
CA GLN A 170 -20.86 14.85 2.22
C GLN A 170 -21.96 15.39 3.11
N GLN A 171 -21.63 16.43 3.88
CA GLN A 171 -22.60 17.05 4.78
C GLN A 171 -23.53 17.97 4.02
N VAL A 172 -24.61 17.43 3.53
CA VAL A 172 -25.61 18.19 2.81
C VAL A 172 -26.84 18.34 3.68
N SER A 17 -20.26 4.28 -1.25
CA SER A 17 -19.56 5.57 -1.41
C SER A 17 -18.84 5.61 -2.75
N ASP A 18 -18.96 6.73 -3.44
CA ASP A 18 -18.34 6.91 -4.75
C ASP A 18 -16.82 6.95 -4.64
N VAL A 19 -16.33 7.38 -3.48
CA VAL A 19 -14.89 7.49 -3.24
C VAL A 19 -14.21 6.10 -3.28
N GLU A 20 -15.00 5.05 -3.00
CA GLU A 20 -14.48 3.69 -3.03
C GLU A 20 -13.95 3.33 -4.43
N GLU A 21 -14.65 3.81 -5.46
CA GLU A 21 -14.24 3.58 -6.85
C GLU A 21 -12.94 4.36 -7.13
N ILE A 22 -12.79 5.49 -6.44
CA ILE A 22 -11.61 6.32 -6.57
C ILE A 22 -10.36 5.57 -6.15
N PHE A 23 -10.43 4.88 -5.01
CA PHE A 23 -9.29 4.10 -4.53
C PHE A 23 -8.94 3.00 -5.53
N LYS A 24 -9.98 2.31 -5.98
CA LYS A 24 -9.85 1.22 -6.94
C LYS A 24 -9.21 1.69 -8.25
N THR A 25 -9.60 2.86 -8.70
CA THR A 25 -9.03 3.42 -9.90
C THR A 25 -7.60 3.93 -9.68
N THR A 26 -7.36 4.57 -8.53
CA THR A 26 -6.04 5.13 -8.23
C THR A 26 -4.96 4.04 -8.13
N THR A 27 -5.35 2.81 -7.80
CA THR A 27 -4.38 1.74 -7.71
C THR A 27 -4.03 1.23 -9.10
N GLN A 28 -4.97 1.37 -10.01
CA GLN A 28 -4.78 0.96 -11.38
C GLN A 28 -3.83 1.94 -12.07
N GLU A 29 -4.02 3.21 -11.77
CA GLU A 29 -3.20 4.27 -12.36
C GLU A 29 -1.73 4.06 -12.08
N VAL A 30 -1.37 3.87 -10.82
CA VAL A 30 0.02 3.64 -10.46
C VAL A 30 0.49 2.26 -10.90
N ARG A 31 -0.44 1.32 -11.02
CA ARG A 31 -0.10 -0.02 -11.46
C ARG A 31 0.44 0.03 -12.89
N GLN A 32 -0.25 0.74 -13.77
CA GLN A 32 0.17 0.82 -15.16
C GLN A 32 1.32 1.81 -15.33
N LEU A 33 1.47 2.70 -14.35
CA LEU A 33 2.54 3.69 -14.38
C LEU A 33 3.88 3.04 -14.03
N LEU A 34 3.89 2.27 -12.96
CA LEU A 34 5.10 1.58 -12.52
C LEU A 34 5.23 0.24 -13.23
N ARG A 35 4.16 -0.15 -13.93
CA ARG A 35 4.10 -1.39 -14.70
C ARG A 35 4.22 -2.61 -13.78
N CYS A 36 3.70 -2.46 -12.56
CA CYS A 36 3.72 -3.54 -11.58
C CYS A 36 2.50 -4.44 -11.76
N ASP A 37 2.45 -5.56 -11.03
CA ASP A 37 1.33 -6.47 -11.18
C ASP A 37 0.31 -6.37 -10.05
N ARG A 38 0.70 -5.81 -8.91
CA ARG A 38 -0.24 -5.70 -7.81
C ARG A 38 0.01 -4.47 -6.95
N VAL A 39 -1.04 -3.70 -6.75
CA VAL A 39 -1.00 -2.52 -5.91
C VAL A 39 -2.20 -2.54 -4.97
N ALA A 40 -1.97 -2.32 -3.69
CA ALA A 40 -3.04 -2.40 -2.71
C ALA A 40 -3.03 -1.22 -1.75
N VAL A 41 -4.22 -0.84 -1.28
CA VAL A 41 -4.36 0.27 -0.35
C VAL A 41 -4.87 -0.21 1.00
N TYR A 42 -4.07 -0.02 2.02
CA TYR A 42 -4.49 -0.30 3.38
C TYR A 42 -5.15 0.96 3.94
N ARG A 43 -5.96 0.79 4.94
CA ARG A 43 -6.59 1.91 5.60
C ARG A 43 -6.43 1.74 7.08
N PHE A 44 -5.82 2.70 7.74
CA PHE A 44 -5.59 2.55 9.16
C PHE A 44 -6.88 2.79 9.92
N ASN A 45 -7.31 1.75 10.61
CA ASN A 45 -8.53 1.82 11.40
C ASN A 45 -8.24 2.32 12.81
N PRO A 46 -9.27 2.73 13.59
CA PRO A 46 -9.09 3.19 14.98
C PRO A 46 -8.41 2.12 15.86
N ASN A 47 -8.57 0.87 15.48
CA ASN A 47 -7.96 -0.25 16.19
C ASN A 47 -6.59 -0.55 15.59
N TRP A 48 -6.18 0.31 14.68
CA TRP A 48 -4.90 0.23 13.98
C TRP A 48 -4.70 -1.09 13.26
N THR A 49 -5.79 -1.64 12.75
CA THR A 49 -5.72 -2.89 12.04
C THR A 49 -5.12 -2.65 10.65
N GLY A 50 -5.57 -1.58 10.01
CA GLY A 50 -5.05 -1.21 8.72
C GLY A 50 -5.29 -2.28 7.68
N GLU A 51 -6.51 -2.38 7.23
CA GLU A 51 -6.90 -3.45 6.33
C GLU A 51 -7.09 -2.94 4.91
N PHE A 52 -7.26 -3.88 3.98
CA PHE A 52 -7.36 -3.57 2.57
C PHE A 52 -8.71 -2.96 2.23
N VAL A 53 -8.69 -1.89 1.50
CA VAL A 53 -9.91 -1.25 1.06
C VAL A 53 -10.07 -1.37 -0.45
N ALA A 54 -8.96 -1.21 -1.18
CA ALA A 54 -8.98 -1.33 -2.63
C ALA A 54 -7.65 -1.88 -3.15
N GLU A 55 -7.72 -2.70 -4.19
CA GLU A 55 -6.53 -3.27 -4.81
C GLU A 55 -6.72 -3.39 -6.32
N SER A 56 -5.62 -3.37 -7.04
CA SER A 56 -5.62 -3.58 -8.47
C SER A 56 -4.53 -4.58 -8.84
N VAL A 57 -4.95 -5.68 -9.44
CA VAL A 57 -4.04 -6.76 -9.78
C VAL A 57 -4.48 -7.39 -11.10
N ALA A 58 -3.55 -7.99 -11.82
CA ALA A 58 -3.86 -8.69 -13.04
C ALA A 58 -4.52 -10.03 -12.72
N HIS A 59 -5.41 -10.48 -13.60
CA HIS A 59 -6.19 -11.72 -13.38
C HIS A 59 -5.28 -12.96 -13.25
N THR A 60 -4.07 -12.84 -13.74
CA THR A 60 -3.11 -13.93 -13.72
C THR A 60 -2.57 -14.21 -12.32
N TRP A 61 -2.65 -13.22 -11.43
CA TRP A 61 -2.10 -13.36 -10.09
C TRP A 61 -3.22 -13.46 -9.06
N VAL A 62 -2.85 -13.64 -7.80
CA VAL A 62 -3.83 -13.74 -6.72
C VAL A 62 -4.25 -12.35 -6.22
N LYS A 63 -5.31 -12.32 -5.42
CA LYS A 63 -5.83 -11.08 -4.86
C LYS A 63 -5.51 -10.96 -3.39
N LEU A 64 -5.47 -9.74 -2.89
CA LEU A 64 -5.21 -9.49 -1.48
C LEU A 64 -6.42 -8.84 -0.80
N VAL A 65 -7.44 -8.53 -1.57
CA VAL A 65 -8.62 -7.84 -1.03
C VAL A 65 -9.80 -8.80 -0.89
N GLY A 66 -9.53 -10.08 -0.93
CA GLY A 66 -10.56 -11.06 -0.79
C GLY A 66 -10.63 -11.60 0.61
N PRO A 67 -11.77 -12.12 1.01
CA PRO A 67 -11.98 -12.67 2.35
C PRO A 67 -11.29 -14.04 2.51
N ASP A 68 -10.80 -14.57 1.41
CA ASP A 68 -10.19 -15.90 1.42
C ASP A 68 -8.70 -15.85 1.73
N ILE A 69 -8.14 -14.64 1.82
CA ILE A 69 -6.72 -14.50 2.13
C ILE A 69 -6.40 -15.09 3.50
N LYS A 70 -5.57 -16.12 3.48
CA LYS A 70 -5.12 -16.73 4.69
C LYS A 70 -3.61 -16.61 4.77
N THR A 71 -3.14 -15.82 5.68
CA THR A 71 -1.73 -15.62 5.84
C THR A 71 -1.12 -16.79 6.61
N VAL A 72 0.18 -17.00 6.45
CA VAL A 72 0.88 -18.01 7.23
C VAL A 72 0.81 -17.64 8.71
N TRP A 73 0.82 -16.34 8.94
CA TRP A 73 0.65 -15.75 10.25
C TRP A 73 0.23 -14.29 10.09
N GLU A 74 -0.89 -13.91 10.71
CA GLU A 74 -1.40 -12.53 10.63
C GLU A 74 -0.33 -11.58 11.14
N ASP A 75 -0.03 -10.55 10.37
CA ASP A 75 1.06 -9.66 10.73
C ASP A 75 0.87 -8.23 10.27
N THR A 76 0.70 -7.33 11.21
CA THR A 76 0.88 -5.95 10.92
C THR A 76 2.08 -5.41 11.72
N HIS A 77 2.95 -4.66 11.07
CA HIS A 77 4.10 -4.05 11.75
C HIS A 77 3.72 -2.72 12.36
N LEU A 78 2.84 -2.08 11.69
CA LEU A 78 2.43 -0.74 12.02
C LEU A 78 1.39 -0.72 13.11
N GLN A 79 0.71 -1.85 13.33
CA GLN A 79 -0.30 -1.92 14.39
C GLN A 79 0.36 -1.87 15.75
N GLU A 80 1.51 -2.52 15.88
CA GLU A 80 2.21 -2.56 17.15
C GLU A 80 2.87 -1.23 17.49
N THR A 81 2.98 -0.36 16.52
CA THR A 81 3.60 0.93 16.74
C THR A 81 2.63 2.10 16.46
N GLN A 82 1.45 1.78 15.88
CA GLN A 82 0.45 2.81 15.55
C GLN A 82 1.00 3.77 14.49
N GLY A 83 1.84 3.23 13.64
CA GLY A 83 2.48 4.03 12.62
C GLY A 83 3.90 4.38 13.00
N GLY A 84 4.86 3.68 12.41
CA GLY A 84 6.24 3.93 12.71
C GLY A 84 6.86 4.94 11.75
N ARG A 85 7.94 4.53 11.09
CA ARG A 85 8.68 5.39 10.14
C ARG A 85 7.74 6.06 9.13
N TYR A 86 6.75 5.31 8.69
CA TYR A 86 5.80 5.77 7.69
C TYR A 86 4.96 6.93 8.21
N ALA A 87 4.34 6.74 9.36
CA ALA A 87 3.55 7.80 9.99
C ALA A 87 4.43 8.94 10.48
N GLN A 88 5.71 8.65 10.65
CA GLN A 88 6.67 9.63 11.11
C GLN A 88 7.02 10.61 9.97
N GLY A 89 6.65 10.26 8.75
CA GLY A 89 6.89 11.13 7.62
C GLY A 89 8.00 10.66 6.71
N GLU A 90 8.30 9.37 6.73
CA GLU A 90 9.32 8.82 5.87
C GLU A 90 8.73 7.86 4.84
N ASN A 91 9.53 7.50 3.86
CA ASN A 91 9.12 6.58 2.81
C ASN A 91 10.01 5.35 2.89
N PHE A 92 9.48 4.20 2.51
CA PHE A 92 10.26 2.97 2.61
C PHE A 92 10.37 2.30 1.25
N VAL A 93 11.60 2.07 0.83
CA VAL A 93 11.87 1.47 -0.47
C VAL A 93 12.59 0.13 -0.31
N VAL A 94 12.05 -0.91 -0.95
CA VAL A 94 12.65 -2.22 -0.93
C VAL A 94 12.96 -2.69 -2.35
N ASN A 95 14.24 -2.67 -2.70
CA ASN A 95 14.68 -3.09 -4.04
C ASN A 95 14.50 -4.59 -4.23
N ASP A 96 14.61 -5.30 -3.13
CA ASP A 96 14.38 -6.73 -3.08
C ASP A 96 14.48 -7.14 -1.64
N ILE A 97 13.46 -7.82 -1.15
CA ILE A 97 13.43 -8.20 0.27
C ILE A 97 14.60 -9.11 0.67
N TYR A 98 15.09 -9.92 -0.26
CA TYR A 98 16.19 -10.84 0.01
C TYR A 98 17.53 -10.14 -0.07
N GLN A 99 17.56 -8.99 -0.72
CA GLN A 99 18.80 -8.25 -0.87
C GLN A 99 18.91 -7.23 0.24
N VAL A 100 17.77 -6.85 0.77
CA VAL A 100 17.71 -5.94 1.90
C VAL A 100 18.16 -6.66 3.16
N GLY A 101 17.79 -7.93 3.25
CA GLY A 101 18.08 -8.68 4.43
C GLY A 101 17.01 -8.47 5.46
N HIS A 102 15.78 -8.33 4.98
CA HIS A 102 14.61 -8.08 5.83
C HIS A 102 14.38 -9.24 6.82
N SER A 103 13.41 -9.08 7.71
CA SER A 103 13.10 -10.11 8.69
C SER A 103 12.66 -11.42 7.99
N PRO A 104 13.18 -12.57 8.45
CA PRO A 104 12.92 -13.87 7.82
C PRO A 104 11.44 -14.24 7.80
N CYS A 105 10.74 -13.98 8.90
CA CYS A 105 9.34 -14.34 9.00
C CYS A 105 8.50 -13.52 8.03
N HIS A 106 8.87 -12.26 7.84
CA HIS A 106 8.17 -11.38 6.94
C HIS A 106 8.50 -11.78 5.50
N ILE A 107 9.70 -12.32 5.29
CA ILE A 107 10.10 -12.82 3.98
C ILE A 107 9.15 -13.93 3.55
N GLU A 108 8.78 -14.79 4.51
CA GLU A 108 7.88 -15.90 4.27
C GLU A 108 6.48 -15.39 3.94
N ILE A 109 6.03 -14.40 4.70
CA ILE A 109 4.74 -13.77 4.48
C ILE A 109 4.66 -13.17 3.07
N LEU A 110 5.68 -12.42 2.72
CA LEU A 110 5.73 -11.73 1.43
C LEU A 110 5.84 -12.71 0.26
N GLU A 111 6.81 -13.60 0.33
CA GLU A 111 7.07 -14.55 -0.75
C GLU A 111 5.85 -15.41 -1.09
N GLN A 112 5.10 -15.81 -0.07
CA GLN A 112 3.91 -16.64 -0.28
C GLN A 112 2.81 -15.87 -1.01
N PHE A 113 2.91 -14.55 -1.00
CA PHE A 113 1.94 -13.72 -1.70
C PHE A 113 2.58 -13.07 -2.92
N GLU A 114 3.65 -13.71 -3.41
CA GLU A 114 4.36 -13.28 -4.64
C GLU A 114 5.06 -11.92 -4.46
N VAL A 115 5.23 -11.50 -3.23
CA VAL A 115 5.87 -10.24 -2.94
C VAL A 115 7.37 -10.45 -2.68
N LYS A 116 8.19 -9.94 -3.57
CA LYS A 116 9.64 -10.03 -3.38
C LYS A 116 10.28 -8.66 -3.28
N ALA A 117 9.57 -7.63 -3.70
CA ALA A 117 10.06 -6.28 -3.60
C ALA A 117 8.89 -5.34 -3.51
N TYR A 118 9.03 -4.23 -2.80
CA TYR A 118 7.90 -3.34 -2.61
C TYR A 118 8.32 -1.96 -2.15
N VAL A 119 7.38 -1.06 -2.18
CA VAL A 119 7.56 0.31 -1.74
C VAL A 119 6.41 0.73 -0.85
N ILE A 120 6.71 1.27 0.32
CA ILE A 120 5.70 1.74 1.25
C ILE A 120 5.64 3.27 1.27
N VAL A 121 4.46 3.79 0.98
CA VAL A 121 4.23 5.22 1.01
C VAL A 121 2.97 5.56 1.83
N PRO A 122 3.08 6.52 2.77
CA PRO A 122 1.96 6.93 3.61
C PRO A 122 1.03 7.94 2.93
N VAL A 123 -0.26 7.85 3.21
CA VAL A 123 -1.25 8.74 2.62
C VAL A 123 -1.98 9.54 3.69
N PHE A 124 -1.52 10.77 3.93
CA PHE A 124 -2.20 11.66 4.85
C PHE A 124 -3.38 12.30 4.17
N ALA A 125 -4.56 12.07 4.70
CA ALA A 125 -5.78 12.58 4.11
C ALA A 125 -6.82 12.91 5.17
N GLY A 126 -7.46 14.06 5.01
CA GLY A 126 -8.48 14.46 5.94
C GLY A 126 -7.91 15.10 7.17
N GLU A 127 -7.62 14.29 8.16
CA GLU A 127 -7.10 14.79 9.43
C GLU A 127 -5.67 14.31 9.69
N GLN A 128 -5.35 13.11 9.22
CA GLN A 128 -4.03 12.51 9.47
C GLN A 128 -3.81 11.35 8.51
N LEU A 129 -3.01 10.37 8.94
CA LEU A 129 -2.70 9.23 8.11
C LEU A 129 -3.95 8.39 7.86
N TRP A 130 -4.47 8.50 6.64
CA TRP A 130 -5.66 7.81 6.25
C TRP A 130 -5.34 6.38 5.86
N GLY A 131 -4.46 6.23 4.90
CA GLY A 131 -4.17 4.92 4.39
C GLY A 131 -2.71 4.66 4.16
N LEU A 132 -2.45 3.56 3.50
CA LEU A 132 -1.12 3.09 3.25
C LEU A 132 -1.10 2.53 1.83
N LEU A 133 0.01 2.71 1.14
CA LEU A 133 0.11 2.27 -0.23
C LEU A 133 1.34 1.40 -0.41
N ALA A 134 1.13 0.24 -0.98
CA ALA A 134 2.21 -0.68 -1.24
C ALA A 134 2.18 -1.09 -2.70
N ALA A 135 3.35 -1.09 -3.32
CA ALA A 135 3.45 -1.48 -4.72
C ALA A 135 4.48 -2.59 -4.86
N TYR A 136 4.08 -3.71 -5.46
CA TYR A 136 4.97 -4.85 -5.61
C TYR A 136 4.70 -5.63 -6.89
N GLN A 137 5.71 -6.30 -7.40
CA GLN A 137 5.57 -7.10 -8.61
C GLN A 137 6.68 -8.10 -8.74
N ASN A 138 6.36 -9.35 -8.37
CA ASN A 138 7.27 -10.53 -8.47
C ASN A 138 8.74 -10.13 -8.53
N SER A 139 9.24 -9.52 -7.45
CA SER A 139 10.60 -8.94 -7.43
C SER A 139 10.61 -7.71 -8.36
N GLY A 140 10.59 -7.97 -9.67
CA GLY A 140 10.55 -6.95 -10.74
C GLY A 140 11.56 -5.80 -10.69
N THR A 141 11.52 -5.03 -9.62
CA THR A 141 12.27 -3.79 -9.51
C THR A 141 13.79 -3.91 -9.61
N ARG A 142 14.40 -4.75 -8.74
CA ARG A 142 15.87 -4.85 -8.64
C ARG A 142 16.44 -3.57 -7.99
N ASP A 143 16.13 -2.43 -8.59
CA ASP A 143 16.52 -1.12 -8.10
C ASP A 143 15.40 -0.10 -8.34
N TRP A 144 14.95 0.57 -7.30
CA TRP A 144 13.91 1.59 -7.44
C TRP A 144 14.56 2.96 -7.69
N ASP A 145 14.06 3.68 -8.68
CA ASP A 145 14.58 5.02 -8.97
C ASP A 145 13.79 6.06 -8.18
N GLU A 146 14.45 7.18 -7.86
CA GLU A 146 13.84 8.25 -7.08
C GLU A 146 12.58 8.80 -7.75
N SER A 147 12.60 8.86 -9.06
CA SER A 147 11.47 9.43 -9.81
C SER A 147 10.26 8.49 -9.79
N GLU A 148 10.51 7.20 -9.60
CA GLU A 148 9.46 6.21 -9.64
C GLU A 148 8.75 6.14 -8.28
N VAL A 149 9.53 6.20 -7.21
CA VAL A 149 8.97 6.12 -5.86
C VAL A 149 8.28 7.43 -5.46
N THR A 150 8.79 8.56 -5.94
CA THR A 150 8.23 9.85 -5.62
C THR A 150 6.83 10.02 -6.23
N LEU A 151 6.63 9.45 -7.42
CA LEU A 151 5.34 9.54 -8.09
C LEU A 151 4.30 8.69 -7.37
N LEU A 152 4.73 7.58 -6.81
CA LEU A 152 3.82 6.69 -6.09
C LEU A 152 3.34 7.36 -4.81
N ALA A 153 4.23 8.05 -4.12
CA ALA A 153 3.86 8.75 -2.91
C ALA A 153 3.06 10.00 -3.22
N ARG A 154 3.15 10.45 -4.47
CA ARG A 154 2.49 11.68 -4.89
C ARG A 154 0.98 11.49 -5.07
N ILE A 155 0.56 10.26 -5.37
CA ILE A 155 -0.86 10.00 -5.54
C ILE A 155 -1.58 10.09 -4.20
N GLY A 156 -0.84 9.83 -3.13
CA GLY A 156 -1.41 9.93 -1.79
C GLY A 156 -1.79 11.35 -1.46
N ASN A 157 -0.93 12.29 -1.84
CA ASN A 157 -1.19 13.70 -1.60
C ASN A 157 -2.43 14.14 -2.38
N GLN A 158 -2.52 13.66 -3.62
CA GLN A 158 -3.64 14.00 -4.49
C GLN A 158 -4.94 13.42 -3.96
N LEU A 159 -4.87 12.19 -3.43
CA LEU A 159 -6.05 11.56 -2.86
C LEU A 159 -6.47 12.30 -1.60
N GLY A 160 -5.49 12.82 -0.88
CA GLY A 160 -5.74 13.57 0.32
C GLY A 160 -6.73 14.70 0.10
N LEU A 161 -6.54 15.42 -1.00
CA LEU A 161 -7.42 16.54 -1.34
C LEU A 161 -8.86 16.05 -1.55
N ALA A 162 -9.01 14.95 -2.29
CA ALA A 162 -10.32 14.38 -2.56
C ALA A 162 -10.97 13.88 -1.27
N LEU A 163 -10.16 13.25 -0.42
CA LEU A 163 -10.62 12.75 0.85
C LEU A 163 -11.10 13.91 1.73
N GLN A 164 -10.33 15.01 1.71
CA GLN A 164 -10.67 16.22 2.46
C GLN A 164 -12.02 16.77 2.01
N GLN A 165 -12.25 16.77 0.71
CA GLN A 165 -13.51 17.21 0.16
C GLN A 165 -14.63 16.31 0.66
N THR A 166 -14.35 15.02 0.67
CA THR A 166 -15.31 14.02 1.14
C THR A 166 -15.63 14.23 2.62
N GLU A 167 -14.59 14.49 3.43
CA GLU A 167 -14.76 14.70 4.86
C GLU A 167 -15.60 15.96 5.13
N TYR A 168 -15.51 16.93 4.23
CA TYR A 168 -16.23 18.15 4.38
C TYR A 168 -17.68 17.96 3.92
N LEU A 169 -17.88 17.06 2.95
CA LEU A 169 -19.22 16.73 2.47
C LEU A 169 -20.00 16.02 3.57
N GLN A 170 -19.33 15.06 4.21
CA GLN A 170 -19.93 14.32 5.32
C GLN A 170 -20.00 15.21 6.57
N GLN A 171 -19.18 16.27 6.55
CA GLN A 171 -19.12 17.25 7.61
C GLN A 171 -18.64 16.60 8.92
N VAL A 172 -17.43 16.02 8.86
CA VAL A 172 -16.80 15.36 10.00
C VAL A 172 -17.62 14.17 10.48
N SER A 17 -19.60 3.21 -4.45
CA SER A 17 -19.26 4.50 -3.84
C SER A 17 -18.34 5.32 -4.75
N ASP A 18 -18.54 6.64 -4.76
CA ASP A 18 -17.74 7.55 -5.59
C ASP A 18 -16.27 7.47 -5.27
N VAL A 19 -15.93 7.68 -4.00
CA VAL A 19 -14.53 7.66 -3.56
C VAL A 19 -13.94 6.26 -3.74
N GLU A 20 -14.79 5.25 -3.64
CA GLU A 20 -14.39 3.87 -3.83
C GLU A 20 -13.86 3.65 -5.25
N GLU A 21 -14.59 4.17 -6.23
CA GLU A 21 -14.18 4.05 -7.63
C GLU A 21 -12.88 4.80 -7.86
N ILE A 22 -12.69 5.89 -7.14
CA ILE A 22 -11.46 6.67 -7.22
C ILE A 22 -10.27 5.80 -6.82
N PHE A 23 -10.43 5.04 -5.74
CA PHE A 23 -9.37 4.15 -5.25
C PHE A 23 -9.05 3.09 -6.29
N LYS A 24 -10.10 2.50 -6.86
CA LYS A 24 -9.93 1.44 -7.85
C LYS A 24 -9.28 1.98 -9.12
N THR A 25 -9.65 3.19 -9.51
CA THR A 25 -9.10 3.79 -10.71
C THR A 25 -7.63 4.13 -10.52
N THR A 26 -7.30 4.77 -9.41
CA THR A 26 -5.94 5.17 -9.12
C THR A 26 -5.00 3.97 -9.03
N THR A 27 -5.43 2.92 -8.33
CA THR A 27 -4.62 1.71 -8.18
C THR A 27 -4.33 1.07 -9.54
N GLN A 28 -5.35 1.02 -10.41
CA GLN A 28 -5.18 0.43 -11.73
C GLN A 28 -4.27 1.28 -12.61
N GLU A 29 -4.40 2.59 -12.48
CA GLU A 29 -3.61 3.52 -13.26
C GLU A 29 -2.14 3.51 -12.80
N VAL A 30 -1.93 3.56 -11.49
CA VAL A 30 -0.57 3.57 -10.95
C VAL A 30 0.14 2.24 -11.19
N ARG A 31 -0.63 1.17 -11.30
CA ARG A 31 -0.07 -0.14 -11.57
C ARG A 31 0.68 -0.14 -12.90
N GLN A 32 0.07 0.47 -13.90
CA GLN A 32 0.68 0.58 -15.22
C GLN A 32 1.83 1.58 -15.17
N LEU A 33 1.64 2.64 -14.41
CA LEU A 33 2.61 3.71 -14.24
C LEU A 33 3.94 3.17 -13.68
N LEU A 34 3.85 2.35 -12.64
CA LEU A 34 5.05 1.80 -12.01
C LEU A 34 5.47 0.49 -12.65
N ARG A 35 4.67 0.02 -13.61
CA ARG A 35 4.96 -1.22 -14.35
C ARG A 35 4.96 -2.42 -13.39
N CYS A 36 3.99 -2.46 -12.48
CA CYS A 36 3.89 -3.54 -11.50
C CYS A 36 2.63 -4.38 -11.74
N ASP A 37 2.41 -5.41 -10.91
CA ASP A 37 1.23 -6.28 -11.06
C ASP A 37 0.40 -6.32 -9.81
N ARG A 38 0.94 -5.79 -8.72
CA ARG A 38 0.26 -5.87 -7.43
C ARG A 38 0.29 -4.51 -6.72
N VAL A 39 -0.87 -3.90 -6.54
CA VAL A 39 -0.99 -2.63 -5.82
C VAL A 39 -2.16 -2.71 -4.84
N ALA A 40 -1.94 -2.31 -3.60
CA ALA A 40 -2.99 -2.40 -2.58
C ALA A 40 -2.91 -1.23 -1.60
N VAL A 41 -4.08 -0.74 -1.20
CA VAL A 41 -4.16 0.36 -0.25
C VAL A 41 -4.75 -0.13 1.09
N TYR A 42 -3.99 0.04 2.17
CA TYR A 42 -4.45 -0.30 3.50
C TYR A 42 -5.09 0.93 4.13
N ARG A 43 -6.35 0.87 4.46
CA ARG A 43 -6.98 1.98 5.16
C ARG A 43 -6.86 1.79 6.64
N PHE A 44 -6.19 2.72 7.31
CA PHE A 44 -6.05 2.60 8.74
C PHE A 44 -7.36 2.96 9.40
N ASN A 45 -7.93 2.01 10.08
CA ASN A 45 -9.20 2.21 10.76
C ASN A 45 -8.94 2.80 12.14
N PRO A 46 -9.99 3.39 12.80
CA PRO A 46 -9.85 3.98 14.15
C PRO A 46 -9.20 3.04 15.17
N ASN A 47 -9.46 1.74 15.04
CA ASN A 47 -8.88 0.75 15.95
C ASN A 47 -7.59 0.18 15.38
N TRP A 48 -7.08 0.86 14.35
CA TRP A 48 -5.81 0.52 13.69
C TRP A 48 -5.80 -0.89 13.10
N THR A 49 -6.89 -1.28 12.46
CA THR A 49 -6.90 -2.55 11.79
C THR A 49 -6.15 -2.45 10.47
N GLY A 50 -6.39 -1.36 9.72
CA GLY A 50 -5.68 -1.11 8.48
C GLY A 50 -5.89 -2.20 7.46
N GLU A 51 -7.06 -2.20 6.83
CA GLU A 51 -7.43 -3.28 5.93
C GLU A 51 -7.35 -2.86 4.47
N PHE A 52 -7.41 -3.85 3.60
CA PHE A 52 -7.34 -3.64 2.18
C PHE A 52 -8.69 -3.15 1.69
N VAL A 53 -8.71 -1.97 1.12
CA VAL A 53 -9.95 -1.40 0.61
C VAL A 53 -10.02 -1.49 -0.91
N ALA A 54 -8.94 -1.13 -1.58
CA ALA A 54 -8.88 -1.21 -3.02
C ALA A 54 -7.55 -1.78 -3.47
N GLU A 55 -7.61 -2.76 -4.34
CA GLU A 55 -6.41 -3.38 -4.86
C GLU A 55 -6.47 -3.52 -6.37
N SER A 56 -5.32 -3.39 -7.00
CA SER A 56 -5.20 -3.58 -8.42
C SER A 56 -4.20 -4.70 -8.68
N VAL A 57 -4.70 -5.81 -9.16
CA VAL A 57 -3.88 -6.97 -9.41
C VAL A 57 -4.32 -7.66 -10.69
N ALA A 58 -3.36 -8.18 -11.43
CA ALA A 58 -3.65 -8.92 -12.64
C ALA A 58 -4.28 -10.26 -12.25
N HIS A 59 -5.20 -10.75 -13.07
CA HIS A 59 -5.93 -11.99 -12.76
C HIS A 59 -5.00 -13.21 -12.81
N THR A 60 -3.76 -12.99 -13.19
CA THR A 60 -2.77 -14.04 -13.25
C THR A 60 -2.20 -14.34 -11.84
N TRP A 61 -2.40 -13.41 -10.92
CA TRP A 61 -1.86 -13.55 -9.58
C TRP A 61 -2.99 -13.67 -8.56
N VAL A 62 -2.64 -13.81 -7.29
CA VAL A 62 -3.64 -13.89 -6.24
C VAL A 62 -4.05 -12.50 -5.77
N LYS A 63 -5.23 -12.40 -5.20
CA LYS A 63 -5.73 -11.12 -4.72
C LYS A 63 -5.54 -11.02 -3.22
N LEU A 64 -5.41 -9.80 -2.75
CA LEU A 64 -5.27 -9.55 -1.33
C LEU A 64 -6.61 -9.10 -0.76
N VAL A 65 -7.38 -8.44 -1.58
CA VAL A 65 -8.73 -7.98 -1.21
C VAL A 65 -9.76 -9.12 -1.34
N GLY A 66 -9.40 -10.30 -0.88
CA GLY A 66 -10.27 -11.42 -0.98
C GLY A 66 -10.56 -12.05 0.36
N PRO A 67 -11.60 -12.87 0.43
CA PRO A 67 -11.98 -13.55 1.66
C PRO A 67 -11.25 -14.89 1.83
N ASP A 68 -10.49 -15.26 0.83
CA ASP A 68 -9.77 -16.54 0.84
C ASP A 68 -8.31 -16.34 1.25
N ILE A 69 -8.04 -15.19 1.87
CA ILE A 69 -6.70 -14.85 2.32
C ILE A 69 -6.21 -15.81 3.40
N LYS A 70 -5.21 -16.59 3.06
CA LYS A 70 -4.62 -17.51 4.01
C LYS A 70 -3.16 -17.12 4.24
N THR A 71 -2.89 -16.60 5.42
CA THR A 71 -1.55 -16.17 5.77
C THR A 71 -0.90 -17.14 6.74
N VAL A 72 0.42 -17.30 6.63
CA VAL A 72 1.19 -18.11 7.58
C VAL A 72 0.98 -17.55 9.00
N TRP A 73 1.01 -16.24 9.10
CA TRP A 73 0.76 -15.50 10.32
C TRP A 73 0.43 -14.07 9.97
N GLU A 74 -0.66 -13.55 10.52
CA GLU A 74 -1.08 -12.19 10.22
C GLU A 74 -0.08 -11.21 10.80
N ASP A 75 0.32 -10.23 10.00
CA ASP A 75 1.31 -9.30 10.47
C ASP A 75 1.15 -7.93 9.90
N THR A 76 0.80 -7.00 10.73
CA THR A 76 1.01 -5.64 10.41
C THR A 76 1.99 -5.08 11.45
N HIS A 77 2.97 -4.31 11.03
CA HIS A 77 3.85 -3.69 12.02
C HIS A 77 3.22 -2.38 12.50
N LEU A 78 2.26 -1.91 11.72
CA LEU A 78 1.64 -0.61 11.95
C LEU A 78 0.57 -0.66 13.03
N GLN A 79 0.06 -1.84 13.37
CA GLN A 79 -0.86 -1.94 14.50
C GLN A 79 -0.10 -1.72 15.78
N GLU A 80 1.11 -2.26 15.83
CA GLU A 80 1.98 -2.14 16.98
C GLU A 80 2.52 -0.71 17.11
N THR A 81 2.98 -0.14 16.01
CA THR A 81 3.53 1.21 16.03
C THR A 81 2.45 2.29 15.87
N GLN A 82 1.29 1.92 15.27
CA GLN A 82 0.16 2.85 15.09
C GLN A 82 0.52 3.97 14.14
N GLY A 83 1.25 3.63 13.09
CA GLY A 83 1.69 4.62 12.14
C GLY A 83 2.75 5.52 12.72
N GLY A 84 3.98 5.03 12.75
CA GLY A 84 5.07 5.82 13.30
C GLY A 84 5.93 6.44 12.23
N ARG A 85 6.93 5.70 11.76
CA ARG A 85 7.90 6.18 10.76
C ARG A 85 7.25 6.91 9.59
N TYR A 86 6.29 6.27 8.95
CA TYR A 86 5.65 6.82 7.76
C TYR A 86 4.83 8.06 8.11
N ALA A 87 4.13 7.99 9.23
CA ALA A 87 3.36 9.12 9.72
C ALA A 87 4.26 10.33 10.00
N GLN A 88 5.53 10.06 10.28
CA GLN A 88 6.50 11.11 10.52
C GLN A 88 7.03 11.68 9.20
N GLY A 89 6.68 11.01 8.10
CA GLY A 89 7.10 11.46 6.80
C GLY A 89 8.20 10.61 6.19
N GLU A 90 8.52 9.50 6.82
CA GLU A 90 9.57 8.62 6.32
C GLU A 90 9.03 7.59 5.31
N ASN A 91 9.77 7.40 4.24
CA ASN A 91 9.42 6.43 3.21
C ASN A 91 10.37 5.24 3.28
N PHE A 92 9.92 4.07 2.88
CA PHE A 92 10.76 2.89 2.93
C PHE A 92 10.79 2.20 1.56
N VAL A 93 12.00 2.00 1.03
CA VAL A 93 12.17 1.40 -0.30
C VAL A 93 12.82 0.03 -0.19
N VAL A 94 12.26 -0.96 -0.89
CA VAL A 94 12.81 -2.30 -0.89
C VAL A 94 12.95 -2.83 -2.30
N ASN A 95 14.18 -2.87 -2.80
CA ASN A 95 14.48 -3.40 -4.14
C ASN A 95 14.16 -4.88 -4.23
N ASP A 96 14.41 -5.58 -3.14
CA ASP A 96 14.15 -7.01 -3.04
C ASP A 96 14.35 -7.45 -1.62
N ILE A 97 13.49 -8.31 -1.13
CA ILE A 97 13.54 -8.72 0.26
C ILE A 97 14.68 -9.70 0.55
N TYR A 98 15.12 -10.44 -0.45
CA TYR A 98 16.21 -11.40 -0.26
C TYR A 98 17.55 -10.72 -0.45
N GLN A 99 17.57 -9.71 -1.28
CA GLN A 99 18.80 -9.00 -1.61
C GLN A 99 19.25 -8.13 -0.44
N VAL A 100 18.30 -7.50 0.23
CA VAL A 100 18.64 -6.63 1.36
C VAL A 100 18.86 -7.44 2.64
N GLY A 101 18.44 -8.70 2.64
CA GLY A 101 18.60 -9.51 3.83
C GLY A 101 17.52 -9.23 4.85
N HIS A 102 16.31 -8.98 4.35
CA HIS A 102 15.15 -8.65 5.18
C HIS A 102 14.85 -9.76 6.20
N SER A 103 14.05 -9.43 7.21
CA SER A 103 13.66 -10.40 8.23
C SER A 103 12.95 -11.60 7.61
N PRO A 104 13.39 -12.83 7.93
CA PRO A 104 12.80 -14.06 7.38
C PRO A 104 11.35 -14.22 7.78
N CYS A 105 10.99 -13.69 8.94
CA CYS A 105 9.63 -13.76 9.44
C CYS A 105 8.70 -12.97 8.54
N HIS A 106 9.21 -11.84 8.06
CA HIS A 106 8.43 -10.95 7.22
C HIS A 106 8.49 -11.43 5.76
N ILE A 107 9.56 -12.15 5.44
CA ILE A 107 9.74 -12.69 4.10
C ILE A 107 8.78 -13.85 3.83
N GLU A 108 8.58 -14.69 4.85
CA GLU A 108 7.67 -15.84 4.74
C GLU A 108 6.30 -15.38 4.25
N ILE A 109 5.78 -14.35 4.90
CA ILE A 109 4.48 -13.77 4.56
C ILE A 109 4.46 -13.25 3.13
N LEU A 110 5.50 -12.52 2.76
CA LEU A 110 5.58 -11.90 1.45
C LEU A 110 5.76 -12.91 0.33
N GLU A 111 6.54 -13.94 0.58
CA GLU A 111 6.77 -14.99 -0.42
C GLU A 111 5.43 -15.65 -0.79
N GLN A 112 4.52 -15.66 0.16
CA GLN A 112 3.22 -16.29 -0.01
C GLN A 112 2.26 -15.41 -0.82
N PHE A 113 2.39 -14.10 -0.70
CA PHE A 113 1.50 -13.20 -1.41
C PHE A 113 2.12 -12.69 -2.72
N GLU A 114 3.16 -13.40 -3.17
CA GLU A 114 3.84 -13.09 -4.44
C GLU A 114 4.47 -11.68 -4.44
N VAL A 115 4.83 -11.19 -3.27
CA VAL A 115 5.45 -9.88 -3.14
C VAL A 115 6.90 -10.02 -2.68
N LYS A 116 7.82 -9.65 -3.54
CA LYS A 116 9.23 -9.76 -3.16
C LYS A 116 10.00 -8.42 -3.31
N ALA A 117 9.34 -7.39 -3.85
CA ALA A 117 9.92 -6.04 -3.95
C ALA A 117 8.81 -5.04 -3.77
N TYR A 118 9.08 -3.89 -3.15
CA TYR A 118 8.01 -2.92 -2.88
C TYR A 118 8.54 -1.57 -2.39
N VAL A 119 7.61 -0.66 -2.16
CA VAL A 119 7.91 0.64 -1.61
C VAL A 119 6.79 1.03 -0.66
N ILE A 120 7.13 1.61 0.46
CA ILE A 120 6.12 2.01 1.41
C ILE A 120 5.79 3.48 1.25
N VAL A 121 4.58 3.71 0.83
CA VAL A 121 4.06 5.04 0.63
C VAL A 121 2.86 5.33 1.52
N PRO A 122 3.00 6.32 2.42
CA PRO A 122 1.92 6.73 3.32
C PRO A 122 0.94 7.69 2.63
N VAL A 123 -0.34 7.54 2.96
CA VAL A 123 -1.37 8.38 2.39
C VAL A 123 -1.97 9.30 3.46
N PHE A 124 -1.47 10.52 3.54
CA PHE A 124 -2.00 11.50 4.49
C PHE A 124 -3.23 12.16 3.92
N ALA A 125 -4.24 12.36 4.76
CA ALA A 125 -5.44 13.02 4.32
C ALA A 125 -6.11 13.72 5.47
N GLY A 126 -6.39 14.99 5.28
CA GLY A 126 -7.04 15.76 6.30
C GLY A 126 -6.10 16.19 7.38
N GLU A 127 -6.10 15.44 8.45
CA GLU A 127 -5.27 15.76 9.59
C GLU A 127 -4.26 14.65 9.88
N GLN A 128 -4.67 13.41 9.66
CA GLN A 128 -3.82 12.27 9.99
C GLN A 128 -3.56 11.38 8.79
N LEU A 129 -2.88 10.29 9.06
CA LEU A 129 -2.58 9.29 8.05
C LEU A 129 -3.84 8.49 7.75
N TRP A 130 -4.32 8.59 6.54
CA TRP A 130 -5.51 7.88 6.13
C TRP A 130 -5.19 6.42 5.86
N GLY A 131 -4.21 6.19 5.02
CA GLY A 131 -3.90 4.84 4.64
C GLY A 131 -2.45 4.61 4.27
N LEU A 132 -2.21 3.43 3.76
CA LEU A 132 -0.89 2.98 3.36
C LEU A 132 -0.98 2.44 1.94
N LEU A 133 0.00 2.75 1.14
CA LEU A 133 0.01 2.35 -0.26
C LEU A 133 1.25 1.54 -0.57
N ALA A 134 1.04 0.31 -0.99
CA ALA A 134 2.14 -0.57 -1.30
C ALA A 134 2.07 -1.00 -2.77
N ALA A 135 3.21 -0.96 -3.42
CA ALA A 135 3.32 -1.36 -4.82
C ALA A 135 4.36 -2.44 -4.98
N TYR A 136 3.98 -3.56 -5.59
CA TYR A 136 4.89 -4.68 -5.78
C TYR A 136 4.58 -5.48 -7.03
N GLN A 137 5.54 -6.30 -7.46
CA GLN A 137 5.34 -7.15 -8.63
C GLN A 137 6.28 -8.34 -8.63
N ASN A 138 5.74 -9.49 -8.24
CA ASN A 138 6.42 -10.83 -8.35
C ASN A 138 7.95 -10.77 -8.47
N SER A 139 8.62 -10.48 -7.36
CA SER A 139 10.08 -10.34 -7.33
C SER A 139 10.47 -8.95 -7.78
N GLY A 140 10.16 -8.62 -9.05
CA GLY A 140 10.45 -7.30 -9.64
C GLY A 140 11.64 -6.60 -9.01
N THR A 141 12.80 -7.22 -9.12
CA THR A 141 14.02 -6.72 -8.50
C THR A 141 14.57 -5.47 -9.20
N ARG A 142 13.67 -4.55 -9.49
CA ARG A 142 14.04 -3.32 -10.16
C ARG A 142 14.47 -2.29 -9.14
N ASP A 143 15.48 -1.52 -9.46
CA ASP A 143 15.95 -0.49 -8.56
C ASP A 143 15.02 0.70 -8.63
N TRP A 144 14.32 0.96 -7.54
CA TRP A 144 13.34 2.04 -7.50
C TRP A 144 14.01 3.39 -7.70
N ASP A 145 13.62 4.07 -8.76
CA ASP A 145 14.17 5.35 -9.11
C ASP A 145 13.56 6.45 -8.23
N GLU A 146 14.31 7.53 -8.02
CA GLU A 146 13.87 8.66 -7.21
C GLU A 146 12.53 9.21 -7.76
N SER A 147 12.38 9.18 -9.06
CA SER A 147 11.18 9.72 -9.72
C SER A 147 9.99 8.79 -9.55
N GLU A 148 10.25 7.55 -9.21
CA GLU A 148 9.19 6.56 -9.05
C GLU A 148 8.72 6.56 -7.61
N VAL A 149 9.67 6.59 -6.69
CA VAL A 149 9.37 6.62 -5.27
C VAL A 149 8.60 7.89 -4.93
N THR A 150 9.06 9.02 -5.42
CA THR A 150 8.41 10.29 -5.17
C THR A 150 7.07 10.37 -5.87
N LEU A 151 6.96 9.67 -7.00
CA LEU A 151 5.73 9.70 -7.77
C LEU A 151 4.63 8.97 -7.04
N LEU A 152 4.92 7.76 -6.56
CA LEU A 152 3.93 6.99 -5.83
C LEU A 152 3.63 7.64 -4.50
N ALA A 153 4.66 8.09 -3.80
CA ALA A 153 4.50 8.73 -2.52
C ALA A 153 3.65 10.00 -2.67
N ARG A 154 3.67 10.58 -3.87
CA ARG A 154 2.94 11.80 -4.15
C ARG A 154 1.47 11.49 -4.40
N ILE A 155 1.20 10.32 -4.99
CA ILE A 155 -0.17 9.87 -5.25
C ILE A 155 -0.95 9.84 -3.95
N GLY A 156 -0.28 9.42 -2.88
CA GLY A 156 -0.91 9.37 -1.58
C GLY A 156 -1.34 10.74 -1.10
N ASN A 157 -0.48 11.72 -1.31
CA ASN A 157 -0.77 13.09 -0.90
C ASN A 157 -1.88 13.70 -1.76
N GLN A 158 -1.84 13.39 -3.06
CA GLN A 158 -2.83 13.91 -4.00
C GLN A 158 -4.22 13.34 -3.69
N LEU A 159 -4.27 12.09 -3.27
CA LEU A 159 -5.53 11.46 -2.89
C LEU A 159 -6.10 12.14 -1.65
N GLY A 160 -5.19 12.57 -0.76
CA GLY A 160 -5.58 13.24 0.46
C GLY A 160 -6.44 14.46 0.20
N LEU A 161 -6.21 15.11 -0.94
CA LEU A 161 -6.97 16.29 -1.33
C LEU A 161 -8.43 15.91 -1.54
N ALA A 162 -8.67 14.85 -2.31
CA ALA A 162 -10.01 14.37 -2.58
C ALA A 162 -10.66 13.83 -1.31
N LEU A 163 -9.86 13.16 -0.52
CA LEU A 163 -10.32 12.57 0.74
C LEU A 163 -10.84 13.67 1.69
N GLN A 164 -10.25 14.86 1.60
CA GLN A 164 -10.65 16.00 2.43
C GLN A 164 -12.15 16.27 2.32
N GLN A 165 -12.68 16.10 1.12
CA GLN A 165 -14.09 16.32 0.86
C GLN A 165 -14.93 15.22 1.50
N THR A 166 -14.38 14.03 1.58
CA THR A 166 -15.08 12.90 2.15
C THR A 166 -15.13 12.99 3.68
N GLU A 167 -14.11 13.62 4.26
CA GLU A 167 -14.00 13.76 5.72
C GLU A 167 -15.25 14.40 6.33
N TYR A 168 -15.59 15.61 5.88
CA TYR A 168 -16.72 16.34 6.45
C TYR A 168 -18.05 15.71 6.08
N LEU A 169 -18.05 14.89 5.03
CA LEU A 169 -19.27 14.22 4.58
C LEU A 169 -19.67 13.10 5.55
N GLN A 170 -18.71 12.59 6.29
CA GLN A 170 -18.98 11.52 7.25
C GLN A 170 -19.71 12.06 8.47
N GLN A 171 -19.04 12.92 9.23
CA GLN A 171 -19.64 13.52 10.41
C GLN A 171 -20.21 14.89 10.08
N VAL A 172 -21.51 14.93 9.80
CA VAL A 172 -22.19 16.16 9.48
C VAL A 172 -23.54 16.24 10.20
N SER A 17 -20.15 5.10 -2.53
CA SER A 17 -19.63 4.46 -3.74
C SER A 17 -18.57 5.33 -4.44
N ASP A 18 -18.71 6.65 -4.29
CA ASP A 18 -17.79 7.62 -4.90
C ASP A 18 -16.33 7.37 -4.53
N VAL A 19 -16.02 7.42 -3.24
CA VAL A 19 -14.66 7.21 -2.74
C VAL A 19 -14.11 5.85 -3.16
N GLU A 20 -14.97 4.83 -3.16
CA GLU A 20 -14.58 3.48 -3.54
C GLU A 20 -14.10 3.45 -4.99
N GLU A 21 -14.85 4.13 -5.85
CA GLU A 21 -14.50 4.22 -7.26
C GLU A 21 -13.18 4.97 -7.41
N ILE A 22 -13.03 6.06 -6.64
CA ILE A 22 -11.81 6.86 -6.67
C ILE A 22 -10.59 6.00 -6.35
N PHE A 23 -10.72 5.13 -5.33
CA PHE A 23 -9.64 4.23 -4.97
C PHE A 23 -9.29 3.33 -6.14
N LYS A 24 -10.33 2.71 -6.71
CA LYS A 24 -10.19 1.79 -7.82
C LYS A 24 -9.51 2.47 -9.02
N THR A 25 -9.88 3.73 -9.27
CA THR A 25 -9.29 4.48 -10.35
C THR A 25 -7.81 4.76 -10.07
N THR A 26 -7.53 5.24 -8.87
CA THR A 26 -6.18 5.58 -8.45
C THR A 26 -5.26 4.37 -8.48
N THR A 27 -5.73 3.24 -7.97
CA THR A 27 -4.94 2.02 -7.93
C THR A 27 -4.58 1.53 -9.32
N GLN A 28 -5.47 1.75 -10.28
CA GLN A 28 -5.23 1.32 -11.64
C GLN A 28 -4.16 2.20 -12.30
N GLU A 29 -4.24 3.50 -12.03
CA GLU A 29 -3.29 4.47 -12.58
C GLU A 29 -1.85 4.09 -12.23
N VAL A 30 -1.60 3.86 -10.95
CA VAL A 30 -0.27 3.48 -10.50
C VAL A 30 0.10 2.07 -10.94
N ARG A 31 -0.91 1.22 -11.10
CA ARG A 31 -0.69 -0.15 -11.53
C ARG A 31 -0.15 -0.18 -12.95
N GLN A 32 -0.78 0.59 -13.84
CA GLN A 32 -0.34 0.62 -15.24
C GLN A 32 0.93 1.44 -15.41
N LEU A 33 1.20 2.32 -14.45
CA LEU A 33 2.38 3.17 -14.50
C LEU A 33 3.64 2.38 -14.16
N LEU A 34 3.65 1.74 -12.99
CA LEU A 34 4.81 0.97 -12.56
C LEU A 34 4.74 -0.47 -13.06
N ARG A 35 3.59 -0.84 -13.66
CA ARG A 35 3.38 -2.17 -14.23
C ARG A 35 3.42 -3.27 -13.15
N CYS A 36 2.96 -2.93 -11.96
CA CYS A 36 2.98 -3.86 -10.83
C CYS A 36 1.85 -4.89 -10.94
N ASP A 37 2.08 -6.09 -10.42
CA ASP A 37 1.09 -7.14 -10.46
C ASP A 37 0.01 -6.85 -9.44
N ARG A 38 0.44 -6.40 -8.26
CA ARG A 38 -0.48 -6.15 -7.16
C ARG A 38 -0.26 -4.76 -6.58
N VAL A 39 -1.31 -3.98 -6.56
CA VAL A 39 -1.32 -2.68 -5.92
C VAL A 39 -2.47 -2.66 -4.93
N ALA A 40 -2.21 -2.29 -3.70
CA ALA A 40 -3.24 -2.34 -2.67
C ALA A 40 -3.20 -1.14 -1.74
N VAL A 41 -4.37 -0.68 -1.36
CA VAL A 41 -4.50 0.44 -0.44
C VAL A 41 -4.82 -0.07 0.96
N TYR A 42 -4.03 0.37 1.93
CA TYR A 42 -4.25 0.02 3.32
C TYR A 42 -4.80 1.23 4.05
N ARG A 43 -5.52 1.00 5.12
CA ARG A 43 -6.00 2.09 5.95
C ARG A 43 -5.61 1.82 7.38
N PHE A 44 -5.14 2.83 8.08
CA PHE A 44 -4.78 2.61 9.46
C PHE A 44 -6.02 2.62 10.32
N ASN A 45 -6.27 1.49 10.93
CA ASN A 45 -7.40 1.32 11.84
C ASN A 45 -6.96 1.78 13.23
N PRO A 46 -7.86 2.42 14.02
CA PRO A 46 -7.56 2.80 15.42
C PRO A 46 -6.89 1.69 16.24
N ASN A 47 -7.10 0.43 15.83
CA ASN A 47 -6.48 -0.73 16.51
C ASN A 47 -5.06 -0.97 15.98
N TRP A 48 -4.67 -0.14 15.01
CA TRP A 48 -3.36 -0.19 14.38
C TRP A 48 -3.14 -1.45 13.56
N THR A 49 -4.23 -2.01 13.06
CA THR A 49 -4.16 -3.19 12.24
C THR A 49 -3.74 -2.84 10.81
N GLY A 50 -4.35 -1.78 10.27
CA GLY A 50 -4.00 -1.33 8.94
C GLY A 50 -4.36 -2.34 7.86
N GLU A 51 -5.64 -2.42 7.54
CA GLU A 51 -6.13 -3.45 6.64
C GLU A 51 -6.38 -2.91 5.24
N PHE A 52 -6.70 -3.83 4.33
CA PHE A 52 -6.95 -3.50 2.94
C PHE A 52 -8.34 -2.89 2.77
N VAL A 53 -8.50 -2.09 1.75
CA VAL A 53 -9.79 -1.51 1.42
C VAL A 53 -10.11 -1.68 -0.08
N ALA A 54 -9.08 -1.65 -0.90
CA ALA A 54 -9.24 -1.84 -2.35
C ALA A 54 -7.89 -2.21 -2.97
N GLU A 55 -7.92 -3.03 -4.02
CA GLU A 55 -6.68 -3.41 -4.70
C GLU A 55 -6.87 -3.45 -6.21
N SER A 56 -5.76 -3.29 -6.92
CA SER A 56 -5.72 -3.41 -8.35
C SER A 56 -4.76 -4.51 -8.73
N VAL A 57 -5.28 -5.58 -9.27
CA VAL A 57 -4.48 -6.73 -9.61
C VAL A 57 -4.95 -7.37 -10.91
N ALA A 58 -4.02 -7.89 -11.69
CA ALA A 58 -4.35 -8.57 -12.92
C ALA A 58 -4.89 -9.97 -12.61
N HIS A 59 -5.70 -10.51 -13.52
CA HIS A 59 -6.36 -11.82 -13.31
C HIS A 59 -5.36 -12.98 -13.20
N THR A 60 -4.13 -12.73 -13.58
CA THR A 60 -3.09 -13.74 -13.55
C THR A 60 -2.46 -13.89 -12.17
N TRP A 61 -2.94 -13.12 -11.20
CA TRP A 61 -2.37 -13.14 -9.87
C TRP A 61 -3.47 -13.31 -8.81
N VAL A 62 -3.05 -13.34 -7.54
CA VAL A 62 -3.99 -13.49 -6.41
C VAL A 62 -4.59 -12.14 -5.99
N LYS A 63 -5.70 -12.21 -5.24
CA LYS A 63 -6.39 -11.00 -4.76
C LYS A 63 -5.95 -10.64 -3.35
N LEU A 64 -6.16 -9.39 -2.96
CA LEU A 64 -5.77 -8.92 -1.63
C LEU A 64 -6.98 -8.43 -0.84
N VAL A 65 -8.11 -8.30 -1.52
CA VAL A 65 -9.35 -7.87 -0.88
C VAL A 65 -10.46 -8.88 -1.21
N GLY A 66 -10.07 -10.13 -1.47
CA GLY A 66 -11.04 -11.14 -1.81
C GLY A 66 -10.82 -12.45 -1.08
N PRO A 67 -11.44 -13.54 -1.56
CA PRO A 67 -11.34 -14.86 -0.94
C PRO A 67 -10.10 -15.64 -1.40
N ASP A 68 -9.22 -14.96 -2.10
CA ASP A 68 -8.00 -15.59 -2.60
C ASP A 68 -6.81 -15.22 -1.73
N ILE A 69 -7.10 -14.62 -0.60
CA ILE A 69 -6.07 -14.22 0.34
C ILE A 69 -5.63 -15.42 1.16
N LYS A 70 -4.38 -15.78 1.04
CA LYS A 70 -3.84 -16.90 1.79
C LYS A 70 -2.73 -16.43 2.71
N THR A 71 -3.03 -16.38 3.99
CA THR A 71 -2.05 -16.00 4.96
C THR A 71 -1.55 -17.18 5.71
N VAL A 72 -0.26 -17.30 5.84
CA VAL A 72 0.31 -18.36 6.62
C VAL A 72 0.30 -17.97 8.10
N TRP A 73 0.46 -16.67 8.35
CA TRP A 73 0.38 -16.11 9.68
C TRP A 73 -0.35 -14.78 9.58
N GLU A 74 -1.07 -14.42 10.61
CA GLU A 74 -1.72 -13.13 10.63
C GLU A 74 -0.72 -12.07 11.04
N ASP A 75 -0.14 -11.44 10.04
CA ASP A 75 0.94 -10.49 10.23
C ASP A 75 0.44 -9.05 10.14
N THR A 76 0.56 -8.30 11.23
CA THR A 76 0.30 -6.88 11.13
C THR A 76 1.63 -6.12 11.28
N HIS A 77 1.88 -5.19 10.38
CA HIS A 77 3.07 -4.33 10.43
C HIS A 77 2.82 -3.05 11.16
N LEU A 78 1.59 -2.70 11.30
CA LEU A 78 1.31 -1.33 11.62
C LEU A 78 1.28 -1.13 13.10
N GLN A 79 0.93 -2.20 13.81
CA GLN A 79 0.86 -2.19 15.25
C GLN A 79 2.23 -1.94 15.85
N GLU A 80 3.27 -2.53 15.23
CA GLU A 80 4.62 -2.33 15.71
C GLU A 80 5.05 -0.87 15.54
N THR A 81 4.68 -0.28 14.42
CA THR A 81 5.04 1.11 14.14
C THR A 81 4.15 2.07 14.90
N GLN A 82 2.93 1.61 15.24
CA GLN A 82 1.91 2.43 15.96
C GLN A 82 1.80 3.84 15.36
N GLY A 83 2.04 3.92 14.05
CA GLY A 83 2.02 5.19 13.37
C GLY A 83 3.20 6.06 13.75
N GLY A 84 4.42 5.55 13.53
CA GLY A 84 5.59 6.33 13.85
C GLY A 84 6.36 6.77 12.63
N ARG A 85 7.03 5.83 11.98
CA ARG A 85 7.85 6.12 10.77
C ARG A 85 7.06 6.89 9.72
N TYR A 86 6.04 6.26 9.18
CA TYR A 86 5.23 6.85 8.12
C TYR A 86 4.58 8.15 8.60
N ALA A 87 4.04 8.14 9.81
CA ALA A 87 3.46 9.34 10.44
C ALA A 87 4.46 10.50 10.48
N GLN A 88 5.75 10.18 10.52
CA GLN A 88 6.81 11.18 10.56
C GLN A 88 7.16 11.66 9.14
N GLY A 89 6.47 11.09 8.15
CA GLY A 89 6.70 11.48 6.77
C GLY A 89 7.79 10.65 6.13
N GLU A 90 8.05 9.48 6.68
CA GLU A 90 9.09 8.61 6.15
C GLU A 90 8.51 7.61 5.15
N ASN A 91 9.01 7.65 3.93
CA ASN A 91 8.63 6.69 2.91
C ASN A 91 9.57 5.48 2.99
N PHE A 92 9.09 4.30 2.63
CA PHE A 92 9.91 3.10 2.71
C PHE A 92 10.12 2.49 1.34
N VAL A 93 11.38 2.36 0.94
CA VAL A 93 11.72 1.79 -0.35
C VAL A 93 12.42 0.45 -0.19
N VAL A 94 11.88 -0.58 -0.82
CA VAL A 94 12.49 -1.89 -0.76
C VAL A 94 12.86 -2.37 -2.15
N ASN A 95 14.13 -2.20 -2.50
CA ASN A 95 14.64 -2.62 -3.81
C ASN A 95 14.47 -4.11 -3.99
N ASP A 96 14.61 -4.82 -2.90
CA ASP A 96 14.40 -6.25 -2.86
C ASP A 96 14.39 -6.67 -1.42
N ILE A 97 13.40 -7.44 -1.03
CA ILE A 97 13.25 -7.84 0.37
C ILE A 97 14.43 -8.67 0.90
N TYR A 98 15.12 -9.38 0.01
CA TYR A 98 16.23 -10.25 0.41
C TYR A 98 17.53 -9.47 0.57
N GLN A 99 17.55 -8.25 0.04
CA GLN A 99 18.78 -7.46 0.07
C GLN A 99 18.77 -6.48 1.23
N VAL A 100 17.57 -6.11 1.68
CA VAL A 100 17.44 -5.16 2.78
C VAL A 100 17.42 -5.86 4.13
N GLY A 101 17.32 -7.19 4.13
CA GLY A 101 17.36 -7.92 5.39
C GLY A 101 16.01 -8.06 6.06
N HIS A 102 14.96 -8.24 5.25
CA HIS A 102 13.60 -8.41 5.78
C HIS A 102 13.52 -9.53 6.81
N SER A 103 12.53 -9.45 7.70
CA SER A 103 12.36 -10.43 8.74
C SER A 103 11.88 -11.78 8.16
N PRO A 104 12.52 -12.88 8.58
CA PRO A 104 12.24 -14.23 8.06
C PRO A 104 10.75 -14.62 8.10
N CYS A 105 10.09 -14.32 9.21
CA CYS A 105 8.69 -14.69 9.39
C CYS A 105 7.80 -13.93 8.42
N HIS A 106 8.22 -12.73 8.08
CA HIS A 106 7.46 -11.90 7.18
C HIS A 106 7.77 -12.28 5.73
N ILE A 107 9.01 -12.70 5.48
CA ILE A 107 9.44 -13.08 4.14
C ILE A 107 8.68 -14.29 3.62
N GLU A 108 8.46 -15.28 4.48
CA GLU A 108 7.73 -16.47 4.06
C GLU A 108 6.30 -16.10 3.67
N ILE A 109 5.73 -15.13 4.41
CA ILE A 109 4.41 -14.61 4.10
C ILE A 109 4.45 -13.88 2.75
N LEU A 110 5.48 -13.06 2.58
CA LEU A 110 5.67 -12.29 1.36
C LEU A 110 5.74 -13.19 0.12
N GLU A 111 6.40 -14.33 0.27
CA GLU A 111 6.56 -15.26 -0.83
C GLU A 111 5.22 -15.90 -1.22
N GLN A 112 4.25 -15.85 -0.34
CA GLN A 112 2.93 -16.41 -0.62
C GLN A 112 2.13 -15.48 -1.51
N PHE A 113 2.47 -14.20 -1.46
CA PHE A 113 1.78 -13.20 -2.26
C PHE A 113 2.70 -12.71 -3.38
N GLU A 114 3.81 -13.44 -3.56
CA GLU A 114 4.80 -13.16 -4.61
C GLU A 114 5.44 -11.76 -4.49
N VAL A 115 5.36 -11.18 -3.30
CA VAL A 115 5.93 -9.86 -3.08
C VAL A 115 7.39 -9.97 -2.63
N LYS A 116 8.29 -9.85 -3.59
CA LYS A 116 9.72 -9.94 -3.31
C LYS A 116 10.37 -8.56 -3.24
N ALA A 117 9.62 -7.52 -3.60
CA ALA A 117 10.11 -6.15 -3.52
C ALA A 117 8.93 -5.23 -3.54
N TYR A 118 9.07 -4.04 -2.97
CA TYR A 118 7.94 -3.13 -2.86
C TYR A 118 8.35 -1.75 -2.39
N VAL A 119 7.39 -0.88 -2.30
CA VAL A 119 7.60 0.48 -1.84
C VAL A 119 6.37 0.95 -1.07
N ILE A 120 6.59 1.58 0.07
CA ILE A 120 5.49 2.01 0.93
C ILE A 120 5.35 3.53 0.93
N VAL A 121 4.22 3.96 0.42
CA VAL A 121 3.89 5.38 0.38
C VAL A 121 2.75 5.72 1.36
N PRO A 122 3.07 6.49 2.42
CA PRO A 122 2.10 6.91 3.45
C PRO A 122 1.08 7.90 2.88
N VAL A 123 -0.19 7.70 3.22
CA VAL A 123 -1.24 8.58 2.74
C VAL A 123 -1.81 9.45 3.87
N PHE A 124 -1.30 10.66 3.98
CA PHE A 124 -1.86 11.64 4.91
C PHE A 124 -3.15 12.23 4.35
N ALA A 125 -4.23 12.15 5.12
CA ALA A 125 -5.53 12.65 4.66
C ALA A 125 -6.50 12.87 5.81
N GLY A 126 -6.61 14.12 6.27
CA GLY A 126 -7.57 14.46 7.32
C GLY A 126 -7.22 13.93 8.69
N GLU A 127 -7.21 12.61 8.82
CA GLU A 127 -6.90 11.95 10.08
C GLU A 127 -5.39 11.75 10.22
N GLN A 128 -4.62 12.64 9.57
CA GLN A 128 -3.17 12.55 9.52
C GLN A 128 -2.78 11.31 8.76
N LEU A 129 -2.37 10.30 9.45
CA LEU A 129 -1.99 9.08 8.81
C LEU A 129 -3.23 8.25 8.51
N TRP A 130 -3.81 8.50 7.35
CA TRP A 130 -5.06 7.89 6.94
C TRP A 130 -4.85 6.53 6.29
N GLY A 131 -3.68 6.27 5.74
CA GLY A 131 -3.54 5.07 4.96
C GLY A 131 -2.19 4.99 4.30
N LEU A 132 -2.05 4.03 3.41
CA LEU A 132 -0.83 3.81 2.68
C LEU A 132 -1.12 3.04 1.40
N LEU A 133 -0.14 2.94 0.54
CA LEU A 133 -0.29 2.26 -0.73
C LEU A 133 0.90 1.35 -0.96
N ALA A 134 0.64 0.10 -1.27
CA ALA A 134 1.69 -0.86 -1.53
C ALA A 134 1.73 -1.23 -3.00
N ALA A 135 2.92 -1.09 -3.58
CA ALA A 135 3.14 -1.44 -4.96
C ALA A 135 4.23 -2.49 -5.05
N TYR A 136 3.90 -3.66 -5.59
CA TYR A 136 4.88 -4.74 -5.68
C TYR A 136 4.61 -5.63 -6.88
N GLN A 137 5.65 -6.34 -7.33
CA GLN A 137 5.53 -7.19 -8.51
C GLN A 137 6.69 -8.15 -8.66
N ASN A 138 6.46 -9.42 -8.27
CA ASN A 138 7.45 -10.54 -8.36
C ASN A 138 8.89 -10.04 -8.31
N SER A 139 9.20 -9.26 -7.26
CA SER A 139 10.47 -8.55 -7.14
C SER A 139 10.46 -7.40 -8.14
N GLY A 140 10.55 -7.74 -9.43
CA GLY A 140 10.49 -6.78 -10.54
C GLY A 140 11.51 -5.63 -10.51
N THR A 141 11.46 -4.83 -9.48
CA THR A 141 12.26 -3.63 -9.38
C THR A 141 13.77 -3.87 -9.37
N ARG A 142 14.25 -4.70 -8.43
CA ARG A 142 15.69 -4.89 -8.20
C ARG A 142 16.30 -3.63 -7.56
N ASP A 143 16.09 -2.49 -8.23
CA ASP A 143 16.56 -1.20 -7.75
C ASP A 143 15.54 -0.10 -8.11
N TRP A 144 14.99 0.58 -7.10
CA TRP A 144 14.04 1.67 -7.36
C TRP A 144 14.79 2.96 -7.59
N ASP A 145 14.26 3.78 -8.49
CA ASP A 145 14.82 5.09 -8.73
C ASP A 145 14.06 6.12 -7.90
N GLU A 146 14.72 7.19 -7.52
CA GLU A 146 14.12 8.21 -6.66
C GLU A 146 12.93 8.85 -7.34
N SER A 147 13.03 9.06 -8.64
CA SER A 147 11.96 9.70 -9.41
C SER A 147 10.69 8.84 -9.46
N GLU A 148 10.85 7.55 -9.21
CA GLU A 148 9.72 6.62 -9.22
C GLU A 148 9.02 6.63 -7.88
N VAL A 149 9.82 6.69 -6.82
CA VAL A 149 9.30 6.70 -5.46
C VAL A 149 8.55 8.00 -5.17
N THR A 150 9.16 9.11 -5.56
CA THR A 150 8.56 10.43 -5.32
C THR A 150 7.24 10.58 -6.07
N LEU A 151 7.18 10.01 -7.27
CA LEU A 151 5.97 10.09 -8.08
C LEU A 151 4.86 9.25 -7.47
N LEU A 152 5.20 8.09 -6.94
CA LEU A 152 4.20 7.22 -6.30
C LEU A 152 3.65 7.88 -5.05
N ALA A 153 4.53 8.46 -4.25
CA ALA A 153 4.12 9.15 -3.03
C ALA A 153 3.38 10.43 -3.35
N ARG A 154 3.54 10.91 -4.58
CA ARG A 154 2.90 12.14 -5.02
C ARG A 154 1.42 11.87 -5.28
N ILE A 155 1.12 10.71 -5.85
CA ILE A 155 -0.24 10.31 -6.13
C ILE A 155 -0.98 10.03 -4.83
N GLY A 156 -0.25 9.56 -3.82
CA GLY A 156 -0.84 9.31 -2.52
C GLY A 156 -1.41 10.59 -1.92
N ASN A 157 -0.70 11.69 -2.13
CA ASN A 157 -1.13 12.99 -1.65
C ASN A 157 -2.38 13.45 -2.40
N GLN A 158 -2.45 13.10 -3.69
CA GLN A 158 -3.60 13.45 -4.52
C GLN A 158 -4.88 12.81 -3.96
N LEU A 159 -4.74 11.59 -3.45
CA LEU A 159 -5.86 10.89 -2.85
C LEU A 159 -6.23 11.54 -1.53
N GLY A 160 -5.23 12.05 -0.82
CA GLY A 160 -5.47 12.72 0.44
C GLY A 160 -6.39 13.91 0.27
N LEU A 161 -6.19 14.65 -0.81
CA LEU A 161 -7.01 15.80 -1.13
C LEU A 161 -8.45 15.34 -1.41
N ALA A 162 -8.57 14.30 -2.23
CA ALA A 162 -9.88 13.72 -2.59
C ALA A 162 -10.61 13.25 -1.34
N LEU A 163 -9.88 12.58 -0.47
CA LEU A 163 -10.42 12.08 0.76
C LEU A 163 -10.99 13.22 1.61
N GLN A 164 -10.22 14.31 1.74
CA GLN A 164 -10.67 15.46 2.51
C GLN A 164 -11.79 16.22 1.80
N GLN A 165 -11.85 16.08 0.49
CA GLN A 165 -12.90 16.71 -0.30
C GLN A 165 -14.25 16.11 0.06
N THR A 166 -14.25 14.80 0.26
CA THR A 166 -15.46 14.07 0.59
C THR A 166 -16.00 14.47 1.97
N GLU A 167 -15.12 15.04 2.80
CA GLU A 167 -15.47 15.49 4.15
C GLU A 167 -16.65 16.45 4.11
N TYR A 168 -16.66 17.34 3.10
CA TYR A 168 -17.72 18.33 2.96
C TYR A 168 -19.00 17.69 2.45
N LEU A 169 -18.84 16.73 1.54
CA LEU A 169 -19.98 16.04 0.95
C LEU A 169 -20.74 15.26 2.01
N GLN A 170 -20.02 14.60 2.89
CA GLN A 170 -20.63 13.87 3.98
C GLN A 170 -21.12 14.84 5.05
N GLN A 171 -20.24 15.79 5.41
CA GLN A 171 -20.54 16.84 6.39
C GLN A 171 -20.76 16.26 7.79
N VAL A 172 -21.94 15.71 8.01
CA VAL A 172 -22.29 15.13 9.30
C VAL A 172 -22.41 13.63 9.15
N SER A 17 -20.59 5.88 -4.25
CA SER A 17 -19.39 5.03 -4.29
C SER A 17 -18.16 5.80 -4.76
N ASP A 18 -18.23 7.14 -4.69
CA ASP A 18 -17.14 8.01 -5.17
C ASP A 18 -15.79 7.59 -4.60
N VAL A 19 -15.72 7.51 -3.28
CA VAL A 19 -14.49 7.15 -2.59
C VAL A 19 -13.95 5.79 -3.07
N GLU A 20 -14.86 4.83 -3.21
CA GLU A 20 -14.53 3.49 -3.68
C GLU A 20 -13.94 3.52 -5.09
N GLU A 21 -14.63 4.22 -5.98
CA GLU A 21 -14.23 4.33 -7.37
C GLU A 21 -12.90 5.08 -7.53
N ILE A 22 -12.74 6.15 -6.77
CA ILE A 22 -11.51 6.96 -6.84
C ILE A 22 -10.27 6.10 -6.51
N PHE A 23 -10.36 5.32 -5.44
CA PHE A 23 -9.23 4.49 -5.01
C PHE A 23 -8.83 3.51 -6.10
N LYS A 24 -9.81 2.77 -6.61
CA LYS A 24 -9.57 1.77 -7.65
C LYS A 24 -9.01 2.41 -8.93
N THR A 25 -9.37 3.66 -9.15
CA THR A 25 -8.87 4.39 -10.30
C THR A 25 -7.39 4.72 -10.12
N THR A 26 -7.03 5.24 -8.94
CA THR A 26 -5.67 5.62 -8.66
C THR A 26 -4.72 4.40 -8.65
N THR A 27 -5.18 3.29 -8.10
CA THR A 27 -4.38 2.08 -8.02
C THR A 27 -4.07 1.52 -9.40
N GLN A 28 -5.08 1.47 -10.25
CA GLN A 28 -4.92 0.96 -11.61
C GLN A 28 -3.95 1.82 -12.40
N GLU A 29 -4.12 3.13 -12.31
CA GLU A 29 -3.27 4.08 -13.03
C GLU A 29 -1.80 3.94 -12.63
N VAL A 30 -1.53 3.98 -11.33
CA VAL A 30 -0.15 3.92 -10.85
C VAL A 30 0.46 2.54 -11.12
N ARG A 31 -0.35 1.50 -11.02
CA ARG A 31 0.11 0.14 -11.28
C ARG A 31 0.57 0.01 -12.72
N GLN A 32 -0.23 0.57 -13.62
CA GLN A 32 0.06 0.52 -15.05
C GLN A 32 1.28 1.38 -15.38
N LEU A 33 1.39 2.53 -14.72
CA LEU A 33 2.50 3.45 -14.94
C LEU A 33 3.82 2.81 -14.50
N LEU A 34 3.85 2.31 -13.28
CA LEU A 34 5.06 1.70 -12.73
C LEU A 34 5.23 0.27 -13.23
N ARG A 35 4.27 -0.20 -14.02
CA ARG A 35 4.29 -1.54 -14.63
C ARG A 35 4.34 -2.63 -13.56
N CYS A 36 3.71 -2.35 -12.42
CA CYS A 36 3.68 -3.28 -11.31
C CYS A 36 2.62 -4.36 -11.50
N ASP A 37 2.69 -5.42 -10.71
CA ASP A 37 1.74 -6.51 -10.82
C ASP A 37 0.48 -6.20 -10.04
N ARG A 38 0.64 -5.58 -8.87
CA ARG A 38 -0.49 -5.30 -8.01
C ARG A 38 -0.22 -4.12 -7.09
N VAL A 39 -1.28 -3.37 -6.81
CA VAL A 39 -1.24 -2.25 -5.88
C VAL A 39 -2.43 -2.37 -4.94
N ALA A 40 -2.22 -2.15 -3.65
CA ALA A 40 -3.27 -2.31 -2.66
C ALA A 40 -3.35 -1.13 -1.72
N VAL A 41 -4.57 -0.74 -1.38
CA VAL A 41 -4.79 0.38 -0.49
C VAL A 41 -5.06 -0.12 0.93
N TYR A 42 -4.25 0.33 1.84
CA TYR A 42 -4.37 -0.01 3.25
C TYR A 42 -5.00 1.15 4.02
N ARG A 43 -5.72 0.81 5.08
CA ARG A 43 -6.29 1.81 5.96
C ARG A 43 -5.94 1.47 7.38
N PHE A 44 -5.51 2.45 8.15
CA PHE A 44 -5.18 2.20 9.53
C PHE A 44 -6.43 2.01 10.34
N ASN A 45 -6.58 0.82 10.89
CA ASN A 45 -7.71 0.48 11.73
C ASN A 45 -7.49 1.08 13.11
N PRO A 46 -8.57 1.48 13.83
CA PRO A 46 -8.46 2.01 15.20
C PRO A 46 -7.56 1.17 16.13
N ASN A 47 -7.55 -0.15 15.93
CA ASN A 47 -6.72 -1.04 16.76
C ASN A 47 -5.29 -1.10 16.24
N TRP A 48 -5.04 -0.40 15.14
CA TRP A 48 -3.73 -0.29 14.50
C TRP A 48 -3.41 -1.57 13.76
N THR A 49 -4.47 -2.23 13.33
CA THR A 49 -4.37 -3.45 12.59
C THR A 49 -3.98 -3.18 11.14
N GLY A 50 -4.61 -2.17 10.53
CA GLY A 50 -4.29 -1.82 9.16
C GLY A 50 -4.93 -2.76 8.15
N GLU A 51 -6.23 -2.58 7.94
CA GLU A 51 -6.99 -3.46 7.06
C GLU A 51 -6.96 -2.97 5.60
N PHE A 52 -7.51 -3.79 4.72
CA PHE A 52 -7.55 -3.49 3.29
C PHE A 52 -8.86 -2.81 2.93
N VAL A 53 -8.87 -2.14 1.79
CA VAL A 53 -10.08 -1.49 1.30
C VAL A 53 -10.25 -1.64 -0.21
N ALA A 54 -9.16 -1.49 -0.96
CA ALA A 54 -9.21 -1.61 -2.42
C ALA A 54 -7.89 -2.12 -2.96
N GLU A 55 -7.95 -2.97 -3.99
CA GLU A 55 -6.75 -3.51 -4.60
C GLU A 55 -6.95 -3.73 -6.09
N SER A 56 -5.92 -3.39 -6.86
CA SER A 56 -5.94 -3.57 -8.30
C SER A 56 -4.76 -4.45 -8.74
N VAL A 57 -5.05 -5.51 -9.47
CA VAL A 57 -4.03 -6.45 -9.90
C VAL A 57 -4.37 -6.99 -11.29
N ALA A 58 -3.34 -7.38 -12.04
CA ALA A 58 -3.55 -7.99 -13.34
C ALA A 58 -4.04 -9.42 -13.17
N HIS A 59 -4.75 -9.92 -14.16
CA HIS A 59 -5.37 -11.27 -14.11
C HIS A 59 -4.33 -12.41 -14.06
N THR A 60 -3.07 -12.07 -14.16
CA THR A 60 -2.00 -13.06 -14.17
C THR A 60 -1.41 -13.27 -12.78
N TRP A 61 -1.85 -12.47 -11.81
CA TRP A 61 -1.26 -12.55 -10.48
C TRP A 61 -2.31 -12.83 -9.42
N VAL A 62 -1.88 -12.79 -8.18
CA VAL A 62 -2.71 -13.11 -7.06
C VAL A 62 -3.49 -11.89 -6.56
N LYS A 63 -4.74 -12.10 -6.19
CA LYS A 63 -5.58 -11.03 -5.68
C LYS A 63 -6.15 -11.39 -4.32
N LEU A 64 -6.33 -10.39 -3.48
CA LEU A 64 -6.90 -10.59 -2.17
C LEU A 64 -8.02 -9.55 -1.90
N VAL A 65 -7.95 -8.87 -0.75
CA VAL A 65 -8.99 -7.91 -0.31
C VAL A 65 -10.40 -8.51 -0.49
N GLY A 66 -10.61 -9.66 0.12
CA GLY A 66 -11.89 -10.30 0.09
C GLY A 66 -12.16 -10.99 1.41
N PRO A 67 -13.20 -11.81 1.49
CA PRO A 67 -13.53 -12.55 2.70
C PRO A 67 -12.79 -13.88 2.78
N ASP A 68 -11.89 -14.10 1.82
CA ASP A 68 -11.15 -15.36 1.73
C ASP A 68 -9.68 -15.17 2.07
N ILE A 69 -9.36 -14.10 2.80
CA ILE A 69 -7.98 -13.78 3.14
C ILE A 69 -7.39 -14.83 4.08
N LYS A 70 -6.48 -15.63 3.56
CA LYS A 70 -5.79 -16.62 4.36
C LYS A 70 -4.29 -16.35 4.36
N THR A 71 -3.81 -15.92 5.50
CA THR A 71 -2.41 -15.65 5.68
C THR A 71 -1.77 -16.80 6.47
N VAL A 72 -0.51 -17.12 6.14
CA VAL A 72 0.22 -18.19 6.83
C VAL A 72 0.20 -17.98 8.34
N TRP A 73 0.51 -16.77 8.76
CA TRP A 73 0.48 -16.39 10.16
C TRP A 73 0.16 -14.91 10.26
N GLU A 74 -0.59 -14.53 11.28
CA GLU A 74 -0.99 -13.13 11.45
C GLU A 74 0.23 -12.24 11.69
N ASP A 75 0.20 -11.07 11.08
CA ASP A 75 1.31 -10.14 11.15
C ASP A 75 0.80 -8.72 11.10
N THR A 76 0.97 -7.97 12.18
CA THR A 76 0.68 -6.57 12.08
C THR A 76 1.99 -5.78 12.17
N HIS A 77 2.19 -4.90 11.24
CA HIS A 77 3.31 -3.98 11.25
C HIS A 77 2.94 -2.67 11.88
N LEU A 78 1.65 -2.44 12.02
CA LEU A 78 1.20 -1.10 12.25
C LEU A 78 1.12 -0.84 13.72
N GLN A 79 0.61 -1.83 14.44
CA GLN A 79 0.48 -1.79 15.88
C GLN A 79 1.86 -1.67 16.53
N GLU A 80 2.86 -2.31 15.93
CA GLU A 80 4.21 -2.27 16.45
C GLU A 80 4.79 -0.84 16.44
N THR A 81 4.63 -0.15 15.33
CA THR A 81 5.15 1.20 15.22
C THR A 81 4.16 2.25 15.76
N GLN A 82 2.88 1.89 15.77
CA GLN A 82 1.82 2.76 16.30
C GLN A 82 1.63 4.01 15.43
N GLY A 83 2.14 3.96 14.20
CA GLY A 83 1.98 5.06 13.30
C GLY A 83 3.21 5.93 13.24
N GLY A 84 4.02 5.87 14.31
CA GLY A 84 5.20 6.71 14.43
C GLY A 84 6.11 6.69 13.22
N ARG A 85 6.56 5.51 12.84
CA ARG A 85 7.50 5.35 11.72
C ARG A 85 6.92 5.82 10.38
N TYR A 86 5.59 6.03 10.31
CA TYR A 86 5.02 6.43 9.04
C TYR A 86 4.83 7.92 9.10
N ALA A 87 4.04 8.27 10.14
CA ALA A 87 3.71 9.64 10.55
C ALA A 87 4.92 10.60 10.53
N GLN A 88 6.14 10.06 10.57
CA GLN A 88 7.34 10.89 10.48
C GLN A 88 7.46 11.50 9.07
N GLY A 89 6.71 10.96 8.12
CA GLY A 89 6.75 11.47 6.76
C GLY A 89 7.84 10.83 5.96
N GLU A 90 8.25 9.64 6.36
CA GLU A 90 9.35 8.95 5.73
C GLU A 90 8.87 8.01 4.61
N ASN A 91 9.71 7.83 3.61
CA ASN A 91 9.43 6.95 2.48
C ASN A 91 10.18 5.64 2.65
N PHE A 92 9.52 4.52 2.42
CA PHE A 92 10.15 3.22 2.57
C PHE A 92 10.22 2.50 1.23
N VAL A 93 11.42 2.23 0.75
CA VAL A 93 11.62 1.60 -0.55
C VAL A 93 12.30 0.24 -0.40
N VAL A 94 11.75 -0.76 -1.06
CA VAL A 94 12.34 -2.08 -1.07
C VAL A 94 12.60 -2.52 -2.51
N ASN A 95 13.84 -2.36 -2.95
CA ASN A 95 14.25 -2.74 -4.29
C ASN A 95 14.14 -4.24 -4.48
N ASP A 96 14.42 -4.95 -3.42
CA ASP A 96 14.26 -6.39 -3.36
C ASP A 96 14.28 -6.79 -1.92
N ILE A 97 13.28 -7.54 -1.50
CA ILE A 97 13.16 -7.93 -0.07
C ILE A 97 14.44 -8.57 0.47
N TYR A 98 15.04 -9.43 -0.31
CA TYR A 98 16.20 -10.19 0.12
C TYR A 98 17.46 -9.34 0.19
N GLN A 99 17.38 -8.12 -0.30
CA GLN A 99 18.53 -7.24 -0.31
C GLN A 99 18.44 -6.23 0.84
N VAL A 100 17.31 -6.27 1.55
CA VAL A 100 17.09 -5.34 2.65
C VAL A 100 17.46 -5.97 3.99
N GLY A 101 17.33 -7.28 4.08
CA GLY A 101 17.58 -7.95 5.34
C GLY A 101 16.33 -8.00 6.18
N HIS A 102 15.19 -8.16 5.51
CA HIS A 102 13.88 -8.21 6.16
C HIS A 102 13.76 -9.38 7.12
N SER A 103 12.69 -9.37 7.91
CA SER A 103 12.44 -10.42 8.88
C SER A 103 11.84 -11.66 8.20
N PRO A 104 12.45 -12.84 8.44
CA PRO A 104 12.04 -14.12 7.83
C PRO A 104 10.53 -14.42 7.94
N CYS A 105 9.94 -14.09 9.09
CA CYS A 105 8.53 -14.40 9.31
C CYS A 105 7.65 -13.60 8.38
N HIS A 106 8.05 -12.38 8.13
CA HIS A 106 7.30 -11.47 7.30
C HIS A 106 7.56 -11.76 5.82
N ILE A 107 8.78 -12.17 5.51
CA ILE A 107 9.13 -12.49 4.13
C ILE A 107 8.30 -13.66 3.61
N GLU A 108 8.04 -14.64 4.48
CA GLU A 108 7.20 -15.77 4.12
C GLU A 108 5.81 -15.30 3.74
N ILE A 109 5.28 -14.38 4.54
CA ILE A 109 3.97 -13.80 4.30
C ILE A 109 3.97 -13.04 2.96
N LEU A 110 5.04 -12.28 2.74
CA LEU A 110 5.18 -11.48 1.54
C LEU A 110 5.27 -12.35 0.29
N GLU A 111 6.27 -13.23 0.26
CA GLU A 111 6.53 -14.08 -0.91
C GLU A 111 5.32 -14.96 -1.27
N GLN A 112 4.55 -15.36 -0.26
CA GLN A 112 3.36 -16.18 -0.49
C GLN A 112 2.38 -15.43 -1.40
N PHE A 113 2.22 -14.15 -1.13
CA PHE A 113 1.34 -13.30 -1.93
C PHE A 113 2.11 -12.66 -3.10
N GLU A 114 3.17 -13.35 -3.53
CA GLU A 114 4.05 -12.90 -4.63
C GLU A 114 4.77 -11.58 -4.36
N VAL A 115 4.70 -11.10 -3.14
CA VAL A 115 5.38 -9.87 -2.78
C VAL A 115 6.87 -10.15 -2.60
N LYS A 116 7.64 -9.77 -3.57
CA LYS A 116 9.07 -10.01 -3.55
C LYS A 116 9.87 -8.69 -3.52
N ALA A 117 9.21 -7.61 -3.88
CA ALA A 117 9.81 -6.27 -3.85
C ALA A 117 8.68 -5.26 -3.84
N TYR A 118 8.88 -4.10 -3.20
CA TYR A 118 7.80 -3.15 -3.04
C TYR A 118 8.27 -1.81 -2.51
N VAL A 119 7.33 -0.90 -2.37
CA VAL A 119 7.59 0.43 -1.85
C VAL A 119 6.37 0.89 -1.05
N ILE A 120 6.60 1.45 0.13
CA ILE A 120 5.51 1.85 1.01
C ILE A 120 5.36 3.37 1.12
N VAL A 121 4.19 3.83 0.75
CA VAL A 121 3.86 5.25 0.83
C VAL A 121 2.69 5.50 1.80
N PRO A 122 2.87 6.41 2.79
CA PRO A 122 1.84 6.75 3.76
C PRO A 122 0.82 7.76 3.19
N VAL A 123 -0.45 7.53 3.49
CA VAL A 123 -1.52 8.40 3.00
C VAL A 123 -1.98 9.39 4.09
N PHE A 124 -1.43 10.59 4.06
CA PHE A 124 -1.86 11.64 4.97
C PHE A 124 -3.14 12.32 4.49
N ALA A 125 -4.20 12.17 5.29
CA ALA A 125 -5.49 12.77 4.99
C ALA A 125 -6.40 12.75 6.21
N GLY A 126 -7.05 13.88 6.48
CA GLY A 126 -8.00 13.97 7.60
C GLY A 126 -7.35 13.75 8.95
N GLU A 127 -7.36 12.50 9.39
CA GLU A 127 -6.78 12.11 10.69
C GLU A 127 -5.25 12.01 10.59
N GLN A 128 -4.65 12.83 9.71
CA GLN A 128 -3.23 12.79 9.44
C GLN A 128 -2.86 11.49 8.78
N LEU A 129 -2.60 10.49 9.56
CA LEU A 129 -2.24 9.22 9.02
C LEU A 129 -3.51 8.39 8.77
N TRP A 130 -4.05 8.55 7.58
CA TRP A 130 -5.30 7.93 7.18
C TRP A 130 -5.11 6.53 6.62
N GLY A 131 -3.92 6.22 6.17
CA GLY A 131 -3.76 5.02 5.41
C GLY A 131 -2.40 4.93 4.78
N LEU A 132 -2.25 3.99 3.88
CA LEU A 132 -1.01 3.79 3.16
C LEU A 132 -1.27 3.06 1.87
N LEU A 133 -0.27 2.96 1.03
CA LEU A 133 -0.44 2.33 -0.26
C LEU A 133 0.73 1.40 -0.52
N ALA A 134 0.42 0.18 -0.89
CA ALA A 134 1.43 -0.81 -1.15
C ALA A 134 1.50 -1.14 -2.63
N ALA A 135 2.68 -1.03 -3.20
CA ALA A 135 2.91 -1.32 -4.60
C ALA A 135 4.06 -2.29 -4.73
N TYR A 136 3.82 -3.41 -5.39
CA TYR A 136 4.84 -4.44 -5.53
C TYR A 136 4.85 -4.99 -6.94
N GLN A 137 5.93 -5.69 -7.29
CA GLN A 137 5.98 -6.39 -8.57
C GLN A 137 7.10 -7.43 -8.61
N ASN A 138 6.71 -8.68 -8.32
CA ASN A 138 7.50 -9.96 -8.46
C ASN A 138 9.06 -9.82 -8.46
N SER A 139 9.63 -8.90 -7.68
CA SER A 139 11.09 -8.62 -7.70
C SER A 139 11.57 -8.11 -9.08
N GLY A 140 10.62 -7.92 -9.99
CA GLY A 140 10.95 -7.46 -11.32
C GLY A 140 11.37 -6.01 -11.32
N THR A 141 11.12 -5.34 -10.20
CA THR A 141 11.49 -3.96 -10.03
C THR A 141 13.02 -3.81 -10.03
N ARG A 142 13.69 -4.78 -9.38
CA ARG A 142 15.15 -4.79 -9.26
C ARG A 142 15.64 -3.63 -8.39
N ASP A 143 15.56 -2.42 -8.91
CA ASP A 143 15.93 -1.23 -8.17
C ASP A 143 14.99 -0.08 -8.52
N TRP A 144 14.32 0.47 -7.52
CA TRP A 144 13.40 1.60 -7.74
C TRP A 144 14.18 2.88 -7.93
N ASP A 145 13.82 3.67 -8.91
CA ASP A 145 14.46 4.96 -9.09
C ASP A 145 13.72 6.02 -8.29
N GLU A 146 14.43 7.07 -7.94
CA GLU A 146 13.90 8.15 -7.13
C GLU A 146 12.65 8.78 -7.78
N SER A 147 12.68 8.94 -9.10
CA SER A 147 11.55 9.56 -9.80
C SER A 147 10.32 8.65 -9.81
N GLU A 148 10.55 7.34 -9.69
CA GLU A 148 9.48 6.38 -9.75
C GLU A 148 8.73 6.35 -8.43
N VAL A 149 9.46 6.27 -7.33
CA VAL A 149 8.84 6.24 -6.01
C VAL A 149 8.17 7.57 -5.70
N THR A 150 8.70 8.65 -6.29
CA THR A 150 8.12 9.97 -6.10
C THR A 150 6.73 10.03 -6.75
N LEU A 151 6.58 9.37 -7.88
CA LEU A 151 5.30 9.33 -8.57
C LEU A 151 4.25 8.64 -7.71
N LEU A 152 4.66 7.55 -7.06
CA LEU A 152 3.75 6.81 -6.19
C LEU A 152 3.39 7.63 -4.96
N ALA A 153 4.40 8.26 -4.36
CA ALA A 153 4.18 9.11 -3.20
C ALA A 153 3.30 10.30 -3.57
N ARG A 154 3.30 10.65 -4.85
CA ARG A 154 2.49 11.75 -5.34
C ARG A 154 1.04 11.30 -5.47
N ILE A 155 0.85 10.08 -5.98
CA ILE A 155 -0.48 9.51 -6.12
C ILE A 155 -1.17 9.44 -4.77
N GLY A 156 -0.42 9.01 -3.75
CA GLY A 156 -0.97 8.90 -2.42
C GLY A 156 -1.27 10.26 -1.81
N ASN A 157 -0.38 11.21 -2.07
CA ASN A 157 -0.53 12.58 -1.57
C ASN A 157 -1.77 13.22 -2.16
N GLN A 158 -1.92 13.11 -3.49
CA GLN A 158 -3.06 13.68 -4.18
C GLN A 158 -4.34 12.98 -3.80
N LEU A 159 -4.23 11.68 -3.50
CA LEU A 159 -5.37 10.89 -3.06
C LEU A 159 -5.89 11.45 -1.75
N GLY A 160 -4.98 11.82 -0.87
CA GLY A 160 -5.35 12.39 0.41
C GLY A 160 -6.12 13.70 0.25
N LEU A 161 -5.68 14.53 -0.69
CA LEU A 161 -6.34 15.78 -0.98
C LEU A 161 -7.77 15.53 -1.49
N ALA A 162 -7.87 14.65 -2.48
CA ALA A 162 -9.17 14.26 -3.05
C ALA A 162 -10.09 13.74 -1.97
N LEU A 163 -9.53 12.89 -1.14
CA LEU A 163 -10.23 12.28 -0.03
C LEU A 163 -10.84 13.35 0.85
N GLN A 164 -9.99 14.24 1.36
CA GLN A 164 -10.43 15.27 2.28
C GLN A 164 -11.55 16.14 1.70
N GLN A 165 -11.57 16.29 0.38
CA GLN A 165 -12.62 17.05 -0.29
C GLN A 165 -13.95 16.34 -0.17
N THR A 166 -13.95 15.05 -0.41
CA THR A 166 -15.14 14.23 -0.36
C THR A 166 -15.48 13.87 1.09
N GLU A 167 -14.46 13.93 1.95
CA GLU A 167 -14.56 13.60 3.37
C GLU A 167 -15.75 14.30 4.04
N TYR A 168 -15.74 15.64 4.01
CA TYR A 168 -16.78 16.42 4.66
C TYR A 168 -18.05 16.46 3.82
N LEU A 169 -17.91 16.19 2.54
CA LEU A 169 -19.03 16.23 1.63
C LEU A 169 -19.93 15.01 1.84
N GLN A 170 -19.32 13.87 2.06
CA GLN A 170 -20.06 12.64 2.30
C GLN A 170 -20.62 12.63 3.71
N GLN A 171 -19.78 12.97 4.67
CA GLN A 171 -20.18 12.97 6.07
C GLN A 171 -19.49 14.10 6.81
N VAL A 172 -20.28 14.99 7.40
CA VAL A 172 -19.74 16.10 8.15
C VAL A 172 -19.51 15.70 9.62
N SER A 17 -19.04 4.73 0.04
CA SER A 17 -18.35 4.00 -1.05
C SER A 17 -17.79 4.98 -2.08
N ASP A 18 -18.20 6.24 -1.99
CA ASP A 18 -17.77 7.30 -2.91
C ASP A 18 -16.25 7.41 -2.92
N VAL A 19 -15.67 7.44 -1.73
CA VAL A 19 -14.23 7.53 -1.58
C VAL A 19 -13.54 6.28 -2.15
N GLU A 20 -14.14 5.13 -1.90
CA GLU A 20 -13.60 3.86 -2.37
C GLU A 20 -13.57 3.84 -3.91
N GLU A 21 -14.61 4.38 -4.53
CA GLU A 21 -14.69 4.46 -5.99
C GLU A 21 -13.49 5.24 -6.54
N ILE A 22 -13.20 6.38 -5.90
CA ILE A 22 -12.06 7.20 -6.30
C ILE A 22 -10.77 6.41 -6.14
N PHE A 23 -10.61 5.76 -4.99
CA PHE A 23 -9.43 4.94 -4.71
C PHE A 23 -9.28 3.81 -5.72
N LYS A 24 -10.39 3.16 -6.04
CA LYS A 24 -10.41 2.07 -7.02
C LYS A 24 -9.88 2.55 -8.36
N THR A 25 -10.14 3.81 -8.68
CA THR A 25 -9.71 4.38 -9.93
C THR A 25 -8.20 4.61 -9.91
N THR A 26 -7.73 5.35 -8.91
CA THR A 26 -6.33 5.69 -8.80
C THR A 26 -5.44 4.45 -8.66
N THR A 27 -5.93 3.44 -7.94
CA THR A 27 -5.18 2.20 -7.74
C THR A 27 -4.94 1.50 -9.08
N GLN A 28 -5.89 1.61 -9.98
CA GLN A 28 -5.77 0.99 -11.29
C GLN A 28 -4.85 1.82 -12.18
N GLU A 29 -5.01 3.13 -12.10
CA GLU A 29 -4.21 4.06 -12.89
C GLU A 29 -2.72 3.93 -12.55
N VAL A 30 -2.40 3.95 -11.25
CA VAL A 30 -1.01 3.87 -10.83
C VAL A 30 -0.40 2.50 -11.15
N ARG A 31 -1.24 1.47 -11.16
CA ARG A 31 -0.79 0.12 -11.45
C ARG A 31 -0.30 0.01 -12.89
N GLN A 32 -0.91 0.80 -13.78
CA GLN A 32 -0.51 0.83 -15.19
C GLN A 32 0.67 1.78 -15.38
N LEU A 33 0.72 2.81 -14.55
CA LEU A 33 1.78 3.81 -14.62
C LEU A 33 3.13 3.22 -14.22
N LEU A 34 3.15 2.52 -13.10
CA LEU A 34 4.39 1.90 -12.61
C LEU A 34 4.57 0.48 -13.14
N ARG A 35 3.57 0.02 -13.90
CA ARG A 35 3.60 -1.32 -14.53
C ARG A 35 3.80 -2.43 -13.49
N CYS A 36 3.24 -2.24 -12.31
CA CYS A 36 3.37 -3.21 -11.24
C CYS A 36 2.31 -4.30 -11.36
N ASP A 37 2.59 -5.46 -10.82
CA ASP A 37 1.67 -6.59 -10.89
C ASP A 37 0.56 -6.45 -9.86
N ARG A 38 0.90 -5.93 -8.69
CA ARG A 38 -0.08 -5.80 -7.62
C ARG A 38 0.06 -4.48 -6.90
N VAL A 39 -1.05 -3.77 -6.81
CA VAL A 39 -1.13 -2.52 -6.07
C VAL A 39 -2.38 -2.57 -5.20
N ALA A 40 -2.28 -2.13 -3.96
CA ALA A 40 -3.40 -2.23 -3.03
C ALA A 40 -3.37 -1.13 -1.97
N VAL A 41 -4.55 -0.69 -1.56
CA VAL A 41 -4.68 0.32 -0.53
C VAL A 41 -4.98 -0.35 0.81
N TYR A 42 -4.12 -0.10 1.76
CA TYR A 42 -4.22 -0.67 3.11
C TYR A 42 -4.61 0.44 4.09
N ARG A 43 -5.83 0.38 4.62
CA ARG A 43 -6.33 1.44 5.52
C ARG A 43 -6.01 1.12 6.95
N PHE A 44 -5.57 2.12 7.69
CA PHE A 44 -5.32 1.93 9.10
C PHE A 44 -6.62 2.04 9.85
N ASN A 45 -7.01 0.98 10.50
CA ASN A 45 -8.24 0.99 11.28
C ASN A 45 -7.93 1.49 12.70
N PRO A 46 -8.96 2.00 13.42
CA PRO A 46 -8.79 2.52 14.80
C PRO A 46 -8.10 1.53 15.75
N ASN A 47 -8.33 0.24 15.53
CA ASN A 47 -7.72 -0.79 16.38
C ASN A 47 -6.41 -1.29 15.75
N TRP A 48 -5.91 -0.53 14.77
CA TRP A 48 -4.66 -0.85 14.06
C TRP A 48 -4.73 -2.20 13.36
N THR A 49 -5.93 -2.59 12.94
CA THR A 49 -6.11 -3.84 12.23
C THR A 49 -5.67 -3.70 10.78
N GLY A 50 -6.04 -2.58 10.13
CA GLY A 50 -5.57 -2.34 8.78
C GLY A 50 -6.37 -3.07 7.71
N GLU A 51 -7.53 -2.52 7.34
CA GLU A 51 -8.42 -3.17 6.40
C GLU A 51 -8.10 -2.75 4.96
N PHE A 52 -8.26 -3.67 4.03
CA PHE A 52 -8.02 -3.39 2.63
C PHE A 52 -9.29 -2.83 2.00
N VAL A 53 -9.14 -2.00 0.98
CA VAL A 53 -10.28 -1.39 0.33
C VAL A 53 -10.24 -1.53 -1.20
N ALA A 54 -9.13 -1.17 -1.81
CA ALA A 54 -9.03 -1.24 -3.26
C ALA A 54 -7.71 -1.86 -3.69
N GLU A 55 -7.80 -2.85 -4.58
CA GLU A 55 -6.62 -3.51 -5.13
C GLU A 55 -6.70 -3.61 -6.65
N SER A 56 -5.54 -3.54 -7.28
CA SER A 56 -5.43 -3.71 -8.71
C SER A 56 -4.35 -4.75 -8.97
N VAL A 57 -4.76 -5.92 -9.41
CA VAL A 57 -3.85 -7.04 -9.61
C VAL A 57 -4.18 -7.82 -10.87
N ALA A 58 -3.15 -8.37 -11.51
CA ALA A 58 -3.33 -9.20 -12.68
C ALA A 58 -4.07 -10.48 -12.32
N HIS A 59 -4.75 -11.08 -13.29
CA HIS A 59 -5.55 -12.29 -13.02
C HIS A 59 -4.68 -13.52 -12.75
N THR A 60 -3.39 -13.40 -13.01
CA THR A 60 -2.48 -14.53 -12.78
C THR A 60 -2.02 -14.60 -11.32
N TRP A 61 -2.22 -13.53 -10.56
CA TRP A 61 -1.80 -13.52 -9.16
C TRP A 61 -3.01 -13.53 -8.21
N VAL A 62 -2.76 -13.92 -6.96
CA VAL A 62 -3.79 -13.97 -5.92
C VAL A 62 -4.25 -12.57 -5.54
N LYS A 63 -5.34 -12.48 -4.80
CA LYS A 63 -5.88 -11.17 -4.43
C LYS A 63 -5.56 -10.83 -2.98
N LEU A 64 -5.72 -9.57 -2.65
CA LEU A 64 -5.47 -9.09 -1.31
C LEU A 64 -6.73 -8.49 -0.70
N VAL A 65 -7.74 -8.28 -1.54
CA VAL A 65 -9.03 -7.77 -1.07
C VAL A 65 -10.18 -8.74 -1.39
N GLY A 66 -9.84 -9.99 -1.68
CA GLY A 66 -10.85 -10.96 -2.04
C GLY A 66 -11.09 -12.01 -0.98
N PRO A 67 -11.83 -13.06 -1.34
CA PRO A 67 -12.14 -14.16 -0.43
C PRO A 67 -11.14 -15.32 -0.57
N ASP A 68 -10.14 -15.14 -1.43
CA ASP A 68 -9.14 -16.16 -1.69
C ASP A 68 -7.86 -15.88 -0.91
N ILE A 69 -7.93 -14.93 0.01
CA ILE A 69 -6.77 -14.53 0.79
C ILE A 69 -6.45 -15.54 1.88
N LYS A 70 -5.28 -16.11 1.81
CA LYS A 70 -4.83 -17.00 2.86
C LYS A 70 -3.53 -16.46 3.46
N THR A 71 -3.61 -16.00 4.69
CA THR A 71 -2.46 -15.46 5.36
C THR A 71 -1.79 -16.54 6.18
N VAL A 72 -0.48 -16.67 6.04
CA VAL A 72 0.26 -17.66 6.81
C VAL A 72 0.21 -17.33 8.30
N TRP A 73 0.48 -16.08 8.64
CA TRP A 73 0.42 -15.61 10.02
C TRP A 73 -0.26 -14.25 10.03
N GLU A 74 -0.92 -13.92 11.13
CA GLU A 74 -1.55 -12.62 11.25
C GLU A 74 -0.50 -11.58 11.53
N ASP A 75 -0.12 -10.85 10.51
CA ASP A 75 0.94 -9.87 10.66
C ASP A 75 0.44 -8.47 10.54
N THR A 76 0.44 -7.75 11.62
CA THR A 76 0.36 -6.33 11.51
C THR A 76 1.67 -5.75 12.03
N HIS A 77 2.27 -4.88 11.27
CA HIS A 77 3.47 -4.18 11.73
C HIS A 77 3.07 -2.92 12.44
N LEU A 78 1.91 -2.45 12.06
CA LEU A 78 1.43 -1.17 12.43
C LEU A 78 1.08 -1.05 13.91
N GLN A 79 0.70 -2.16 14.53
CA GLN A 79 0.41 -2.11 15.95
C GLN A 79 1.70 -1.97 16.77
N GLU A 80 2.73 -2.71 16.38
CA GLU A 80 4.01 -2.66 17.07
C GLU A 80 4.67 -1.29 16.94
N THR A 81 4.51 -0.66 15.79
CA THR A 81 5.10 0.65 15.56
C THR A 81 4.20 1.78 16.07
N GLN A 82 2.87 1.50 16.19
CA GLN A 82 1.89 2.50 16.67
C GLN A 82 1.92 3.76 15.80
N GLY A 83 2.36 3.59 14.57
CA GLY A 83 2.48 4.71 13.67
C GLY A 83 3.80 5.43 13.88
N GLY A 84 4.88 4.81 13.42
CA GLY A 84 6.19 5.41 13.56
C GLY A 84 6.79 5.81 12.23
N ARG A 85 7.58 4.90 11.64
CA ARG A 85 8.31 5.14 10.36
C ARG A 85 7.52 5.98 9.35
N TYR A 86 6.50 5.37 8.79
CA TYR A 86 5.72 5.95 7.71
C TYR A 86 4.86 7.10 8.21
N ALA A 87 4.41 7.00 9.46
CA ALA A 87 3.64 8.06 10.10
C ALA A 87 4.47 9.34 10.26
N GLN A 88 5.79 9.20 10.19
CA GLN A 88 6.70 10.34 10.27
C GLN A 88 6.73 11.09 8.94
N GLY A 89 6.15 10.48 7.91
CA GLY A 89 6.07 11.13 6.61
C GLY A 89 7.27 10.84 5.72
N GLU A 90 7.99 9.79 6.02
CA GLU A 90 9.15 9.44 5.22
C GLU A 90 8.85 8.31 4.25
N ASN A 91 9.68 8.20 3.23
CA ASN A 91 9.51 7.19 2.20
C ASN A 91 10.41 5.98 2.47
N PHE A 92 9.91 4.80 2.16
CA PHE A 92 10.67 3.57 2.36
C PHE A 92 10.70 2.76 1.06
N VAL A 93 11.89 2.42 0.61
CA VAL A 93 12.05 1.69 -0.65
C VAL A 93 12.73 0.34 -0.41
N VAL A 94 12.26 -0.68 -1.11
CA VAL A 94 12.83 -2.02 -1.02
C VAL A 94 13.01 -2.63 -2.41
N ASN A 95 14.26 -2.70 -2.87
CA ASN A 95 14.56 -3.30 -4.17
C ASN A 95 14.36 -4.81 -4.11
N ASP A 96 14.66 -5.39 -2.96
CA ASP A 96 14.48 -6.83 -2.74
C ASP A 96 14.48 -7.13 -1.25
N ILE A 97 13.51 -7.89 -0.81
CA ILE A 97 13.36 -8.20 0.62
C ILE A 97 14.48 -9.10 1.16
N TYR A 98 15.07 -9.92 0.31
CA TYR A 98 16.11 -10.85 0.75
C TYR A 98 17.46 -10.15 0.84
N GLN A 99 17.60 -9.05 0.12
CA GLN A 99 18.87 -8.34 0.04
C GLN A 99 18.94 -7.14 0.97
N VAL A 100 17.80 -6.73 1.51
CA VAL A 100 17.77 -5.59 2.42
C VAL A 100 17.82 -6.03 3.87
N GLY A 101 18.00 -7.33 4.10
CA GLY A 101 18.08 -7.85 5.45
C GLY A 101 16.77 -7.75 6.20
N HIS A 102 15.66 -7.93 5.51
CA HIS A 102 14.33 -7.86 6.12
C HIS A 102 14.11 -9.00 7.11
N SER A 103 13.07 -8.87 7.92
CA SER A 103 12.75 -9.88 8.92
C SER A 103 12.31 -11.18 8.26
N PRO A 104 12.92 -12.32 8.66
CA PRO A 104 12.61 -13.62 8.07
C PRO A 104 11.15 -14.04 8.25
N CYS A 105 10.52 -13.59 9.33
CA CYS A 105 9.15 -13.95 9.61
C CYS A 105 8.20 -13.25 8.65
N HIS A 106 8.51 -12.01 8.34
CA HIS A 106 7.71 -11.21 7.44
C HIS A 106 8.00 -11.59 6.00
N ILE A 107 9.25 -11.96 5.73
CA ILE A 107 9.65 -12.39 4.39
C ILE A 107 8.88 -13.63 3.94
N GLU A 108 8.65 -14.55 4.88
CA GLU A 108 7.90 -15.76 4.56
C GLU A 108 6.48 -15.39 4.13
N ILE A 109 5.91 -14.44 4.85
CA ILE A 109 4.59 -13.92 4.54
C ILE A 109 4.59 -13.26 3.15
N LEU A 110 5.64 -12.49 2.90
CA LEU A 110 5.80 -11.78 1.64
C LEU A 110 5.96 -12.75 0.46
N GLU A 111 6.72 -13.82 0.67
CA GLU A 111 6.96 -14.84 -0.34
C GLU A 111 5.63 -15.43 -0.82
N GLN A 112 4.72 -15.62 0.11
CA GLN A 112 3.43 -16.22 -0.18
C GLN A 112 2.55 -15.31 -1.03
N PHE A 113 2.75 -14.01 -0.92
CA PHE A 113 1.96 -13.05 -1.69
C PHE A 113 2.75 -12.49 -2.86
N GLU A 114 3.92 -13.08 -3.13
CA GLU A 114 4.80 -12.68 -4.25
C GLU A 114 5.30 -11.23 -4.14
N VAL A 115 5.23 -10.67 -2.94
CA VAL A 115 5.69 -9.31 -2.72
C VAL A 115 7.15 -9.32 -2.25
N LYS A 116 8.06 -9.40 -3.19
CA LYS A 116 9.47 -9.45 -2.86
C LYS A 116 10.21 -8.13 -3.11
N ALA A 117 9.56 -7.22 -3.82
CA ALA A 117 10.10 -5.90 -4.06
C ALA A 117 8.97 -4.90 -3.94
N TYR A 118 9.22 -3.75 -3.30
CA TYR A 118 8.13 -2.80 -3.06
C TYR A 118 8.63 -1.44 -2.58
N VAL A 119 7.68 -0.55 -2.39
CA VAL A 119 7.94 0.80 -1.92
C VAL A 119 6.74 1.28 -1.09
N ILE A 120 7.03 1.89 0.06
CA ILE A 120 5.96 2.30 0.97
C ILE A 120 5.65 3.80 0.89
N VAL A 121 4.43 4.06 0.46
CA VAL A 121 3.90 5.41 0.40
C VAL A 121 2.67 5.57 1.30
N PRO A 122 2.79 6.43 2.33
CA PRO A 122 1.71 6.70 3.26
C PRO A 122 0.78 7.82 2.75
N VAL A 123 -0.52 7.57 2.78
CA VAL A 123 -1.48 8.54 2.31
C VAL A 123 -2.10 9.29 3.50
N PHE A 124 -1.54 10.45 3.79
CA PHE A 124 -2.08 11.29 4.86
C PHE A 124 -3.36 12.01 4.43
N ALA A 125 -4.44 11.72 5.15
CA ALA A 125 -5.74 12.30 4.88
C ALA A 125 -6.69 12.06 6.04
N GLY A 126 -7.42 13.10 6.44
CA GLY A 126 -8.39 12.97 7.52
C GLY A 126 -7.75 12.73 8.87
N GLU A 127 -7.74 11.47 9.27
CA GLU A 127 -7.17 11.06 10.56
C GLU A 127 -5.65 10.94 10.48
N GLN A 128 -5.04 11.85 9.71
CA GLN A 128 -3.60 11.86 9.49
C GLN A 128 -3.20 10.73 8.60
N LEU A 129 -2.94 9.60 9.16
CA LEU A 129 -2.55 8.47 8.36
C LEU A 129 -3.78 7.63 8.03
N TRP A 130 -4.32 7.84 6.83
CA TRP A 130 -5.52 7.13 6.40
C TRP A 130 -5.16 5.72 5.96
N GLY A 131 -4.22 5.61 5.04
CA GLY A 131 -3.83 4.31 4.56
C GLY A 131 -2.53 4.31 3.79
N LEU A 132 -2.10 3.13 3.42
CA LEU A 132 -0.90 2.94 2.65
C LEU A 132 -1.26 2.52 1.24
N LEU A 133 -0.35 2.72 0.33
CA LEU A 133 -0.53 2.30 -1.02
C LEU A 133 0.64 1.40 -1.39
N ALA A 134 0.38 0.12 -1.43
CA ALA A 134 1.42 -0.85 -1.66
C ALA A 134 1.61 -1.13 -3.14
N ALA A 135 2.82 -0.88 -3.60
CA ALA A 135 3.17 -1.13 -4.99
C ALA A 135 4.27 -2.19 -5.03
N TYR A 136 3.97 -3.34 -5.60
CA TYR A 136 4.94 -4.40 -5.69
C TYR A 136 4.73 -5.25 -6.92
N GLN A 137 5.79 -5.91 -7.37
CA GLN A 137 5.69 -6.74 -8.54
C GLN A 137 6.65 -7.92 -8.52
N ASN A 138 6.10 -9.09 -8.19
CA ASN A 138 6.77 -10.42 -8.30
C ASN A 138 8.31 -10.41 -8.28
N SER A 139 8.90 -10.03 -7.15
CA SER A 139 10.35 -10.06 -6.99
C SER A 139 11.10 -9.22 -8.04
N GLY A 140 10.49 -8.13 -8.48
CA GLY A 140 11.16 -7.22 -9.39
C GLY A 140 12.28 -6.50 -8.70
N THR A 141 13.45 -7.13 -8.69
CA THR A 141 14.63 -6.62 -7.97
C THR A 141 15.27 -5.43 -8.68
N ARG A 142 14.45 -4.53 -9.15
CA ARG A 142 14.92 -3.35 -9.84
C ARG A 142 15.26 -2.27 -8.83
N ASP A 143 16.16 -1.39 -9.19
CA ASP A 143 16.50 -0.29 -8.32
C ASP A 143 15.55 0.86 -8.56
N TRP A 144 14.63 1.04 -7.64
CA TRP A 144 13.62 2.09 -7.76
C TRP A 144 14.28 3.47 -7.84
N ASP A 145 14.00 4.17 -8.92
CA ASP A 145 14.53 5.51 -9.10
C ASP A 145 13.61 6.50 -8.41
N GLU A 146 14.11 7.70 -8.14
CA GLU A 146 13.30 8.71 -7.48
C GLU A 146 12.08 9.06 -8.33
N SER A 147 12.15 8.79 -9.64
CA SER A 147 11.04 9.04 -10.54
C SER A 147 9.86 8.12 -10.24
N GLU A 148 10.14 6.98 -9.64
CA GLU A 148 9.08 6.05 -9.27
C GLU A 148 8.59 6.38 -7.88
N VAL A 149 9.54 6.62 -7.00
CA VAL A 149 9.25 6.91 -5.61
C VAL A 149 8.51 8.24 -5.45
N THR A 150 9.00 9.28 -6.12
CA THR A 150 8.40 10.60 -5.99
C THR A 150 7.06 10.66 -6.70
N LEU A 151 6.92 9.91 -7.80
CA LEU A 151 5.69 9.89 -8.55
C LEU A 151 4.60 9.19 -7.73
N LEU A 152 4.96 8.08 -7.11
CA LEU A 152 4.02 7.33 -6.29
C LEU A 152 3.62 8.13 -5.06
N ALA A 153 4.60 8.77 -4.44
CA ALA A 153 4.33 9.61 -3.27
C ALA A 153 3.52 10.83 -3.67
N ARG A 154 3.59 11.20 -4.95
CA ARG A 154 2.85 12.34 -5.46
C ARG A 154 1.38 11.98 -5.59
N ILE A 155 1.14 10.81 -6.15
CA ILE A 155 -0.21 10.30 -6.31
C ILE A 155 -0.87 10.10 -4.95
N GLY A 156 -0.07 9.65 -3.98
CA GLY A 156 -0.57 9.46 -2.64
C GLY A 156 -1.07 10.76 -2.02
N ASN A 157 -0.33 11.84 -2.25
CA ASN A 157 -0.72 13.15 -1.74
C ASN A 157 -1.98 13.66 -2.44
N GLN A 158 -2.03 13.48 -3.76
CA GLN A 158 -3.19 13.90 -4.54
C GLN A 158 -4.43 13.09 -4.13
N LEU A 159 -4.23 11.81 -3.87
CA LEU A 159 -5.31 10.93 -3.44
C LEU A 159 -5.81 11.37 -2.07
N GLY A 160 -4.89 11.62 -1.15
CA GLY A 160 -5.25 12.09 0.17
C GLY A 160 -6.00 13.40 0.09
N LEU A 161 -5.55 14.29 -0.77
CA LEU A 161 -6.19 15.58 -0.97
C LEU A 161 -7.62 15.39 -1.47
N ALA A 162 -7.78 14.49 -2.44
CA ALA A 162 -9.11 14.16 -3.00
C ALA A 162 -10.05 13.74 -1.90
N LEU A 163 -9.57 12.86 -1.05
CA LEU A 163 -10.32 12.33 0.07
C LEU A 163 -10.75 13.48 0.97
N GLN A 164 -9.79 14.33 1.35
CA GLN A 164 -10.06 15.44 2.26
C GLN A 164 -11.21 16.31 1.75
N GLN A 165 -11.30 16.45 0.43
CA GLN A 165 -12.37 17.23 -0.18
C GLN A 165 -13.72 16.59 0.08
N THR A 166 -13.80 15.28 -0.13
CA THR A 166 -15.03 14.56 0.10
C THR A 166 -15.29 14.37 1.59
N GLU A 167 -14.24 14.50 2.40
CA GLU A 167 -14.34 14.34 3.84
C GLU A 167 -15.29 15.38 4.43
N TYR A 168 -15.03 16.66 4.15
CA TYR A 168 -15.85 17.74 4.70
C TYR A 168 -17.23 17.79 4.05
N LEU A 169 -17.38 17.17 2.90
CA LEU A 169 -18.67 17.12 2.23
C LEU A 169 -19.60 16.15 2.94
N GLN A 170 -19.09 14.98 3.27
CA GLN A 170 -19.88 13.97 3.96
C GLN A 170 -20.03 14.31 5.43
N GLN A 171 -18.94 14.82 6.04
CA GLN A 171 -18.91 15.19 7.46
C GLN A 171 -19.20 14.00 8.36
N VAL A 172 -18.14 13.31 8.73
CA VAL A 172 -18.27 12.17 9.61
C VAL A 172 -18.42 12.64 11.05
N SER A 17 -19.94 3.34 -1.39
CA SER A 17 -19.57 4.75 -1.23
C SER A 17 -18.60 5.18 -2.34
N ASP A 18 -18.75 6.43 -2.79
CA ASP A 18 -17.95 6.98 -3.90
C ASP A 18 -16.45 6.86 -3.67
N VAL A 19 -16.02 7.12 -2.44
CA VAL A 19 -14.60 7.08 -2.08
C VAL A 19 -13.97 5.72 -2.44
N GLU A 20 -14.74 4.66 -2.27
CA GLU A 20 -14.26 3.30 -2.53
C GLU A 20 -13.92 3.12 -4.01
N GLU A 21 -14.71 3.76 -4.88
CA GLU A 21 -14.48 3.67 -6.32
C GLU A 21 -13.29 4.53 -6.72
N ILE A 22 -13.08 5.63 -6.00
CA ILE A 22 -11.96 6.54 -6.26
C ILE A 22 -10.64 5.78 -6.10
N PHE A 23 -10.60 4.85 -5.15
CA PHE A 23 -9.42 4.04 -4.95
C PHE A 23 -9.20 3.10 -6.14
N LYS A 24 -10.31 2.54 -6.64
CA LYS A 24 -10.27 1.60 -7.75
C LYS A 24 -9.73 2.26 -9.03
N THR A 25 -10.18 3.45 -9.31
CA THR A 25 -9.73 4.16 -10.49
C THR A 25 -8.26 4.55 -10.38
N THR A 26 -7.86 5.01 -9.20
CA THR A 26 -6.48 5.40 -8.96
C THR A 26 -5.52 4.21 -9.03
N THR A 27 -5.96 3.06 -8.49
CA THR A 27 -5.15 1.84 -8.54
C THR A 27 -4.94 1.38 -10.00
N GLN A 28 -5.84 1.79 -10.89
CA GLN A 28 -5.74 1.44 -12.30
C GLN A 28 -4.83 2.41 -13.07
N GLU A 29 -4.59 3.59 -12.51
CA GLU A 29 -3.72 4.57 -13.16
C GLU A 29 -2.26 4.22 -12.94
N VAL A 30 -1.91 3.85 -11.71
CA VAL A 30 -0.53 3.46 -11.39
C VAL A 30 -0.08 2.24 -12.19
N ARG A 31 -1.05 1.51 -12.78
CA ARG A 31 -0.75 0.36 -13.64
C ARG A 31 0.27 0.73 -14.70
N GLN A 32 0.06 1.87 -15.36
CA GLN A 32 0.95 2.31 -16.42
C GLN A 32 2.19 3.02 -15.88
N LEU A 33 2.01 3.84 -14.86
CA LEU A 33 3.11 4.62 -14.29
C LEU A 33 4.20 3.76 -13.67
N LEU A 34 3.82 2.82 -12.81
CA LEU A 34 4.81 1.99 -12.13
C LEU A 34 4.92 0.61 -12.74
N ARG A 35 3.88 0.21 -13.47
CA ARG A 35 3.85 -1.09 -14.14
C ARG A 35 3.93 -2.26 -13.15
N CYS A 36 3.47 -2.04 -11.93
CA CYS A 36 3.45 -3.07 -10.92
C CYS A 36 2.27 -4.01 -11.15
N ASP A 37 2.46 -5.30 -10.89
CA ASP A 37 1.40 -6.29 -11.09
C ASP A 37 0.41 -6.31 -9.94
N ARG A 38 0.87 -5.96 -8.75
CA ARG A 38 0.02 -6.05 -7.57
C ARG A 38 0.08 -4.78 -6.73
N VAL A 39 -1.07 -4.12 -6.58
CA VAL A 39 -1.18 -2.90 -5.80
C VAL A 39 -2.43 -2.96 -4.91
N ALA A 40 -2.31 -2.52 -3.66
CA ALA A 40 -3.41 -2.57 -2.71
C ALA A 40 -3.40 -1.37 -1.77
N VAL A 41 -4.58 -0.85 -1.47
CA VAL A 41 -4.74 0.29 -0.55
C VAL A 41 -5.11 -0.21 0.85
N TYR A 42 -4.32 0.16 1.85
CA TYR A 42 -4.62 -0.18 3.24
C TYR A 42 -5.35 0.98 3.90
N ARG A 43 -6.10 0.66 4.94
CA ARG A 43 -6.81 1.64 5.73
C ARG A 43 -6.46 1.42 7.17
N PHE A 44 -5.92 2.42 7.87
CA PHE A 44 -5.57 2.22 9.25
C PHE A 44 -6.82 2.18 10.10
N ASN A 45 -7.04 1.04 10.73
CA ASN A 45 -8.20 0.86 11.60
C ASN A 45 -7.90 1.37 13.00
N PRO A 46 -8.94 1.62 13.82
CA PRO A 46 -8.76 2.07 15.21
C PRO A 46 -7.98 1.05 16.04
N ASN A 47 -8.07 -0.21 15.63
CA ASN A 47 -7.34 -1.29 16.28
C ASN A 47 -5.90 -1.33 15.75
N TRP A 48 -5.65 -0.48 14.75
CA TRP A 48 -4.34 -0.36 14.11
C TRP A 48 -3.99 -1.59 13.28
N THR A 49 -4.99 -2.31 12.82
CA THR A 49 -4.77 -3.49 12.01
C THR A 49 -4.41 -3.09 10.58
N GLY A 50 -5.15 -2.13 10.03
CA GLY A 50 -4.85 -1.66 8.69
C GLY A 50 -5.27 -2.64 7.61
N GLU A 51 -6.56 -2.69 7.30
CA GLU A 51 -7.06 -3.65 6.34
C GLU A 51 -7.06 -3.08 4.94
N PHE A 52 -7.37 -3.89 3.94
CA PHE A 52 -7.34 -3.44 2.57
C PHE A 52 -8.73 -3.04 2.10
N VAL A 53 -8.79 -1.92 1.42
CA VAL A 53 -10.05 -1.40 0.92
C VAL A 53 -10.20 -1.58 -0.60
N ALA A 54 -9.14 -1.28 -1.35
CA ALA A 54 -9.19 -1.40 -2.80
C ALA A 54 -8.02 -2.18 -3.35
N GLU A 55 -8.33 -3.16 -4.17
CA GLU A 55 -7.32 -4.00 -4.80
C GLU A 55 -7.23 -3.79 -6.29
N SER A 56 -6.03 -3.92 -6.81
CA SER A 56 -5.79 -3.91 -8.22
C SER A 56 -4.66 -4.87 -8.56
N VAL A 57 -5.01 -6.03 -9.09
CA VAL A 57 -4.04 -7.04 -9.43
C VAL A 57 -4.46 -7.79 -10.69
N ALA A 58 -3.48 -8.25 -11.45
CA ALA A 58 -3.74 -8.99 -12.65
C ALA A 58 -4.41 -10.32 -12.32
N HIS A 59 -5.33 -10.76 -13.18
CA HIS A 59 -6.09 -12.01 -12.98
C HIS A 59 -5.17 -13.22 -12.92
N THR A 60 -3.97 -13.08 -13.45
CA THR A 60 -2.99 -14.14 -13.47
C THR A 60 -2.42 -14.39 -12.07
N TRP A 61 -2.43 -13.36 -11.24
CA TRP A 61 -1.82 -13.46 -9.92
C TRP A 61 -2.88 -13.59 -8.83
N VAL A 62 -2.43 -14.02 -7.65
CA VAL A 62 -3.31 -14.18 -6.51
C VAL A 62 -3.84 -12.84 -6.02
N LYS A 63 -4.85 -12.89 -5.18
CA LYS A 63 -5.48 -11.68 -4.69
C LYS A 63 -5.08 -11.42 -3.25
N LEU A 64 -5.38 -10.24 -2.78
CA LEU A 64 -5.07 -9.87 -1.42
C LEU A 64 -6.28 -9.27 -0.71
N VAL A 65 -7.19 -8.70 -1.48
CA VAL A 65 -8.36 -8.07 -0.91
C VAL A 65 -9.60 -8.89 -1.21
N GLY A 66 -9.68 -10.02 -0.56
CA GLY A 66 -10.79 -10.90 -0.72
C GLY A 66 -11.11 -11.60 0.58
N PRO A 67 -12.35 -11.99 0.80
CA PRO A 67 -12.78 -12.70 2.03
C PRO A 67 -12.26 -14.15 2.10
N ASP A 68 -11.31 -14.48 1.24
CA ASP A 68 -10.75 -15.83 1.21
C ASP A 68 -9.25 -15.81 1.53
N ILE A 69 -8.66 -14.61 1.56
CA ILE A 69 -7.22 -14.47 1.84
C ILE A 69 -6.85 -15.03 3.20
N LYS A 70 -6.02 -16.04 3.18
CA LYS A 70 -5.53 -16.63 4.39
C LYS A 70 -4.03 -16.51 4.45
N THR A 71 -3.55 -15.67 5.34
CA THR A 71 -2.15 -15.45 5.52
C THR A 71 -1.57 -16.53 6.43
N VAL A 72 -0.35 -16.98 6.14
CA VAL A 72 0.31 -18.00 6.95
C VAL A 72 0.37 -17.61 8.43
N TRP A 73 0.65 -16.35 8.70
CA TRP A 73 0.69 -15.84 10.06
C TRP A 73 -0.09 -14.53 10.14
N GLU A 74 -0.64 -14.23 11.29
CA GLU A 74 -1.32 -12.97 11.49
C GLU A 74 -0.27 -11.89 11.71
N ASP A 75 0.08 -11.19 10.66
CA ASP A 75 1.15 -10.20 10.73
C ASP A 75 0.61 -8.80 10.61
N THR A 76 0.69 -8.02 11.67
CA THR A 76 0.41 -6.64 11.50
C THR A 76 1.70 -5.84 11.68
N HIS A 77 1.97 -5.00 10.72
CA HIS A 77 3.08 -4.07 10.77
C HIS A 77 2.64 -2.77 11.33
N LEU A 78 1.34 -2.60 11.39
CA LEU A 78 0.82 -1.29 11.57
C LEU A 78 0.60 -1.03 13.04
N GLN A 79 0.07 -2.06 13.71
CA GLN A 79 -0.21 -2.01 15.13
C GLN A 79 1.09 -1.97 15.94
N GLU A 80 2.13 -2.65 15.45
CA GLU A 80 3.42 -2.65 16.13
C GLU A 80 3.96 -1.22 16.31
N THR A 81 3.76 -0.39 15.30
CA THR A 81 4.25 0.97 15.36
C THR A 81 3.15 1.97 15.69
N GLN A 82 1.90 1.62 15.37
CA GLN A 82 0.74 2.50 15.61
C GLN A 82 0.93 3.81 14.85
N GLY A 83 1.68 3.73 13.77
CA GLY A 83 1.99 4.90 13.00
C GLY A 83 3.41 5.34 13.24
N GLY A 84 4.36 4.55 12.76
CA GLY A 84 5.76 4.88 12.96
C GLY A 84 6.35 5.75 11.87
N ARG A 85 7.26 5.17 11.09
CA ARG A 85 7.98 5.90 10.04
C ARG A 85 7.06 6.64 9.08
N TYR A 86 6.00 5.98 8.64
CA TYR A 86 5.06 6.56 7.70
C TYR A 86 4.40 7.82 8.28
N ALA A 87 3.96 7.72 9.52
CA ALA A 87 3.38 8.86 10.23
C ALA A 87 4.41 9.99 10.40
N GLN A 88 5.69 9.61 10.42
CA GLN A 88 6.79 10.56 10.55
C GLN A 88 7.10 11.19 9.18
N GLY A 89 6.62 10.55 8.11
CA GLY A 89 6.81 11.08 6.79
C GLY A 89 7.95 10.44 6.02
N GLU A 90 8.33 9.23 6.40
CA GLU A 90 9.41 8.52 5.70
C GLU A 90 8.85 7.56 4.65
N ASN A 91 9.46 7.58 3.47
CA ASN A 91 9.05 6.69 2.39
C ASN A 91 9.80 5.37 2.52
N PHE A 92 9.12 4.27 2.33
CA PHE A 92 9.74 2.96 2.49
C PHE A 92 10.00 2.32 1.13
N VAL A 93 11.27 2.16 0.78
CA VAL A 93 11.65 1.58 -0.50
C VAL A 93 12.41 0.26 -0.29
N VAL A 94 11.97 -0.79 -0.97
CA VAL A 94 12.62 -2.09 -0.89
C VAL A 94 12.84 -2.69 -2.27
N ASN A 95 14.09 -2.76 -2.69
CA ASN A 95 14.44 -3.33 -4.00
C ASN A 95 14.52 -4.86 -3.92
N ASP A 96 14.66 -5.38 -2.71
CA ASP A 96 14.68 -6.82 -2.46
C ASP A 96 14.65 -7.09 -0.96
N ILE A 97 13.70 -7.91 -0.52
CA ILE A 97 13.53 -8.24 0.90
C ILE A 97 14.71 -9.03 1.49
N TYR A 98 15.40 -9.81 0.66
CA TYR A 98 16.54 -10.60 1.13
C TYR A 98 17.81 -9.77 1.12
N GLN A 99 17.73 -8.60 0.52
CA GLN A 99 18.88 -7.74 0.37
C GLN A 99 18.88 -6.65 1.44
N VAL A 100 17.72 -6.06 1.66
CA VAL A 100 17.57 -4.98 2.64
C VAL A 100 17.72 -5.50 4.08
N GLY A 101 17.57 -6.80 4.27
CA GLY A 101 17.75 -7.37 5.60
C GLY A 101 16.47 -7.38 6.41
N HIS A 102 15.35 -7.64 5.76
CA HIS A 102 14.06 -7.69 6.44
C HIS A 102 13.98 -8.84 7.45
N SER A 103 12.91 -8.87 8.23
CA SER A 103 12.72 -9.89 9.24
C SER A 103 12.56 -11.25 8.58
N PRO A 104 13.31 -12.27 9.05
CA PRO A 104 13.27 -13.62 8.49
C PRO A 104 11.86 -14.20 8.40
N CYS A 105 11.05 -13.91 9.42
CA CYS A 105 9.68 -14.43 9.47
C CYS A 105 8.82 -13.76 8.41
N HIS A 106 9.12 -12.50 8.14
CA HIS A 106 8.39 -11.70 7.19
C HIS A 106 8.69 -12.18 5.76
N ILE A 107 9.71 -13.03 5.63
CA ILE A 107 10.09 -13.60 4.34
C ILE A 107 9.08 -14.65 3.87
N GLU A 108 8.72 -15.60 4.75
CA GLU A 108 7.76 -16.65 4.39
C GLU A 108 6.43 -16.05 3.98
N ILE A 109 6.03 -15.02 4.71
CA ILE A 109 4.77 -14.35 4.48
C ILE A 109 4.74 -13.70 3.09
N LEU A 110 5.82 -13.03 2.73
CA LEU A 110 5.91 -12.35 1.44
C LEU A 110 6.17 -13.33 0.30
N GLU A 111 6.86 -14.41 0.61
CA GLU A 111 7.16 -15.45 -0.38
C GLU A 111 5.85 -16.07 -0.88
N GLN A 112 4.88 -16.18 0.01
CA GLN A 112 3.59 -16.76 -0.33
C GLN A 112 2.81 -15.85 -1.27
N PHE A 113 2.98 -14.56 -1.12
CA PHE A 113 2.27 -13.61 -1.95
C PHE A 113 3.15 -13.11 -3.10
N GLU A 114 4.27 -13.83 -3.33
CA GLU A 114 5.20 -13.56 -4.45
C GLU A 114 5.64 -12.08 -4.50
N VAL A 115 5.88 -11.50 -3.36
CA VAL A 115 6.30 -10.10 -3.28
C VAL A 115 7.74 -9.99 -2.76
N LYS A 116 8.69 -9.81 -3.67
CA LYS A 116 10.09 -9.66 -3.21
C LYS A 116 10.56 -8.20 -3.24
N ALA A 117 9.89 -7.37 -4.01
CA ALA A 117 10.25 -5.96 -4.09
C ALA A 117 9.02 -5.12 -3.98
N TYR A 118 9.12 -3.96 -3.35
CA TYR A 118 7.97 -3.11 -3.14
C TYR A 118 8.36 -1.70 -2.69
N VAL A 119 7.36 -0.87 -2.56
CA VAL A 119 7.52 0.50 -2.11
C VAL A 119 6.26 0.93 -1.36
N ILE A 120 6.42 1.62 -0.25
CA ILE A 120 5.29 2.03 0.57
C ILE A 120 5.12 3.56 0.63
N VAL A 121 3.93 3.97 0.32
CA VAL A 121 3.55 5.37 0.40
C VAL A 121 2.35 5.59 1.33
N PRO A 122 2.48 6.55 2.25
CA PRO A 122 1.42 6.90 3.19
C PRO A 122 0.42 7.89 2.60
N VAL A 123 -0.86 7.60 2.75
CA VAL A 123 -1.89 8.48 2.25
C VAL A 123 -2.26 9.53 3.30
N PHE A 124 -1.65 10.69 3.18
CA PHE A 124 -1.95 11.79 4.06
C PHE A 124 -3.24 12.50 3.68
N ALA A 125 -4.19 12.51 4.61
CA ALA A 125 -5.49 13.14 4.38
C ALA A 125 -6.12 13.55 5.71
N GLY A 126 -6.38 14.85 5.85
CA GLY A 126 -7.02 15.36 7.06
C GLY A 126 -6.21 15.15 8.31
N GLU A 127 -6.48 14.04 9.01
CA GLU A 127 -5.81 13.70 10.26
C GLU A 127 -4.40 13.14 10.00
N GLN A 128 -3.75 13.68 8.98
CA GLN A 128 -2.41 13.29 8.59
C GLN A 128 -2.40 11.89 7.97
N LEU A 129 -2.27 10.87 8.78
CA LEU A 129 -2.17 9.54 8.27
C LEU A 129 -3.54 8.84 8.21
N TRP A 130 -3.98 8.54 6.98
CA TRP A 130 -5.24 7.86 6.76
C TRP A 130 -5.00 6.39 6.40
N GLY A 131 -4.06 6.13 5.50
CA GLY A 131 -3.86 4.80 4.99
C GLY A 131 -2.52 4.60 4.30
N LEU A 132 -2.39 3.46 3.64
CA LEU A 132 -1.16 3.08 2.95
C LEU A 132 -1.46 2.61 1.55
N LEU A 133 -0.48 2.70 0.70
CA LEU A 133 -0.59 2.21 -0.65
C LEU A 133 0.66 1.39 -0.96
N ALA A 134 0.47 0.13 -1.26
CA ALA A 134 1.57 -0.76 -1.51
C ALA A 134 1.64 -1.13 -2.98
N ALA A 135 2.83 -1.01 -3.53
CA ALA A 135 3.06 -1.36 -4.91
C ALA A 135 4.21 -2.35 -5.00
N TYR A 136 3.93 -3.51 -5.57
CA TYR A 136 4.94 -4.54 -5.72
C TYR A 136 4.70 -5.34 -6.97
N GLN A 137 5.71 -6.06 -7.43
CA GLN A 137 5.54 -6.81 -8.66
C GLN A 137 6.46 -8.02 -8.76
N ASN A 138 5.87 -9.20 -8.49
CA ASN A 138 6.48 -10.54 -8.69
C ASN A 138 8.01 -10.56 -8.66
N SER A 139 8.56 -10.32 -7.49
CA SER A 139 9.99 -10.27 -7.29
C SER A 139 10.58 -8.96 -7.80
N GLY A 140 10.38 -8.68 -9.11
CA GLY A 140 10.86 -7.45 -9.80
C GLY A 140 11.89 -6.66 -9.01
N THR A 141 13.10 -7.18 -8.94
CA THR A 141 14.16 -6.60 -8.13
C THR A 141 14.80 -5.35 -8.76
N ARG A 142 13.97 -4.47 -9.30
CA ARG A 142 14.48 -3.25 -9.88
C ARG A 142 14.59 -2.19 -8.80
N ASP A 143 15.64 -1.40 -8.86
CA ASP A 143 15.85 -0.35 -7.88
C ASP A 143 14.94 0.81 -8.16
N TRP A 144 14.03 1.07 -7.24
CA TRP A 144 13.07 2.14 -7.37
C TRP A 144 13.78 3.48 -7.43
N ASP A 145 13.71 4.10 -8.59
CA ASP A 145 14.32 5.39 -8.78
C ASP A 145 13.55 6.44 -8.00
N GLU A 146 14.23 7.53 -7.64
CA GLU A 146 13.61 8.61 -6.88
C GLU A 146 12.37 9.13 -7.60
N SER A 147 12.41 9.16 -8.93
CA SER A 147 11.28 9.63 -9.73
C SER A 147 10.07 8.70 -9.60
N GLU A 148 10.34 7.43 -9.30
CA GLU A 148 9.28 6.44 -9.13
C GLU A 148 8.64 6.62 -7.76
N VAL A 149 9.49 6.79 -6.76
CA VAL A 149 9.05 6.95 -5.39
C VAL A 149 8.25 8.24 -5.21
N THR A 150 8.79 9.35 -5.71
CA THR A 150 8.14 10.64 -5.59
C THR A 150 6.83 10.68 -6.38
N LEU A 151 6.71 9.80 -7.37
CA LEU A 151 5.51 9.72 -8.18
C LEU A 151 4.41 9.03 -7.38
N LEU A 152 4.73 7.90 -6.80
CA LEU A 152 3.76 7.14 -6.03
C LEU A 152 3.37 7.89 -4.76
N ALA A 153 4.34 8.59 -4.17
CA ALA A 153 4.08 9.39 -2.98
C ALA A 153 3.12 10.53 -3.30
N ARG A 154 3.08 10.93 -4.57
CA ARG A 154 2.19 12.00 -4.98
C ARG A 154 0.79 11.45 -5.18
N ILE A 155 0.71 10.19 -5.61
CA ILE A 155 -0.55 9.49 -5.77
C ILE A 155 -1.31 9.51 -4.46
N GLY A 156 -0.61 9.14 -3.39
CA GLY A 156 -1.20 9.12 -2.06
C GLY A 156 -1.65 10.50 -1.61
N ASN A 157 -0.88 11.52 -1.93
CA ASN A 157 -1.21 12.88 -1.53
C ASN A 157 -2.40 13.42 -2.31
N GLN A 158 -2.41 13.17 -3.62
CA GLN A 158 -3.52 13.60 -4.47
C GLN A 158 -4.81 12.90 -4.04
N LEU A 159 -4.69 11.62 -3.72
CA LEU A 159 -5.81 10.85 -3.23
C LEU A 159 -6.27 11.44 -1.91
N GLY A 160 -5.31 11.74 -1.04
CA GLY A 160 -5.61 12.30 0.26
C GLY A 160 -6.30 13.65 0.16
N LEU A 161 -5.95 14.41 -0.87
CA LEU A 161 -6.56 15.70 -1.13
C LEU A 161 -8.06 15.52 -1.37
N ALA A 162 -8.39 14.68 -2.35
CA ALA A 162 -9.77 14.36 -2.69
C ALA A 162 -10.49 13.79 -1.46
N LEU A 163 -9.79 12.94 -0.75
CA LEU A 163 -10.29 12.31 0.46
C LEU A 163 -10.65 13.37 1.51
N GLN A 164 -9.75 14.32 1.73
CA GLN A 164 -9.98 15.38 2.70
C GLN A 164 -11.20 16.22 2.28
N GLN A 165 -11.28 16.53 0.99
CA GLN A 165 -12.39 17.30 0.46
C GLN A 165 -13.71 16.55 0.64
N THR A 166 -13.64 15.24 0.64
CA THR A 166 -14.82 14.42 0.86
C THR A 166 -15.12 14.33 2.36
N GLU A 167 -14.07 14.32 3.16
CA GLU A 167 -14.17 14.25 4.61
C GLU A 167 -14.96 15.45 5.16
N TYR A 168 -14.66 16.64 4.63
CA TYR A 168 -15.34 17.84 5.07
C TYR A 168 -16.73 17.92 4.42
N LEU A 169 -16.86 17.29 3.26
CA LEU A 169 -18.10 17.29 2.50
C LEU A 169 -19.18 16.48 3.23
N GLN A 170 -18.73 15.57 4.09
CA GLN A 170 -19.65 14.75 4.86
C GLN A 170 -20.45 15.60 5.86
N GLN A 171 -19.85 16.69 6.30
CA GLN A 171 -20.49 17.58 7.25
C GLN A 171 -20.94 18.85 6.56
N VAL A 172 -21.93 19.52 7.13
CA VAL A 172 -22.50 20.76 6.57
C VAL A 172 -23.29 20.47 5.29
N SER A 17 -18.76 7.47 0.45
CA SER A 17 -19.50 6.54 -0.40
C SER A 17 -18.80 6.31 -1.75
N ASP A 18 -18.77 7.36 -2.57
CA ASP A 18 -18.16 7.29 -3.92
C ASP A 18 -16.64 7.13 -3.85
N VAL A 19 -16.08 7.38 -2.66
CA VAL A 19 -14.63 7.26 -2.45
C VAL A 19 -14.13 5.86 -2.82
N GLU A 20 -15.01 4.87 -2.71
CA GLU A 20 -14.71 3.48 -3.05
C GLU A 20 -14.21 3.37 -4.50
N GLU A 21 -14.90 4.04 -5.40
CA GLU A 21 -14.55 4.01 -6.81
C GLU A 21 -13.29 4.82 -7.08
N ILE A 22 -13.05 5.83 -6.25
CA ILE A 22 -11.89 6.69 -6.40
C ILE A 22 -10.59 5.90 -6.20
N PHE A 23 -10.59 5.00 -5.21
CA PHE A 23 -9.42 4.16 -4.96
C PHE A 23 -9.14 3.29 -6.15
N LYS A 24 -10.18 2.59 -6.59
CA LYS A 24 -10.10 1.67 -7.73
C LYS A 24 -9.60 2.38 -8.98
N THR A 25 -10.12 3.58 -9.24
CA THR A 25 -9.69 4.39 -10.38
C THR A 25 -8.17 4.63 -10.32
N THR A 26 -7.70 5.01 -9.14
CA THR A 26 -6.29 5.27 -8.94
C THR A 26 -5.45 4.00 -9.13
N THR A 27 -5.85 2.93 -8.48
CA THR A 27 -5.14 1.66 -8.55
C THR A 27 -5.07 1.14 -10.00
N GLN A 28 -6.13 1.35 -10.75
CA GLN A 28 -6.19 0.87 -12.13
C GLN A 28 -5.20 1.61 -13.01
N GLU A 29 -5.21 2.94 -12.93
CA GLU A 29 -4.34 3.75 -13.76
C GLU A 29 -2.88 3.61 -13.35
N VAL A 30 -2.62 3.60 -12.04
CA VAL A 30 -1.25 3.50 -11.54
C VAL A 30 -0.66 2.11 -11.85
N ARG A 31 -1.54 1.11 -11.98
CA ARG A 31 -1.11 -0.25 -12.30
C ARG A 31 -0.42 -0.26 -13.66
N GLN A 32 -1.02 0.41 -14.62
CA GLN A 32 -0.48 0.47 -15.97
C GLN A 32 0.74 1.41 -16.00
N LEU A 33 0.63 2.52 -15.30
CA LEU A 33 1.67 3.54 -15.28
C LEU A 33 3.00 3.00 -14.73
N LEU A 34 2.98 2.46 -13.53
CA LEU A 34 4.20 1.95 -12.92
C LEU A 34 4.40 0.46 -13.18
N ARG A 35 3.59 -0.09 -14.09
CA ARG A 35 3.68 -1.51 -14.53
C ARG A 35 3.65 -2.48 -13.34
N CYS A 36 3.04 -2.07 -12.24
CA CYS A 36 3.00 -2.91 -11.06
C CYS A 36 1.92 -3.99 -11.17
N ASP A 37 2.26 -5.22 -10.81
CA ASP A 37 1.31 -6.31 -10.93
C ASP A 37 0.30 -6.29 -9.80
N ARG A 38 0.74 -5.85 -8.63
CA ARG A 38 -0.13 -5.78 -7.48
C ARG A 38 0.01 -4.45 -6.76
N VAL A 39 -1.05 -3.67 -6.79
CA VAL A 39 -1.10 -2.39 -6.11
C VAL A 39 -2.25 -2.42 -5.13
N ALA A 40 -2.00 -2.04 -3.88
CA ALA A 40 -3.03 -2.12 -2.85
C ALA A 40 -3.04 -0.89 -1.97
N VAL A 41 -4.24 -0.44 -1.63
CA VAL A 41 -4.44 0.69 -0.75
C VAL A 41 -4.78 0.21 0.65
N TYR A 42 -4.08 0.72 1.64
CA TYR A 42 -4.33 0.35 3.02
C TYR A 42 -5.09 1.46 3.72
N ARG A 43 -5.85 1.10 4.73
CA ARG A 43 -6.60 2.06 5.53
C ARG A 43 -6.34 1.75 6.97
N PHE A 44 -5.78 2.69 7.72
CA PHE A 44 -5.49 2.41 9.10
C PHE A 44 -6.76 2.43 9.91
N ASN A 45 -7.09 1.29 10.46
CA ASN A 45 -8.31 1.15 11.28
C ASN A 45 -8.14 1.90 12.59
N PRO A 46 -9.23 2.10 13.37
CA PRO A 46 -9.15 2.75 14.68
C PRO A 46 -8.21 2.01 15.64
N ASN A 47 -7.97 0.73 15.33
CA ASN A 47 -7.06 -0.10 16.13
C ASN A 47 -5.67 -0.09 15.51
N TRP A 48 -5.56 0.63 14.39
CA TRP A 48 -4.31 0.79 13.65
C TRP A 48 -3.94 -0.51 12.96
N THR A 49 -4.97 -1.25 12.58
CA THR A 49 -4.80 -2.52 11.94
C THR A 49 -4.36 -2.35 10.48
N GLY A 50 -5.02 -1.44 9.77
CA GLY A 50 -4.63 -1.17 8.40
C GLY A 50 -5.10 -2.23 7.42
N GLU A 51 -6.38 -2.20 7.09
CA GLU A 51 -6.97 -3.21 6.23
C GLU A 51 -6.84 -2.84 4.75
N PHE A 52 -7.23 -3.76 3.90
CA PHE A 52 -7.18 -3.55 2.47
C PHE A 52 -8.54 -3.05 1.99
N VAL A 53 -8.57 -1.85 1.47
CA VAL A 53 -9.83 -1.28 0.98
C VAL A 53 -9.98 -1.46 -0.53
N ALA A 54 -8.91 -1.26 -1.26
CA ALA A 54 -8.92 -1.41 -2.70
C ALA A 54 -7.58 -1.88 -3.20
N GLU A 55 -7.60 -2.78 -4.15
CA GLU A 55 -6.39 -3.32 -4.71
C GLU A 55 -6.62 -3.72 -6.16
N SER A 56 -5.58 -3.61 -6.97
CA SER A 56 -5.67 -3.97 -8.37
C SER A 56 -4.57 -4.97 -8.72
N VAL A 57 -4.97 -6.12 -9.24
CA VAL A 57 -4.05 -7.17 -9.62
C VAL A 57 -4.44 -7.77 -10.96
N ALA A 58 -3.44 -8.18 -11.73
CA ALA A 58 -3.69 -8.88 -12.97
C ALA A 58 -4.29 -10.25 -12.68
N HIS A 59 -5.26 -10.66 -13.49
CA HIS A 59 -5.99 -11.92 -13.27
C HIS A 59 -5.06 -13.14 -13.25
N THR A 60 -3.90 -13.00 -13.87
CA THR A 60 -2.92 -14.08 -13.91
C THR A 60 -2.30 -14.36 -12.52
N TRP A 61 -2.33 -13.36 -11.64
CA TRP A 61 -1.72 -13.52 -10.32
C TRP A 61 -2.81 -13.69 -9.26
N VAL A 62 -2.36 -13.90 -8.02
CA VAL A 62 -3.28 -14.02 -6.89
C VAL A 62 -3.71 -12.65 -6.42
N LYS A 63 -4.88 -12.59 -5.80
CA LYS A 63 -5.42 -11.32 -5.32
C LYS A 63 -5.02 -11.07 -3.87
N LEU A 64 -5.43 -9.93 -3.35
CA LEU A 64 -5.20 -9.60 -1.96
C LEU A 64 -6.53 -9.31 -1.31
N VAL A 65 -7.19 -8.23 -1.71
CA VAL A 65 -8.55 -7.87 -1.22
C VAL A 65 -9.62 -8.95 -1.55
N GLY A 66 -9.40 -10.18 -1.11
CA GLY A 66 -10.33 -11.22 -1.38
C GLY A 66 -10.46 -12.19 -0.23
N PRO A 67 -11.25 -13.24 -0.42
CA PRO A 67 -11.46 -14.27 0.59
C PRO A 67 -10.51 -15.45 0.39
N ASP A 68 -9.57 -15.29 -0.54
CA ASP A 68 -8.61 -16.32 -0.87
C ASP A 68 -7.26 -15.98 -0.26
N ILE A 69 -7.28 -15.14 0.76
CA ILE A 69 -6.07 -14.72 1.43
C ILE A 69 -5.53 -15.82 2.31
N LYS A 70 -4.34 -16.27 2.01
CA LYS A 70 -3.73 -17.31 2.78
C LYS A 70 -2.42 -16.81 3.36
N THR A 71 -2.39 -16.58 4.64
CA THR A 71 -1.18 -16.17 5.30
C THR A 71 -0.59 -17.32 6.07
N VAL A 72 0.72 -17.42 6.07
CA VAL A 72 1.38 -18.44 6.84
C VAL A 72 1.13 -18.20 8.33
N TRP A 73 1.13 -16.93 8.70
CA TRP A 73 0.80 -16.47 10.03
C TRP A 73 0.34 -15.03 9.95
N GLU A 74 -0.47 -14.60 10.91
CA GLU A 74 -0.99 -13.24 10.89
C GLU A 74 0.09 -12.22 11.22
N ASP A 75 0.18 -11.19 10.40
CA ASP A 75 1.22 -10.19 10.55
C ASP A 75 0.64 -8.79 10.46
N THR A 76 0.68 -8.04 11.54
CA THR A 76 0.42 -6.65 11.42
C THR A 76 1.71 -5.89 11.69
N HIS A 77 2.07 -5.03 10.80
CA HIS A 77 3.21 -4.16 10.98
C HIS A 77 2.80 -2.84 11.55
N LEU A 78 1.52 -2.55 11.44
CA LEU A 78 1.08 -1.20 11.61
C LEU A 78 0.77 -0.94 13.06
N GLN A 79 -0.12 -1.75 13.59
CA GLN A 79 -0.55 -1.66 14.97
C GLN A 79 0.63 -1.88 15.92
N GLU A 80 1.60 -2.69 15.51
CA GLU A 80 2.75 -2.97 16.36
C GLU A 80 3.58 -1.72 16.61
N THR A 81 3.53 -0.77 15.68
CA THR A 81 4.31 0.44 15.81
C THR A 81 3.42 1.69 15.95
N GLN A 82 2.12 1.54 15.63
CA GLN A 82 1.14 2.63 15.72
C GLN A 82 1.52 3.74 14.76
N GLY A 83 1.71 3.37 13.51
CA GLY A 83 2.11 4.32 12.50
C GLY A 83 3.60 4.22 12.22
N GLY A 84 4.39 4.39 13.28
CA GLY A 84 5.83 4.26 13.17
C GLY A 84 6.45 5.21 12.19
N ARG A 85 7.10 4.65 11.18
CA ARG A 85 7.80 5.44 10.17
C ARG A 85 6.83 6.27 9.34
N TYR A 86 5.66 5.70 9.05
CA TYR A 86 4.63 6.42 8.31
C TYR A 86 4.16 7.63 9.09
N ALA A 87 4.09 7.48 10.40
CA ALA A 87 3.71 8.58 11.29
C ALA A 87 4.79 9.65 11.31
N GLN A 88 6.00 9.28 10.90
CA GLN A 88 7.11 10.21 10.80
C GLN A 88 7.10 10.87 9.43
N GLY A 89 6.53 10.18 8.45
CA GLY A 89 6.45 10.70 7.10
C GLY A 89 7.52 10.13 6.21
N GLU A 90 8.02 8.95 6.55
CA GLU A 90 9.07 8.30 5.78
C GLU A 90 8.51 7.46 4.64
N ASN A 91 9.17 7.53 3.49
CA ASN A 91 8.82 6.72 2.34
C ASN A 91 10.09 5.99 1.88
N PHE A 92 10.08 4.65 1.90
CA PHE A 92 11.29 3.92 1.48
C PHE A 92 10.94 2.65 0.75
N VAL A 93 11.59 2.44 -0.38
CA VAL A 93 11.38 1.28 -1.20
C VAL A 93 12.41 0.20 -0.94
N VAL A 94 12.00 -1.03 -1.11
CA VAL A 94 12.86 -2.18 -0.93
C VAL A 94 12.98 -2.94 -2.24
N ASN A 95 14.18 -2.95 -2.81
CA ASN A 95 14.42 -3.61 -4.09
C ASN A 95 14.32 -5.13 -3.95
N ASP A 96 14.62 -5.63 -2.76
CA ASP A 96 14.50 -7.06 -2.48
C ASP A 96 14.67 -7.35 -1.01
N ILE A 97 13.73 -8.08 -0.47
CA ILE A 97 13.72 -8.43 0.93
C ILE A 97 14.92 -9.30 1.33
N TYR A 98 15.43 -10.11 0.40
CA TYR A 98 16.57 -10.98 0.70
C TYR A 98 17.90 -10.25 0.50
N GLN A 99 17.86 -9.08 -0.12
CA GLN A 99 19.07 -8.30 -0.34
C GLN A 99 19.33 -7.37 0.83
N VAL A 100 18.25 -6.87 1.41
CA VAL A 100 18.35 -5.93 2.52
C VAL A 100 18.48 -6.64 3.87
N GLY A 101 17.97 -7.86 3.96
CA GLY A 101 18.06 -8.60 5.21
C GLY A 101 16.85 -8.38 6.10
N HIS A 102 15.67 -8.29 5.49
CA HIS A 102 14.42 -8.07 6.23
C HIS A 102 14.12 -9.22 7.20
N SER A 103 13.08 -9.05 8.01
CA SER A 103 12.70 -10.03 9.01
C SER A 103 12.34 -11.38 8.37
N PRO A 104 12.91 -12.49 8.88
CA PRO A 104 12.65 -13.83 8.36
C PRO A 104 11.18 -14.22 8.43
N CYS A 105 10.48 -13.81 9.49
CA CYS A 105 9.07 -14.16 9.63
C CYS A 105 8.26 -13.46 8.55
N HIS A 106 8.67 -12.25 8.24
CA HIS A 106 8.02 -11.44 7.24
C HIS A 106 8.42 -11.92 5.85
N ILE A 107 9.63 -12.47 5.73
CA ILE A 107 10.15 -13.01 4.47
C ILE A 107 9.24 -14.14 3.96
N GLU A 108 8.84 -15.03 4.88
CA GLU A 108 8.01 -16.16 4.53
C GLU A 108 6.62 -15.70 4.10
N ILE A 109 6.07 -14.75 4.84
CA ILE A 109 4.78 -14.14 4.50
C ILE A 109 4.83 -13.51 3.12
N LEU A 110 5.86 -12.73 2.86
CA LEU A 110 6.00 -12.02 1.60
C LEU A 110 6.15 -12.95 0.42
N GLU A 111 7.05 -13.92 0.52
CA GLU A 111 7.29 -14.85 -0.58
C GLU A 111 6.00 -15.63 -0.94
N GLN A 112 5.12 -15.76 0.03
CA GLN A 112 3.87 -16.47 -0.17
C GLN A 112 2.97 -15.74 -1.17
N PHE A 113 3.07 -14.42 -1.18
CA PHE A 113 2.26 -13.61 -2.07
C PHE A 113 3.09 -13.11 -3.24
N GLU A 114 4.26 -13.75 -3.44
CA GLU A 114 5.18 -13.42 -4.55
C GLU A 114 5.77 -12.00 -4.43
N VAL A 115 5.66 -11.39 -3.27
CA VAL A 115 6.14 -10.03 -3.08
C VAL A 115 7.55 -10.02 -2.47
N LYS A 116 8.55 -9.85 -3.31
CA LYS A 116 9.92 -9.73 -2.76
C LYS A 116 10.48 -8.31 -2.91
N ALA A 117 9.84 -7.48 -3.73
CA ALA A 117 10.26 -6.09 -3.90
C ALA A 117 9.04 -5.22 -3.79
N TYR A 118 9.15 -4.08 -3.08
CA TYR A 118 7.97 -3.27 -2.83
C TYR A 118 8.30 -1.85 -2.34
N VAL A 119 7.29 -0.98 -2.43
CA VAL A 119 7.40 0.42 -2.01
C VAL A 119 6.20 0.81 -1.14
N ILE A 120 6.45 1.54 -0.05
CA ILE A 120 5.36 2.01 0.80
C ILE A 120 5.31 3.52 0.93
N VAL A 121 4.26 4.07 0.38
CA VAL A 121 4.02 5.51 0.44
C VAL A 121 2.88 5.84 1.42
N PRO A 122 3.18 6.63 2.47
CA PRO A 122 2.19 7.00 3.49
C PRO A 122 1.25 8.09 2.99
N VAL A 123 -0.04 7.97 3.31
CA VAL A 123 -1.02 8.96 2.87
C VAL A 123 -1.80 9.56 4.05
N PHE A 124 -1.34 10.72 4.53
CA PHE A 124 -2.09 11.46 5.54
C PHE A 124 -3.34 12.07 4.92
N ALA A 125 -4.38 12.23 5.71
CA ALA A 125 -5.62 12.82 5.24
C ALA A 125 -6.43 13.37 6.39
N GLY A 126 -6.68 14.66 6.34
CA GLY A 126 -7.48 15.30 7.36
C GLY A 126 -6.66 15.68 8.56
N GLU A 127 -6.79 14.90 9.63
CA GLU A 127 -6.09 15.18 10.86
C GLU A 127 -5.05 14.11 11.19
N GLN A 128 -5.21 12.92 10.61
CA GLN A 128 -4.32 11.80 10.92
C GLN A 128 -3.89 11.06 9.67
N LEU A 129 -3.15 10.00 9.90
CA LEU A 129 -2.71 9.13 8.86
C LEU A 129 -3.85 8.22 8.44
N TRP A 130 -4.43 8.49 7.29
CA TRP A 130 -5.56 7.73 6.81
C TRP A 130 -5.14 6.37 6.30
N GLY A 131 -4.15 6.35 5.42
CA GLY A 131 -3.81 5.14 4.76
C GLY A 131 -2.49 5.22 4.05
N LEU A 132 -2.30 4.28 3.17
CA LEU A 132 -1.07 4.20 2.40
C LEU A 132 -1.28 3.42 1.12
N LEU A 133 -0.28 3.41 0.29
CA LEU A 133 -0.36 2.76 -1.00
C LEU A 133 0.89 1.91 -1.21
N ALA A 134 0.70 0.64 -1.43
CA ALA A 134 1.81 -0.26 -1.63
C ALA A 134 1.85 -0.76 -3.06
N ALA A 135 3.03 -0.80 -3.62
CA ALA A 135 3.22 -1.27 -4.98
C ALA A 135 4.37 -2.25 -5.01
N TYR A 136 4.15 -3.41 -5.60
CA TYR A 136 5.18 -4.41 -5.69
C TYR A 136 5.03 -5.24 -6.95
N GLN A 137 6.12 -5.90 -7.38
CA GLN A 137 6.05 -6.67 -8.62
C GLN A 137 6.80 -7.97 -8.50
N ASN A 138 6.04 -9.03 -8.24
CA ASN A 138 6.48 -10.45 -8.30
C ASN A 138 7.99 -10.69 -8.23
N SER A 139 8.58 -10.40 -7.10
CA SER A 139 10.01 -10.66 -6.86
C SER A 139 10.94 -9.92 -7.85
N GLY A 140 10.48 -8.83 -8.43
CA GLY A 140 11.31 -8.04 -9.33
C GLY A 140 12.34 -7.23 -8.55
N THR A 141 13.51 -7.82 -8.39
CA THR A 141 14.60 -7.24 -7.57
C THR A 141 15.27 -6.03 -8.24
N ARG A 142 14.48 -5.15 -8.80
CA ARG A 142 15.01 -3.97 -9.44
C ARG A 142 15.01 -2.78 -8.49
N ASP A 143 16.03 -1.95 -8.57
CA ASP A 143 16.11 -0.74 -7.76
C ASP A 143 15.20 0.32 -8.33
N TRP A 144 14.14 0.62 -7.60
CA TRP A 144 13.18 1.62 -8.02
C TRP A 144 13.85 3.01 -8.08
N ASP A 145 13.55 3.77 -9.14
CA ASP A 145 14.14 5.10 -9.31
C ASP A 145 13.48 6.10 -8.35
N GLU A 146 14.27 6.99 -7.75
CA GLU A 146 13.74 7.94 -6.78
C GLU A 146 12.67 8.85 -7.40
N SER A 147 12.83 9.23 -8.68
CA SER A 147 11.84 10.06 -9.35
C SER A 147 10.58 9.25 -9.65
N GLU A 148 10.74 7.93 -9.70
CA GLU A 148 9.64 7.02 -9.94
C GLU A 148 8.89 6.81 -8.62
N VAL A 149 9.65 6.76 -7.55
CA VAL A 149 9.10 6.62 -6.20
C VAL A 149 8.33 7.88 -5.79
N THR A 150 8.94 9.04 -6.03
CA THR A 150 8.31 10.30 -5.68
C THR A 150 7.01 10.50 -6.43
N LEU A 151 6.97 10.00 -7.67
CA LEU A 151 5.75 10.05 -8.47
C LEU A 151 4.61 9.32 -7.73
N LEU A 152 4.93 8.15 -7.19
CA LEU A 152 3.97 7.35 -6.45
C LEU A 152 3.56 8.04 -5.15
N ALA A 153 4.54 8.54 -4.41
CA ALA A 153 4.27 9.23 -3.15
C ALA A 153 3.53 10.54 -3.41
N ARG A 154 3.62 11.04 -4.63
CA ARG A 154 2.96 12.28 -5.01
C ARG A 154 1.46 12.03 -5.13
N ILE A 155 1.13 10.89 -5.73
CA ILE A 155 -0.25 10.48 -5.92
C ILE A 155 -0.93 10.30 -4.57
N GLY A 156 -0.16 9.84 -3.58
CA GLY A 156 -0.68 9.66 -2.25
C GLY A 156 -1.07 10.96 -1.61
N ASN A 157 -0.19 11.95 -1.69
CA ASN A 157 -0.43 13.27 -1.12
C ASN A 157 -1.65 13.93 -1.77
N GLN A 158 -1.89 13.59 -3.02
CA GLN A 158 -3.02 14.13 -3.77
C GLN A 158 -4.33 13.50 -3.29
N LEU A 159 -4.27 12.26 -2.84
CA LEU A 159 -5.47 11.58 -2.35
C LEU A 159 -5.93 12.20 -1.04
N GLY A 160 -4.96 12.67 -0.25
CA GLY A 160 -5.26 13.34 1.01
C GLY A 160 -6.26 14.48 0.83
N LEU A 161 -6.11 15.22 -0.25
CA LEU A 161 -7.00 16.33 -0.55
C LEU A 161 -8.39 15.80 -0.91
N ALA A 162 -8.43 14.79 -1.77
CA ALA A 162 -9.69 14.15 -2.19
C ALA A 162 -10.44 13.59 -0.98
N LEU A 163 -9.70 13.03 -0.03
CA LEU A 163 -10.27 12.49 1.19
C LEU A 163 -10.97 13.60 1.98
N GLN A 164 -10.26 14.70 2.19
CA GLN A 164 -10.82 15.84 2.93
C GLN A 164 -11.97 16.47 2.16
N GLN A 165 -11.88 16.42 0.84
CA GLN A 165 -12.91 16.98 -0.02
C GLN A 165 -14.26 16.29 0.22
N THR A 166 -14.25 14.97 0.32
CA THR A 166 -15.47 14.24 0.53
C THR A 166 -15.98 14.38 1.98
N GLU A 167 -15.09 14.78 2.90
CA GLU A 167 -15.47 14.96 4.29
C GLU A 167 -16.45 16.12 4.45
N TYR A 168 -16.34 17.12 3.57
CA TYR A 168 -17.25 18.28 3.60
C TYR A 168 -18.66 17.84 3.27
N LEU A 169 -18.77 16.79 2.47
CA LEU A 169 -20.06 16.25 2.08
C LEU A 169 -20.55 15.26 3.11
N GLN A 170 -19.62 14.58 3.77
CA GLN A 170 -19.94 13.61 4.81
C GLN A 170 -20.48 14.33 6.05
N GLN A 171 -19.72 15.32 6.52
CA GLN A 171 -20.12 16.09 7.67
C GLN A 171 -20.72 17.41 7.23
N VAL A 172 -20.82 18.36 8.15
CA VAL A 172 -21.39 19.67 7.87
C VAL A 172 -22.88 19.57 7.59
N SER A 17 -20.05 4.16 -4.50
CA SER A 17 -19.54 5.07 -3.47
C SER A 17 -18.32 5.80 -4.00
N ASP A 18 -18.45 7.11 -4.17
CA ASP A 18 -17.40 7.96 -4.77
C ASP A 18 -16.03 7.73 -4.11
N VAL A 19 -16.04 7.67 -2.77
CA VAL A 19 -14.81 7.48 -2.01
C VAL A 19 -14.15 6.12 -2.33
N GLU A 20 -14.99 5.11 -2.54
CA GLU A 20 -14.49 3.78 -2.88
C GLU A 20 -14.07 3.74 -4.35
N GLU A 21 -14.85 4.42 -5.18
CA GLU A 21 -14.60 4.48 -6.62
C GLU A 21 -13.25 5.09 -6.94
N ILE A 22 -12.87 6.16 -6.24
CA ILE A 22 -11.59 6.80 -6.49
C ILE A 22 -10.42 5.88 -6.14
N PHE A 23 -10.62 4.99 -5.16
CA PHE A 23 -9.56 4.05 -4.76
C PHE A 23 -9.33 3.04 -5.88
N LYS A 24 -10.42 2.46 -6.37
CA LYS A 24 -10.37 1.46 -7.42
C LYS A 24 -9.82 2.07 -8.72
N THR A 25 -10.18 3.32 -8.95
CA THR A 25 -9.72 4.03 -10.11
C THR A 25 -8.20 4.29 -10.04
N THR A 26 -7.76 4.85 -8.92
CA THR A 26 -6.36 5.17 -8.72
C THR A 26 -5.48 3.92 -8.77
N THR A 27 -5.91 2.84 -8.12
CA THR A 27 -5.13 1.59 -8.09
C THR A 27 -4.84 1.08 -9.51
N GLN A 28 -5.83 1.20 -10.40
CA GLN A 28 -5.65 0.76 -11.78
C GLN A 28 -4.58 1.59 -12.48
N GLU A 29 -4.62 2.89 -12.23
CA GLU A 29 -3.66 3.80 -12.84
C GLU A 29 -2.25 3.55 -12.30
N VAL A 30 -2.14 3.34 -10.98
CA VAL A 30 -0.85 3.08 -10.34
C VAL A 30 -0.15 1.89 -11.00
N ARG A 31 -0.92 0.85 -11.25
CA ARG A 31 -0.40 -0.36 -11.87
C ARG A 31 0.18 -0.06 -13.25
N GLN A 32 -0.53 0.74 -14.03
CA GLN A 32 -0.11 1.06 -15.39
C GLN A 32 1.07 2.03 -15.41
N LEU A 33 1.02 3.05 -14.55
CA LEU A 33 2.03 4.09 -14.51
C LEU A 33 3.44 3.56 -14.20
N LEU A 34 3.55 2.74 -13.18
CA LEU A 34 4.87 2.23 -12.76
C LEU A 34 5.05 0.77 -13.12
N ARG A 35 4.16 0.24 -13.97
CA ARG A 35 4.23 -1.16 -14.41
C ARG A 35 4.21 -2.13 -13.23
N CYS A 36 3.47 -1.78 -12.19
CA CYS A 36 3.38 -2.60 -11.01
C CYS A 36 2.45 -3.78 -11.29
N ASP A 37 2.50 -4.77 -10.42
CA ASP A 37 1.69 -5.95 -10.62
C ASP A 37 0.57 -6.01 -9.62
N ARG A 38 0.85 -5.64 -8.38
CA ARG A 38 -0.15 -5.72 -7.33
C ARG A 38 -0.17 -4.46 -6.50
N VAL A 39 -1.27 -3.75 -6.57
CA VAL A 39 -1.45 -2.54 -5.80
C VAL A 39 -2.62 -2.74 -4.84
N ALA A 40 -2.41 -2.41 -3.58
CA ALA A 40 -3.45 -2.60 -2.57
C ALA A 40 -3.53 -1.40 -1.65
N VAL A 41 -4.75 -0.98 -1.35
CA VAL A 41 -4.98 0.14 -0.46
C VAL A 41 -5.28 -0.36 0.95
N TYR A 42 -4.54 0.14 1.91
CA TYR A 42 -4.74 -0.20 3.30
C TYR A 42 -5.40 0.97 4.02
N ARG A 43 -6.21 0.67 5.01
CA ARG A 43 -6.81 1.67 5.85
C ARG A 43 -6.45 1.37 7.27
N PHE A 44 -6.01 2.35 8.03
CA PHE A 44 -5.68 2.08 9.41
C PHE A 44 -6.95 1.94 10.22
N ASN A 45 -7.16 0.77 10.76
CA ASN A 45 -8.34 0.51 11.58
C ASN A 45 -8.12 1.05 12.98
N PRO A 46 -9.20 1.24 13.78
CA PRO A 46 -9.10 1.73 15.17
C PRO A 46 -8.17 0.87 16.04
N ASN A 47 -8.00 -0.38 15.64
CA ASN A 47 -7.12 -1.30 16.36
C ASN A 47 -5.72 -1.29 15.78
N TRP A 48 -5.49 -0.38 14.84
CA TRP A 48 -4.19 -0.22 14.15
C TRP A 48 -3.80 -1.48 13.38
N THR A 49 -4.80 -2.24 12.97
CA THR A 49 -4.57 -3.44 12.21
C THR A 49 -4.25 -3.11 10.75
N GLY A 50 -5.02 -2.18 10.19
CA GLY A 50 -4.78 -1.77 8.82
C GLY A 50 -5.38 -2.75 7.83
N GLU A 51 -6.69 -2.68 7.64
CA GLU A 51 -7.39 -3.64 6.80
C GLU A 51 -7.43 -3.18 5.34
N PHE A 52 -7.61 -4.14 4.44
CA PHE A 52 -7.65 -3.88 3.02
C PHE A 52 -9.01 -3.29 2.63
N VAL A 53 -9.05 -2.59 1.51
CA VAL A 53 -10.30 -2.02 1.01
C VAL A 53 -10.42 -2.14 -0.51
N ALA A 54 -9.33 -1.89 -1.23
CA ALA A 54 -9.35 -1.97 -2.69
C ALA A 54 -8.03 -2.51 -3.22
N GLU A 55 -8.12 -3.43 -4.17
CA GLU A 55 -6.94 -4.02 -4.79
C GLU A 55 -6.99 -3.95 -6.31
N SER A 56 -5.82 -3.92 -6.92
CA SER A 56 -5.66 -4.01 -8.35
C SER A 56 -4.49 -4.93 -8.66
N VAL A 57 -4.80 -6.11 -9.17
CA VAL A 57 -3.79 -7.13 -9.45
C VAL A 57 -4.07 -7.82 -10.78
N ALA A 58 -3.00 -8.24 -11.46
CA ALA A 58 -3.13 -8.98 -12.70
C ALA A 58 -3.88 -10.28 -12.46
N HIS A 59 -4.77 -10.63 -13.38
CA HIS A 59 -5.62 -11.82 -13.25
C HIS A 59 -4.81 -13.11 -13.34
N THR A 60 -3.54 -12.99 -13.63
CA THR A 60 -2.67 -14.13 -13.74
C THR A 60 -2.20 -14.59 -12.37
N TRP A 61 -2.33 -13.72 -11.38
CA TRP A 61 -1.83 -14.00 -10.04
C TRP A 61 -2.95 -14.13 -9.01
N VAL A 62 -2.57 -14.14 -7.74
CA VAL A 62 -3.50 -14.28 -6.64
C VAL A 62 -3.98 -12.91 -6.13
N LYS A 63 -5.15 -12.90 -5.50
CA LYS A 63 -5.71 -11.67 -4.94
C LYS A 63 -5.26 -11.47 -3.49
N LEU A 64 -5.54 -10.30 -2.94
CA LEU A 64 -5.16 -9.99 -1.58
C LEU A 64 -6.35 -9.49 -0.77
N VAL A 65 -7.42 -9.12 -1.47
CA VAL A 65 -8.64 -8.64 -0.82
C VAL A 65 -9.82 -9.52 -1.25
N GLY A 66 -9.54 -10.80 -1.45
CA GLY A 66 -10.57 -11.72 -1.88
C GLY A 66 -10.90 -12.76 -0.84
N PRO A 67 -11.53 -13.87 -1.24
CA PRO A 67 -11.90 -14.95 -0.32
C PRO A 67 -10.78 -16.00 -0.17
N ASP A 68 -9.90 -16.07 -1.14
CA ASP A 68 -8.82 -17.07 -1.16
C ASP A 68 -7.57 -16.58 -0.45
N ILE A 69 -7.73 -15.62 0.44
CA ILE A 69 -6.58 -15.08 1.17
C ILE A 69 -6.05 -16.10 2.16
N LYS A 70 -4.91 -16.66 1.82
CA LYS A 70 -4.27 -17.63 2.68
C LYS A 70 -2.90 -17.14 3.08
N THR A 71 -2.75 -16.75 4.32
CA THR A 71 -1.49 -16.29 4.83
C THR A 71 -0.85 -17.37 5.71
N VAL A 72 0.45 -17.62 5.52
CA VAL A 72 1.18 -18.59 6.35
C VAL A 72 0.97 -18.28 7.82
N TRP A 73 1.11 -17.03 8.16
CA TRP A 73 0.85 -16.52 9.49
C TRP A 73 0.47 -15.05 9.40
N GLU A 74 -0.73 -14.73 9.87
CA GLU A 74 -1.24 -13.36 9.79
C GLU A 74 -0.35 -12.40 10.57
N ASP A 75 0.11 -11.37 9.90
CA ASP A 75 1.00 -10.42 10.51
C ASP A 75 0.55 -8.99 10.27
N THR A 76 0.51 -8.20 11.33
CA THR A 76 0.26 -6.81 11.14
C THR A 76 1.53 -6.01 11.43
N HIS A 77 1.86 -5.13 10.53
CA HIS A 77 3.00 -4.23 10.67
C HIS A 77 2.60 -2.94 11.33
N LEU A 78 1.32 -2.68 11.37
CA LEU A 78 0.90 -1.33 11.61
C LEU A 78 0.76 -1.11 13.10
N GLN A 79 0.26 -2.14 13.78
CA GLN A 79 0.06 -2.13 15.22
C GLN A 79 1.39 -2.03 15.94
N GLU A 80 2.41 -2.72 15.42
CA GLU A 80 3.72 -2.75 16.04
C GLU A 80 4.31 -1.34 16.24
N THR A 81 4.06 -0.45 15.29
CA THR A 81 4.59 0.89 15.39
C THR A 81 3.50 1.91 15.71
N GLN A 82 2.25 1.58 15.35
CA GLN A 82 1.11 2.48 15.54
C GLN A 82 1.33 3.78 14.77
N GLY A 83 2.12 3.69 13.72
CA GLY A 83 2.42 4.85 12.92
C GLY A 83 3.82 5.36 13.17
N GLY A 84 4.80 4.59 12.75
CA GLY A 84 6.18 5.00 12.91
C GLY A 84 6.73 5.70 11.68
N ARG A 85 7.58 4.98 10.95
CA ARG A 85 8.28 5.48 9.74
C ARG A 85 7.38 6.40 8.87
N TYR A 86 6.35 5.83 8.30
CA TYR A 86 5.46 6.55 7.37
C TYR A 86 4.75 7.73 8.03
N ALA A 87 4.15 7.49 9.20
CA ALA A 87 3.42 8.52 9.93
C ALA A 87 4.30 9.71 10.26
N GLN A 88 5.59 9.46 10.41
CA GLN A 88 6.54 10.52 10.70
C GLN A 88 7.07 11.15 9.41
N GLY A 89 6.40 10.84 8.30
CA GLY A 89 6.75 11.43 7.02
C GLY A 89 7.88 10.72 6.31
N GLU A 90 8.08 9.44 6.60
CA GLU A 90 9.17 8.72 5.97
C GLU A 90 8.66 7.69 4.98
N ASN A 91 9.15 7.79 3.76
CA ASN A 91 8.78 6.87 2.70
C ASN A 91 9.63 5.60 2.81
N PHE A 92 9.02 4.47 2.57
CA PHE A 92 9.72 3.21 2.70
C PHE A 92 9.88 2.53 1.35
N VAL A 93 11.13 2.29 0.96
CA VAL A 93 11.42 1.66 -0.33
C VAL A 93 12.26 0.41 -0.12
N VAL A 94 11.87 -0.67 -0.77
CA VAL A 94 12.60 -1.94 -0.68
C VAL A 94 12.81 -2.52 -2.07
N ASN A 95 14.06 -2.48 -2.53
CA ASN A 95 14.42 -3.03 -3.85
C ASN A 95 14.34 -4.55 -3.84
N ASP A 96 14.65 -5.14 -2.69
CA ASP A 96 14.59 -6.59 -2.49
C ASP A 96 14.63 -6.92 -1.01
N ILE A 97 13.66 -7.69 -0.56
CA ILE A 97 13.59 -8.09 0.83
C ILE A 97 14.76 -8.97 1.25
N TYR A 98 15.32 -9.70 0.30
CA TYR A 98 16.47 -10.55 0.57
C TYR A 98 17.77 -9.77 0.49
N GLN A 99 17.68 -8.55 -0.01
CA GLN A 99 18.85 -7.69 -0.13
C GLN A 99 19.03 -6.84 1.12
N VAL A 100 17.94 -6.27 1.59
CA VAL A 100 17.98 -5.40 2.75
C VAL A 100 18.13 -6.16 4.07
N GLY A 101 17.85 -7.46 4.04
CA GLY A 101 17.98 -8.25 5.25
C GLY A 101 16.74 -8.17 6.13
N HIS A 102 15.58 -8.13 5.49
CA HIS A 102 14.30 -8.03 6.20
C HIS A 102 14.06 -9.19 7.16
N SER A 103 13.01 -9.06 7.94
CA SER A 103 12.65 -10.08 8.92
C SER A 103 12.20 -11.36 8.21
N PRO A 104 12.78 -12.51 8.58
CA PRO A 104 12.47 -13.81 7.94
C PRO A 104 11.00 -14.18 8.04
N CYS A 105 10.34 -13.80 9.13
CA CYS A 105 8.94 -14.14 9.32
C CYS A 105 8.08 -13.43 8.30
N HIS A 106 8.44 -12.20 8.00
CA HIS A 106 7.71 -11.40 7.06
C HIS A 106 8.13 -11.76 5.65
N ILE A 107 9.40 -12.13 5.48
CA ILE A 107 9.92 -12.51 4.18
C ILE A 107 9.19 -13.75 3.64
N GLU A 108 8.94 -14.74 4.48
CA GLU A 108 8.23 -15.93 4.02
C GLU A 108 6.80 -15.57 3.61
N ILE A 109 6.16 -14.72 4.41
CA ILE A 109 4.83 -14.20 4.08
C ILE A 109 4.86 -13.54 2.71
N LEU A 110 5.87 -12.69 2.52
CA LEU A 110 6.03 -11.96 1.28
C LEU A 110 6.30 -12.90 0.11
N GLU A 111 7.21 -13.85 0.31
CA GLU A 111 7.56 -14.79 -0.75
C GLU A 111 6.34 -15.64 -1.15
N GLN A 112 5.47 -15.89 -0.19
CA GLN A 112 4.26 -16.66 -0.47
C GLN A 112 3.32 -15.86 -1.37
N PHE A 113 3.25 -14.56 -1.12
CA PHE A 113 2.41 -13.67 -1.92
C PHE A 113 3.21 -13.07 -3.09
N GLU A 114 4.34 -13.71 -3.39
CA GLU A 114 5.22 -13.32 -4.51
C GLU A 114 5.65 -11.83 -4.47
N VAL A 115 5.64 -11.24 -3.30
CA VAL A 115 6.04 -9.85 -3.15
C VAL A 115 7.47 -9.77 -2.60
N LYS A 116 8.45 -9.73 -3.50
CA LYS A 116 9.85 -9.67 -3.04
C LYS A 116 10.37 -8.23 -2.98
N ALA A 117 9.71 -7.34 -3.71
CA ALA A 117 10.08 -5.93 -3.69
C ALA A 117 8.84 -5.12 -3.47
N TYR A 118 8.95 -4.03 -2.71
CA TYR A 118 7.77 -3.23 -2.42
C TYR A 118 8.13 -1.84 -1.95
N VAL A 119 7.13 -0.98 -1.93
CA VAL A 119 7.27 0.40 -1.52
C VAL A 119 6.04 0.82 -0.72
N ILE A 120 6.25 1.52 0.38
CA ILE A 120 5.14 1.96 1.22
C ILE A 120 4.98 3.48 1.20
N VAL A 121 3.88 3.90 0.61
CA VAL A 121 3.52 5.32 0.57
C VAL A 121 2.29 5.60 1.43
N PRO A 122 2.43 6.51 2.40
CA PRO A 122 1.34 6.87 3.31
C PRO A 122 0.38 7.88 2.71
N VAL A 123 -0.90 7.72 3.01
CA VAL A 123 -1.92 8.64 2.52
C VAL A 123 -2.43 9.53 3.65
N PHE A 124 -1.84 10.71 3.76
CA PHE A 124 -2.27 11.70 4.74
C PHE A 124 -3.50 12.44 4.23
N ALA A 125 -4.50 12.51 5.06
CA ALA A 125 -5.71 13.25 4.73
C ALA A 125 -6.05 14.16 5.89
N GLY A 126 -6.20 15.42 5.60
CA GLY A 126 -6.46 16.36 6.63
C GLY A 126 -5.20 16.70 7.37
N GLU A 127 -5.17 16.38 8.65
CA GLU A 127 -4.01 16.65 9.47
C GLU A 127 -3.43 15.35 10.02
N GLN A 128 -4.02 14.22 9.66
CA GLN A 128 -3.60 12.93 10.21
C GLN A 128 -3.47 11.89 9.11
N LEU A 129 -2.82 10.80 9.46
CA LEU A 129 -2.64 9.70 8.56
C LEU A 129 -3.92 8.89 8.45
N TRP A 130 -4.49 8.84 7.26
CA TRP A 130 -5.72 8.14 7.02
C TRP A 130 -5.44 6.70 6.53
N GLY A 131 -4.53 6.60 5.59
CA GLY A 131 -4.27 5.34 4.96
C GLY A 131 -2.90 5.24 4.37
N LEU A 132 -2.70 4.23 3.56
CA LEU A 132 -1.43 4.00 2.90
C LEU A 132 -1.64 3.16 1.65
N LEU A 133 -0.61 3.04 0.86
CA LEU A 133 -0.68 2.31 -0.38
C LEU A 133 0.61 1.54 -0.58
N ALA A 134 0.49 0.29 -0.97
CA ALA A 134 1.64 -0.54 -1.19
C ALA A 134 1.83 -0.80 -2.67
N ALA A 135 3.04 -0.60 -3.16
CA ALA A 135 3.34 -0.84 -4.55
C ALA A 135 4.41 -1.90 -4.69
N TYR A 136 4.04 -3.02 -5.26
CA TYR A 136 4.99 -4.11 -5.44
C TYR A 136 4.69 -4.88 -6.71
N GLN A 137 5.63 -5.71 -7.16
CA GLN A 137 5.40 -6.43 -8.39
C GLN A 137 6.21 -7.71 -8.50
N ASN A 138 5.51 -8.83 -8.25
CA ASN A 138 6.03 -10.22 -8.44
C ASN A 138 7.53 -10.35 -8.34
N SER A 139 8.02 -10.21 -7.13
CA SER A 139 9.43 -10.25 -6.78
C SER A 139 10.17 -9.00 -7.24
N GLY A 140 10.10 -8.70 -8.55
CA GLY A 140 10.74 -7.52 -9.15
C GLY A 140 11.97 -7.03 -8.42
N THR A 141 13.03 -7.82 -8.43
CA THR A 141 14.28 -7.48 -7.73
C THR A 141 15.06 -6.36 -8.44
N ARG A 142 14.33 -5.35 -8.87
CA ARG A 142 14.90 -4.24 -9.57
C ARG A 142 14.92 -3.02 -8.65
N ASP A 143 15.73 -2.05 -8.97
CA ASP A 143 15.81 -0.84 -8.17
C ASP A 143 14.66 0.09 -8.46
N TRP A 144 14.12 0.72 -7.43
CA TRP A 144 13.08 1.72 -7.60
C TRP A 144 13.74 3.07 -7.79
N ASP A 145 13.61 3.64 -8.97
CA ASP A 145 14.25 4.91 -9.24
C ASP A 145 13.56 6.05 -8.52
N GLU A 146 14.31 7.10 -8.23
CA GLU A 146 13.78 8.26 -7.55
C GLU A 146 12.58 8.86 -8.28
N SER A 147 12.65 8.89 -9.60
CA SER A 147 11.56 9.43 -10.41
C SER A 147 10.27 8.62 -10.24
N GLU A 148 10.41 7.33 -9.96
CA GLU A 148 9.26 6.45 -9.82
C GLU A 148 8.64 6.60 -8.43
N VAL A 149 9.46 6.54 -7.40
CA VAL A 149 8.98 6.63 -6.03
C VAL A 149 8.41 8.02 -5.72
N THR A 150 8.96 9.05 -6.35
CA THR A 150 8.48 10.41 -6.14
C THR A 150 7.06 10.56 -6.68
N LEU A 151 6.82 9.96 -7.85
CA LEU A 151 5.51 10.02 -8.48
C LEU A 151 4.50 9.27 -7.61
N LEU A 152 4.93 8.14 -7.05
CA LEU A 152 4.07 7.32 -6.20
C LEU A 152 3.72 8.05 -4.90
N ALA A 153 4.71 8.70 -4.32
CA ALA A 153 4.50 9.45 -3.09
C ALA A 153 3.67 10.71 -3.34
N ARG A 154 3.60 11.10 -4.62
CA ARG A 154 2.84 12.29 -5.01
C ARG A 154 1.36 12.00 -5.07
N ILE A 155 1.00 10.89 -5.72
CA ILE A 155 -0.41 10.53 -5.85
C ILE A 155 -1.05 10.26 -4.49
N GLY A 156 -0.25 9.74 -3.56
CA GLY A 156 -0.74 9.49 -2.21
C GLY A 156 -1.24 10.77 -1.53
N ASN A 157 -0.50 11.85 -1.71
CA ASN A 157 -0.88 13.14 -1.13
C ASN A 157 -2.08 13.72 -1.87
N GLN A 158 -2.11 13.53 -3.19
CA GLN A 158 -3.24 14.01 -4.00
C GLN A 158 -4.52 13.29 -3.60
N LEU A 159 -4.43 11.99 -3.38
CA LEU A 159 -5.57 11.19 -2.95
C LEU A 159 -6.04 11.69 -1.59
N GLY A 160 -5.08 11.94 -0.69
CA GLY A 160 -5.40 12.47 0.62
C GLY A 160 -6.17 13.77 0.55
N LEU A 161 -5.79 14.64 -0.37
CA LEU A 161 -6.47 15.91 -0.58
C LEU A 161 -7.90 15.69 -1.08
N ALA A 162 -8.03 14.80 -2.06
CA ALA A 162 -9.35 14.47 -2.63
C ALA A 162 -10.26 13.96 -1.55
N LEU A 163 -9.71 13.06 -0.74
CA LEU A 163 -10.43 12.48 0.36
C LEU A 163 -10.87 13.56 1.31
N GLN A 164 -9.90 14.32 1.82
CA GLN A 164 -10.17 15.34 2.81
C GLN A 164 -11.33 16.25 2.39
N GLN A 165 -11.34 16.65 1.12
CA GLN A 165 -12.38 17.50 0.60
C GLN A 165 -13.72 16.76 0.55
N THR A 166 -13.71 15.57 -0.04
CA THR A 166 -14.91 14.76 -0.16
C THR A 166 -15.43 14.33 1.23
N GLU A 167 -14.51 14.15 2.17
CA GLU A 167 -14.86 13.73 3.51
C GLU A 167 -15.84 14.69 4.17
N TYR A 168 -15.47 15.98 4.27
CA TYR A 168 -16.34 16.97 4.90
C TYR A 168 -17.58 17.24 4.06
N LEU A 169 -17.47 17.01 2.76
CA LEU A 169 -18.61 17.19 1.87
C LEU A 169 -19.66 16.11 2.12
N GLN A 170 -19.20 14.96 2.59
CA GLN A 170 -20.10 13.85 2.90
C GLN A 170 -20.68 14.04 4.31
N GLN A 171 -20.06 14.95 5.07
CA GLN A 171 -20.50 15.24 6.42
C GLN A 171 -21.73 16.15 6.40
N VAL A 172 -21.75 17.06 5.44
CA VAL A 172 -22.86 17.99 5.31
C VAL A 172 -23.90 17.47 4.30
#